data_1CBQ
# 
_entry.id   1CBQ 
# 
_audit_conform.dict_name       mmcif_pdbx.dic 
_audit_conform.dict_version    5.385 
_audit_conform.dict_location   http://mmcif.pdb.org/dictionaries/ascii/mmcif_pdbx.dic 
# 
loop_
_database_2.database_id 
_database_2.database_code 
_database_2.pdbx_database_accession 
_database_2.pdbx_DOI 
PDB   1CBQ         pdb_00001cbq 10.2210/pdb1cbq/pdb 
WWPDB D_1000172213 ?            ?                   
# 
loop_
_pdbx_audit_revision_history.ordinal 
_pdbx_audit_revision_history.data_content_type 
_pdbx_audit_revision_history.major_revision 
_pdbx_audit_revision_history.minor_revision 
_pdbx_audit_revision_history.revision_date 
1 'Structure model' 1 0 1995-01-26 
2 'Structure model' 1 1 2008-03-24 
3 'Structure model' 1 2 2011-07-13 
4 'Structure model' 1 3 2024-02-07 
# 
_pdbx_audit_revision_details.ordinal             1 
_pdbx_audit_revision_details.revision_ordinal    1 
_pdbx_audit_revision_details.data_content_type   'Structure model' 
_pdbx_audit_revision_details.provider            repository 
_pdbx_audit_revision_details.type                'Initial release' 
_pdbx_audit_revision_details.description         ? 
_pdbx_audit_revision_details.details             ? 
# 
loop_
_pdbx_audit_revision_group.ordinal 
_pdbx_audit_revision_group.revision_ordinal 
_pdbx_audit_revision_group.data_content_type 
_pdbx_audit_revision_group.group 
1 2 'Structure model' 'Version format compliance' 
2 3 'Structure model' 'Version format compliance' 
3 4 'Structure model' 'Data collection'           
4 4 'Structure model' 'Database references'       
5 4 'Structure model' 'Derived calculations'      
6 4 'Structure model' Other                       
# 
loop_
_pdbx_audit_revision_category.ordinal 
_pdbx_audit_revision_category.revision_ordinal 
_pdbx_audit_revision_category.data_content_type 
_pdbx_audit_revision_category.category 
1 4 'Structure model' chem_comp_atom       
2 4 'Structure model' chem_comp_bond       
3 4 'Structure model' database_2           
4 4 'Structure model' pdbx_database_status 
5 4 'Structure model' struct_site          
# 
loop_
_pdbx_audit_revision_item.ordinal 
_pdbx_audit_revision_item.revision_ordinal 
_pdbx_audit_revision_item.data_content_type 
_pdbx_audit_revision_item.item 
1 4 'Structure model' '_database_2.pdbx_DOI'                
2 4 'Structure model' '_database_2.pdbx_database_accession' 
3 4 'Structure model' '_pdbx_database_status.process_site'  
4 4 'Structure model' '_struct_site.pdbx_auth_asym_id'      
5 4 'Structure model' '_struct_site.pdbx_auth_comp_id'      
6 4 'Structure model' '_struct_site.pdbx_auth_seq_id'       
# 
_pdbx_database_status.status_code                     REL 
_pdbx_database_status.entry_id                        1CBQ 
_pdbx_database_status.recvd_initial_deposition_date   1994-09-28 
_pdbx_database_status.deposit_site                    ? 
_pdbx_database_status.process_site                    BNL 
_pdbx_database_status.status_code_sf                  REL 
_pdbx_database_status.status_code_mr                  ? 
_pdbx_database_status.SG_entry                        ? 
_pdbx_database_status.status_code_cs                  ? 
_pdbx_database_status.pdb_format_compatible           Y 
_pdbx_database_status.status_code_nmr_data            ? 
_pdbx_database_status.methods_development_category    ? 
# 
loop_
_audit_author.name 
_audit_author.pdbx_ordinal 
'Kleywegt, G.J.' 1 
'Bergfors, T.'   2 
'Jones, T.A.'    3 
# 
loop_
_citation.id 
_citation.title 
_citation.journal_abbrev 
_citation.journal_volume 
_citation.page_first 
_citation.page_last 
_citation.year 
_citation.journal_id_ASTM 
_citation.country 
_citation.journal_id_ISSN 
_citation.journal_id_CSD 
_citation.book_publisher 
_citation.pdbx_database_id_PubMed 
_citation.pdbx_database_id_DOI 
primary 
;Crystal structures of cellular retinoic acid binding proteins I and II in complex with all-trans-retinoic acid and a synthetic retinoid.
;
Structure                  2   1241 1258 1994 STRUE6 UK 0969-2126 2005 ? 7704533 '10.1016/S0969-2126(94)00125-1' 
1       'Lipid-Binding Proteins: A Family of Fatty Acid and Retinoid Transport Proteins' 'Adv.Protein Chem.'        45  89   ?    
1994 APCHA2 US 0065-3233 0433 ? ?       ?                               
2       'Crystallisation and Preliminary X-Ray Analysis of Recombinant Bovine Cellular Retinoic Acid-Binding Protein' 
'Acta Crystallogr.,Sect.D' 50  370  ?    1994 ABCRE6 DK 0907-4449 0766 ? ?       ?                               
3       
;Crystallographic Studies on a Family of Lipophilic Transport Proteins. Refinement of P2 Myelin Protein and the Structure Determination and Refinement of Cellular Retinol-Binding Protein in Complex with All-Trans-Retinol
;
J.Mol.Biol.                230 1225 ?    1993 JMOBAK UK 0022-2836 0070 ? ?       ?                               
4       'The Three-Dimensional Structure of P2 Myelin Protein' 'Embo J.'                  7   1597 ?    1988 EMJODG UK 0261-4189 
0897 ? ?       ?                               
# 
loop_
_citation_author.citation_id 
_citation_author.name 
_citation_author.ordinal 
_citation_author.identifier_ORCID 
primary 'Kleywegt, G.J.' 1  ? 
primary 'Bergfors, T.'   2  ? 
primary 'Senn, H.'       3  ? 
primary 'Le Motte, P.'   4  ? 
primary 'Gsell, B.'      5  ? 
primary 'Shudo, K.'      6  ? 
primary 'Jones, T.A.'    7  ? 
1       'Banaszak, L.'   8  ? 
1       'Winter, N.'     9  ? 
1       'Xu, Z.'         10 ? 
1       'Bernlohr, D.A.' 11 ? 
1       'Cowan, S.W.'    12 ? 
1       'Jones, T.A.'    13 ? 
2       'Bergfors, T.'   14 ? 
2       'Kleywegt, G.J.' 15 ? 
2       'Jones, T.A.'    16 ? 
3       'Cowan, S.W.'    17 ? 
3       'Newcomer, M.E.' 18 ? 
3       'Jones, T.A.'    19 ? 
4       'Jones, T.A.'    20 ? 
4       'Bergfors, T.'   21 ? 
4       'Sedzik, J.'     22 ? 
4       'Unge, T.'       23 ? 
# 
loop_
_entity.id 
_entity.type 
_entity.src_method 
_entity.pdbx_description 
_entity.formula_weight 
_entity.pdbx_number_of_molecules 
_entity.pdbx_ec 
_entity.pdbx_mutation 
_entity.pdbx_fragment 
_entity.details 
1 polymer     man 'CELLULAR RETINOIC ACID BINDING PROTEIN TYPE II'                                               15581.802 1  ? ? 
? ? 
2 non-polymer syn 'PHOSPHATE ION'                                                                                94.971    1  ? ? 
? ? 
3 non-polymer syn '6-(2,3,4,5,6,7-HEXAHYDRO-2,4,4-TRIMETHYL-1-METYLENEINDEN-2-YL)-3-METHYLHEXA-2,4-DIENOIC ACID' 300.435   1  ? ? 
? ? 
4 water       nat water                                                                                          18.015    53 ? ? 
? ? 
# 
_entity_poly.entity_id                      1 
_entity_poly.type                           'polypeptide(L)' 
_entity_poly.nstd_linkage                   no 
_entity_poly.nstd_monomer                   no 
_entity_poly.pdbx_seq_one_letter_code       
;PNFSGNWKIIRSENFEELLKVLGVNVMLRKIAVAAASKPAVEIKQEGDTFYIKTSTTVRTTEINFKVGEEFEEQTVDGRP
CKSLVKWESENKMVCEQKLLKGEGPKTSWTRELTNDGELILTMTADDVVCTRVYVRE
;
_entity_poly.pdbx_seq_one_letter_code_can   
;PNFSGNWKIIRSENFEELLKVLGVNVMLRKIAVAAASKPAVEIKQEGDTFYIKTSTTVRTTEINFKVGEEFEEQTVDGRP
CKSLVKWESENKMVCEQKLLKGEGPKTSWTRELTNDGELILTMTADDVVCTRVYVRE
;
_entity_poly.pdbx_strand_id                 A 
_entity_poly.pdbx_target_identifier         ? 
# 
loop_
_pdbx_entity_nonpoly.entity_id 
_pdbx_entity_nonpoly.name 
_pdbx_entity_nonpoly.comp_id 
2 'PHOSPHATE ION'                                                                                PO4 
3 '6-(2,3,4,5,6,7-HEXAHYDRO-2,4,4-TRIMETHYL-1-METYLENEINDEN-2-YL)-3-METHYLHEXA-2,4-DIENOIC ACID' RE9 
4 water                                                                                          HOH 
# 
loop_
_entity_poly_seq.entity_id 
_entity_poly_seq.num 
_entity_poly_seq.mon_id 
_entity_poly_seq.hetero 
1 1   PRO n 
1 2   ASN n 
1 3   PHE n 
1 4   SER n 
1 5   GLY n 
1 6   ASN n 
1 7   TRP n 
1 8   LYS n 
1 9   ILE n 
1 10  ILE n 
1 11  ARG n 
1 12  SER n 
1 13  GLU n 
1 14  ASN n 
1 15  PHE n 
1 16  GLU n 
1 17  GLU n 
1 18  LEU n 
1 19  LEU n 
1 20  LYS n 
1 21  VAL n 
1 22  LEU n 
1 23  GLY n 
1 24  VAL n 
1 25  ASN n 
1 26  VAL n 
1 27  MET n 
1 28  LEU n 
1 29  ARG n 
1 30  LYS n 
1 31  ILE n 
1 32  ALA n 
1 33  VAL n 
1 34  ALA n 
1 35  ALA n 
1 36  ALA n 
1 37  SER n 
1 38  LYS n 
1 39  PRO n 
1 40  ALA n 
1 41  VAL n 
1 42  GLU n 
1 43  ILE n 
1 44  LYS n 
1 45  GLN n 
1 46  GLU n 
1 47  GLY n 
1 48  ASP n 
1 49  THR n 
1 50  PHE n 
1 51  TYR n 
1 52  ILE n 
1 53  LYS n 
1 54  THR n 
1 55  SER n 
1 56  THR n 
1 57  THR n 
1 58  VAL n 
1 59  ARG n 
1 60  THR n 
1 61  THR n 
1 62  GLU n 
1 63  ILE n 
1 64  ASN n 
1 65  PHE n 
1 66  LYS n 
1 67  VAL n 
1 68  GLY n 
1 69  GLU n 
1 70  GLU n 
1 71  PHE n 
1 72  GLU n 
1 73  GLU n 
1 74  GLN n 
1 75  THR n 
1 76  VAL n 
1 77  ASP n 
1 78  GLY n 
1 79  ARG n 
1 80  PRO n 
1 81  CYS n 
1 82  LYS n 
1 83  SER n 
1 84  LEU n 
1 85  VAL n 
1 86  LYS n 
1 87  TRP n 
1 88  GLU n 
1 89  SER n 
1 90  GLU n 
1 91  ASN n 
1 92  LYS n 
1 93  MET n 
1 94  VAL n 
1 95  CYS n 
1 96  GLU n 
1 97  GLN n 
1 98  LYS n 
1 99  LEU n 
1 100 LEU n 
1 101 LYS n 
1 102 GLY n 
1 103 GLU n 
1 104 GLY n 
1 105 PRO n 
1 106 LYS n 
1 107 THR n 
1 108 SER n 
1 109 TRP n 
1 110 THR n 
1 111 ARG n 
1 112 GLU n 
1 113 LEU n 
1 114 THR n 
1 115 ASN n 
1 116 ASP n 
1 117 GLY n 
1 118 GLU n 
1 119 LEU n 
1 120 ILE n 
1 121 LEU n 
1 122 THR n 
1 123 MET n 
1 124 THR n 
1 125 ALA n 
1 126 ASP n 
1 127 ASP n 
1 128 VAL n 
1 129 VAL n 
1 130 CYS n 
1 131 THR n 
1 132 ARG n 
1 133 VAL n 
1 134 TYR n 
1 135 VAL n 
1 136 ARG n 
1 137 GLU n 
# 
_entity_src_gen.entity_id                          1 
_entity_src_gen.pdbx_src_id                        1 
_entity_src_gen.pdbx_alt_source_flag               sample 
_entity_src_gen.pdbx_seq_type                      ? 
_entity_src_gen.pdbx_beg_seq_num                   ? 
_entity_src_gen.pdbx_end_seq_num                   ? 
_entity_src_gen.gene_src_common_name               human 
_entity_src_gen.gene_src_genus                     Homo 
_entity_src_gen.pdbx_gene_src_gene                 'HUMAN CRABP-II' 
_entity_src_gen.gene_src_species                   ? 
_entity_src_gen.gene_src_strain                    ? 
_entity_src_gen.gene_src_tissue                    ? 
_entity_src_gen.gene_src_tissue_fraction           ? 
_entity_src_gen.gene_src_details                   ? 
_entity_src_gen.pdbx_gene_src_fragment             ? 
_entity_src_gen.pdbx_gene_src_scientific_name      'Homo sapiens' 
_entity_src_gen.pdbx_gene_src_ncbi_taxonomy_id     9606 
_entity_src_gen.pdbx_gene_src_variant              ? 
_entity_src_gen.pdbx_gene_src_cell_line            BL21 
_entity_src_gen.pdbx_gene_src_atcc                 ? 
_entity_src_gen.pdbx_gene_src_organ                ? 
_entity_src_gen.pdbx_gene_src_organelle            ? 
_entity_src_gen.pdbx_gene_src_cell                 ? 
_entity_src_gen.pdbx_gene_src_cellular_location    ? 
_entity_src_gen.host_org_common_name               ? 
_entity_src_gen.pdbx_host_org_scientific_name      'Escherichia coli BL21(DE3)' 
_entity_src_gen.pdbx_host_org_ncbi_taxonomy_id     469008 
_entity_src_gen.host_org_genus                     Escherichia 
_entity_src_gen.pdbx_host_org_gene                 ? 
_entity_src_gen.pdbx_host_org_organ                ? 
_entity_src_gen.host_org_species                   'Escherichia coli' 
_entity_src_gen.pdbx_host_org_tissue               ? 
_entity_src_gen.pdbx_host_org_tissue_fraction      ? 
_entity_src_gen.pdbx_host_org_strain               'BL21 (DE3)' 
_entity_src_gen.pdbx_host_org_variant              ? 
_entity_src_gen.pdbx_host_org_cell_line            ? 
_entity_src_gen.pdbx_host_org_atcc                 ? 
_entity_src_gen.pdbx_host_org_culture_collection   ? 
_entity_src_gen.pdbx_host_org_cell                 ? 
_entity_src_gen.pdbx_host_org_organelle            ? 
_entity_src_gen.pdbx_host_org_cellular_location    ? 
_entity_src_gen.pdbx_host_org_vector_type          ? 
_entity_src_gen.pdbx_host_org_vector               ? 
_entity_src_gen.host_org_details                   ? 
_entity_src_gen.expression_system_id               ? 
_entity_src_gen.plasmid_name                       'PET-3A GENE: HUMAN CRABP-II' 
_entity_src_gen.plasmid_details                    ? 
_entity_src_gen.pdbx_description                   ? 
# 
loop_
_chem_comp.id 
_chem_comp.type 
_chem_comp.mon_nstd_flag 
_chem_comp.name 
_chem_comp.pdbx_synonyms 
_chem_comp.formula 
_chem_comp.formula_weight 
ALA 'L-peptide linking' y ALANINE                                                                                        ? 
'C3 H7 N O2'     89.093  
ARG 'L-peptide linking' y ARGININE                                                                                       ? 
'C6 H15 N4 O2 1' 175.209 
ASN 'L-peptide linking' y ASPARAGINE                                                                                     ? 
'C4 H8 N2 O3'    132.118 
ASP 'L-peptide linking' y 'ASPARTIC ACID'                                                                                ? 
'C4 H7 N O4'     133.103 
CYS 'L-peptide linking' y CYSTEINE                                                                                       ? 
'C3 H7 N O2 S'   121.158 
GLN 'L-peptide linking' y GLUTAMINE                                                                                      ? 
'C5 H10 N2 O3'   146.144 
GLU 'L-peptide linking' y 'GLUTAMIC ACID'                                                                                ? 
'C5 H9 N O4'     147.129 
GLY 'peptide linking'   y GLYCINE                                                                                        ? 
'C2 H5 N O2'     75.067  
HOH non-polymer         . WATER                                                                                          ? 'H2 O' 
18.015  
ILE 'L-peptide linking' y ISOLEUCINE                                                                                     ? 
'C6 H13 N O2'    131.173 
LEU 'L-peptide linking' y LEUCINE                                                                                        ? 
'C6 H13 N O2'    131.173 
LYS 'L-peptide linking' y LYSINE                                                                                         ? 
'C6 H15 N2 O2 1' 147.195 
MET 'L-peptide linking' y METHIONINE                                                                                     ? 
'C5 H11 N O2 S'  149.211 
PHE 'L-peptide linking' y PHENYLALANINE                                                                                  ? 
'C9 H11 N O2'    165.189 
PO4 non-polymer         . 'PHOSPHATE ION'                                                                                ? 
'O4 P -3'        94.971  
PRO 'L-peptide linking' y PROLINE                                                                                        ? 
'C5 H9 N O2'     115.130 
RE9 non-polymer         . '6-(2,3,4,5,6,7-HEXAHYDRO-2,4,4-TRIMETHYL-1-METYLENEINDEN-2-YL)-3-METHYLHEXA-2,4-DIENOIC ACID' ? 
'C20 H28 O2'     300.435 
SER 'L-peptide linking' y SERINE                                                                                         ? 
'C3 H7 N O3'     105.093 
THR 'L-peptide linking' y THREONINE                                                                                      ? 
'C4 H9 N O3'     119.119 
TRP 'L-peptide linking' y TRYPTOPHAN                                                                                     ? 
'C11 H12 N2 O2'  204.225 
TYR 'L-peptide linking' y TYROSINE                                                                                       ? 
'C9 H11 N O3'    181.189 
VAL 'L-peptide linking' y VALINE                                                                                         ? 
'C5 H11 N O2'    117.146 
# 
loop_
_pdbx_poly_seq_scheme.asym_id 
_pdbx_poly_seq_scheme.entity_id 
_pdbx_poly_seq_scheme.seq_id 
_pdbx_poly_seq_scheme.mon_id 
_pdbx_poly_seq_scheme.ndb_seq_num 
_pdbx_poly_seq_scheme.pdb_seq_num 
_pdbx_poly_seq_scheme.auth_seq_num 
_pdbx_poly_seq_scheme.pdb_mon_id 
_pdbx_poly_seq_scheme.auth_mon_id 
_pdbx_poly_seq_scheme.pdb_strand_id 
_pdbx_poly_seq_scheme.pdb_ins_code 
_pdbx_poly_seq_scheme.hetero 
A 1 1   PRO 1   1   1   PRO PRO A . n 
A 1 2   ASN 2   2   2   ASN ASN A . n 
A 1 3   PHE 3   3   3   PHE PHE A . n 
A 1 4   SER 4   4   4   SER SER A . n 
A 1 5   GLY 5   5   5   GLY GLY A . n 
A 1 6   ASN 6   6   6   ASN ASN A . n 
A 1 7   TRP 7   7   7   TRP TRP A . n 
A 1 8   LYS 8   8   8   LYS LYS A . n 
A 1 9   ILE 9   9   9   ILE ILE A . n 
A 1 10  ILE 10  10  10  ILE ILE A . n 
A 1 11  ARG 11  11  11  ARG ARG A . n 
A 1 12  SER 12  12  12  SER SER A . n 
A 1 13  GLU 13  13  13  GLU GLU A . n 
A 1 14  ASN 14  14  14  ASN ASN A . n 
A 1 15  PHE 15  15  15  PHE PHE A . n 
A 1 16  GLU 16  16  16  GLU GLU A . n 
A 1 17  GLU 17  17  17  GLU GLU A . n 
A 1 18  LEU 18  18  18  LEU LEU A . n 
A 1 19  LEU 19  19  19  LEU LEU A . n 
A 1 20  LYS 20  20  20  LYS LYS A . n 
A 1 21  VAL 21  21  21  VAL VAL A . n 
A 1 22  LEU 22  22  22  LEU LEU A . n 
A 1 23  GLY 23  23  23  GLY GLY A . n 
A 1 24  VAL 24  24  24  VAL VAL A . n 
A 1 25  ASN 25  25  25  ASN ASN A . n 
A 1 26  VAL 26  26  26  VAL VAL A . n 
A 1 27  MET 27  27  27  MET MET A . n 
A 1 28  LEU 28  28  28  LEU LEU A . n 
A 1 29  ARG 29  29  29  ARG ARG A . n 
A 1 30  LYS 30  30  30  LYS LYS A . n 
A 1 31  ILE 31  31  31  ILE ILE A . n 
A 1 32  ALA 32  32  32  ALA ALA A . n 
A 1 33  VAL 33  33  33  VAL VAL A . n 
A 1 34  ALA 34  34  34  ALA ALA A . n 
A 1 35  ALA 35  35  35  ALA ALA A . n 
A 1 36  ALA 36  36  36  ALA ALA A . n 
A 1 37  SER 37  37  37  SER SER A . n 
A 1 38  LYS 38  38  38  LYS LYS A . n 
A 1 39  PRO 39  39  39  PRO PRO A . n 
A 1 40  ALA 40  40  40  ALA ALA A . n 
A 1 41  VAL 41  41  41  VAL VAL A . n 
A 1 42  GLU 42  42  42  GLU GLU A . n 
A 1 43  ILE 43  43  43  ILE ILE A . n 
A 1 44  LYS 44  44  44  LYS LYS A . n 
A 1 45  GLN 45  45  45  GLN GLN A . n 
A 1 46  GLU 46  46  46  GLU GLU A . n 
A 1 47  GLY 47  47  47  GLY GLY A . n 
A 1 48  ASP 48  48  48  ASP ASP A . n 
A 1 49  THR 49  49  49  THR THR A . n 
A 1 50  PHE 50  50  50  PHE PHE A . n 
A 1 51  TYR 51  51  51  TYR TYR A . n 
A 1 52  ILE 52  52  52  ILE ILE A . n 
A 1 53  LYS 53  53  53  LYS LYS A . n 
A 1 54  THR 54  54  54  THR THR A . n 
A 1 55  SER 55  55  55  SER SER A . n 
A 1 56  THR 56  56  56  THR THR A . n 
A 1 57  THR 57  57  57  THR THR A . n 
A 1 58  VAL 58  58  58  VAL VAL A . n 
A 1 59  ARG 59  59  59  ARG ARG A . n 
A 1 60  THR 60  60  60  THR THR A . n 
A 1 61  THR 61  61  61  THR THR A . n 
A 1 62  GLU 62  62  62  GLU GLU A . n 
A 1 63  ILE 63  63  63  ILE ILE A . n 
A 1 64  ASN 64  64  64  ASN ASN A . n 
A 1 65  PHE 65  65  65  PHE PHE A . n 
A 1 66  LYS 66  66  66  LYS LYS A . n 
A 1 67  VAL 67  67  67  VAL VAL A . n 
A 1 68  GLY 68  68  68  GLY GLY A . n 
A 1 69  GLU 69  69  69  GLU GLU A . n 
A 1 70  GLU 70  70  70  GLU GLU A . n 
A 1 71  PHE 71  71  71  PHE PHE A . n 
A 1 72  GLU 72  72  72  GLU GLU A . n 
A 1 73  GLU 73  73  73  GLU GLU A . n 
A 1 74  GLN 74  74  74  GLN GLN A . n 
A 1 75  THR 75  75  75  THR THR A . n 
A 1 76  VAL 76  76  76  VAL VAL A . n 
A 1 77  ASP 77  77  77  ASP ASP A . n 
A 1 78  GLY 78  78  78  GLY GLY A . n 
A 1 79  ARG 79  79  79  ARG ARG A . n 
A 1 80  PRO 80  80  80  PRO PRO A . n 
A 1 81  CYS 81  81  81  CYS CYS A . n 
A 1 82  LYS 82  82  82  LYS LYS A . n 
A 1 83  SER 83  83  83  SER SER A . n 
A 1 84  LEU 84  84  84  LEU LEU A . n 
A 1 85  VAL 85  85  85  VAL VAL A . n 
A 1 86  LYS 86  86  86  LYS LYS A . n 
A 1 87  TRP 87  87  87  TRP TRP A . n 
A 1 88  GLU 88  88  88  GLU GLU A . n 
A 1 89  SER 89  89  89  SER SER A . n 
A 1 90  GLU 90  90  90  GLU GLU A . n 
A 1 91  ASN 91  91  91  ASN ASN A . n 
A 1 92  LYS 92  92  92  LYS LYS A . n 
A 1 93  MET 93  93  93  MET MET A . n 
A 1 94  VAL 94  94  94  VAL VAL A . n 
A 1 95  CYS 95  95  95  CYS CYS A . n 
A 1 96  GLU 96  96  96  GLU GLU A . n 
A 1 97  GLN 97  97  97  GLN GLN A . n 
A 1 98  LYS 98  98  98  LYS LYS A . n 
A 1 99  LEU 99  99  99  LEU LEU A . n 
A 1 100 LEU 100 100 100 LEU LEU A . n 
A 1 101 LYS 101 101 101 LYS LYS A . n 
A 1 102 GLY 102 102 102 GLY GLY A . n 
A 1 103 GLU 103 103 103 GLU GLU A . n 
A 1 104 GLY 104 104 104 GLY GLY A . n 
A 1 105 PRO 105 105 105 PRO PRO A . n 
A 1 106 LYS 106 106 106 LYS LYS A . n 
A 1 107 THR 107 107 107 THR THR A . n 
A 1 108 SER 108 108 108 SER SER A . n 
A 1 109 TRP 109 109 109 TRP TRP A . n 
A 1 110 THR 110 110 110 THR THR A . n 
A 1 111 ARG 111 111 111 ARG ARG A . n 
A 1 112 GLU 112 112 112 GLU GLU A . n 
A 1 113 LEU 113 113 113 LEU LEU A . n 
A 1 114 THR 114 114 114 THR THR A . n 
A 1 115 ASN 115 115 115 ASN ASN A . n 
A 1 116 ASP 116 116 116 ASP ASP A . n 
A 1 117 GLY 117 117 117 GLY GLY A . n 
A 1 118 GLU 118 118 118 GLU GLU A . n 
A 1 119 LEU 119 119 119 LEU LEU A . n 
A 1 120 ILE 120 120 120 ILE ILE A . n 
A 1 121 LEU 121 121 121 LEU LEU A . n 
A 1 122 THR 122 122 122 THR THR A . n 
A 1 123 MET 123 123 123 MET MET A . n 
A 1 124 THR 124 124 124 THR THR A . n 
A 1 125 ALA 125 125 125 ALA ALA A . n 
A 1 126 ASP 126 126 126 ASP ASP A . n 
A 1 127 ASP 127 127 127 ASP ASP A . n 
A 1 128 VAL 128 128 128 VAL VAL A . n 
A 1 129 VAL 129 129 129 VAL VAL A . n 
A 1 130 CYS 130 130 130 CYS CYS A . n 
A 1 131 THR 131 131 131 THR THR A . n 
A 1 132 ARG 132 132 132 ARG ARG A . n 
A 1 133 VAL 133 133 133 VAL VAL A . n 
A 1 134 TYR 134 134 134 TYR TYR A . n 
A 1 135 VAL 135 135 135 VAL VAL A . n 
A 1 136 ARG 136 136 136 ARG ARG A . n 
A 1 137 GLU 137 137 137 GLU GLU A . n 
# 
loop_
_pdbx_nonpoly_scheme.asym_id 
_pdbx_nonpoly_scheme.entity_id 
_pdbx_nonpoly_scheme.mon_id 
_pdbx_nonpoly_scheme.ndb_seq_num 
_pdbx_nonpoly_scheme.pdb_seq_num 
_pdbx_nonpoly_scheme.auth_seq_num 
_pdbx_nonpoly_scheme.pdb_mon_id 
_pdbx_nonpoly_scheme.auth_mon_id 
_pdbx_nonpoly_scheme.pdb_strand_id 
_pdbx_nonpoly_scheme.pdb_ins_code 
B 2 PO4 1  901 901 PO4 PO4 A . 
C 3 RE9 1  200 200 RE9 RE9 A . 
D 4 HOH 1  300 300 HOH HOH A . 
D 4 HOH 2  301 301 HOH HOH A . 
D 4 HOH 3  302 302 HOH HOH A . 
D 4 HOH 4  303 303 HOH HOH A . 
D 4 HOH 5  304 304 HOH HOH A . 
D 4 HOH 6  305 305 HOH HOH A . 
D 4 HOH 7  306 306 HOH HOH A . 
D 4 HOH 8  307 307 HOH HOH A . 
D 4 HOH 9  308 308 HOH HOH A . 
D 4 HOH 10 309 309 HOH HOH A . 
D 4 HOH 11 310 310 HOH HOH A . 
D 4 HOH 12 311 311 HOH HOH A . 
D 4 HOH 13 312 312 HOH HOH A . 
D 4 HOH 14 313 313 HOH HOH A . 
D 4 HOH 15 314 314 HOH HOH A . 
D 4 HOH 16 315 315 HOH HOH A . 
D 4 HOH 17 316 316 HOH HOH A . 
D 4 HOH 18 317 317 HOH HOH A . 
D 4 HOH 19 318 318 HOH HOH A . 
D 4 HOH 20 319 319 HOH HOH A . 
D 4 HOH 21 320 320 HOH HOH A . 
D 4 HOH 22 321 321 HOH HOH A . 
D 4 HOH 23 322 322 HOH HOH A . 
D 4 HOH 24 323 323 HOH HOH A . 
D 4 HOH 25 324 324 HOH HOH A . 
D 4 HOH 26 325 325 HOH HOH A . 
D 4 HOH 27 326 326 HOH HOH A . 
D 4 HOH 28 327 327 HOH HOH A . 
D 4 HOH 29 328 328 HOH HOH A . 
D 4 HOH 30 329 329 HOH HOH A . 
D 4 HOH 31 330 330 HOH HOH A . 
D 4 HOH 32 331 331 HOH HOH A . 
D 4 HOH 33 332 332 HOH HOH A . 
D 4 HOH 34 333 333 HOH HOH A . 
D 4 HOH 35 334 334 HOH HOH A . 
D 4 HOH 36 335 335 HOH HOH A . 
D 4 HOH 37 336 336 HOH HOH A . 
D 4 HOH 38 337 337 HOH HOH A . 
D 4 HOH 39 338 338 HOH HOH A . 
D 4 HOH 40 339 339 HOH HOH A . 
D 4 HOH 41 340 340 HOH HOH A . 
D 4 HOH 42 341 341 HOH HOH A . 
D 4 HOH 43 342 342 HOH HOH A . 
D 4 HOH 44 343 343 HOH HOH A . 
D 4 HOH 45 344 344 HOH HOH A . 
D 4 HOH 46 345 345 HOH HOH A . 
D 4 HOH 47 346 346 HOH HOH A . 
D 4 HOH 48 347 347 HOH HOH A . 
D 4 HOH 49 348 348 HOH HOH A . 
D 4 HOH 50 349 349 HOH HOH A . 
D 4 HOH 51 350 350 HOH HOH A . 
D 4 HOH 52 351 351 HOH HOH A . 
D 4 HOH 53 900 900 HOH HOH A . 
# 
loop_
_pdbx_unobs_or_zero_occ_atoms.id 
_pdbx_unobs_or_zero_occ_atoms.PDB_model_num 
_pdbx_unobs_or_zero_occ_atoms.polymer_flag 
_pdbx_unobs_or_zero_occ_atoms.occupancy_flag 
_pdbx_unobs_or_zero_occ_atoms.auth_asym_id 
_pdbx_unobs_or_zero_occ_atoms.auth_comp_id 
_pdbx_unobs_or_zero_occ_atoms.auth_seq_id 
_pdbx_unobs_or_zero_occ_atoms.PDB_ins_code 
_pdbx_unobs_or_zero_occ_atoms.auth_atom_id 
_pdbx_unobs_or_zero_occ_atoms.label_alt_id 
_pdbx_unobs_or_zero_occ_atoms.label_asym_id 
_pdbx_unobs_or_zero_occ_atoms.label_comp_id 
_pdbx_unobs_or_zero_occ_atoms.label_seq_id 
_pdbx_unobs_or_zero_occ_atoms.label_atom_id 
1 1 N 1 A PO4 901 ? O3 ? B PO4 1 O3 
2 1 N 1 A PO4 901 ? O4 ? B PO4 1 O4 
# 
loop_
_software.name 
_software.classification 
_software.version 
_software.citation_id 
_software.pdbx_ordinal 
X-PLOR 'model building' . ? 1 
X-PLOR refinement       . ? 2 
X-PLOR phasing          . ? 3 
# 
_cell.entry_id           1CBQ 
_cell.length_a           81.040 
_cell.length_b           81.040 
_cell.length_c           81.040 
_cell.angle_alpha        90.00 
_cell.angle_beta         90.00 
_cell.angle_gamma        90.00 
_cell.Z_PDB              12 
_cell.pdbx_unique_axis   ? 
# 
_symmetry.entry_id                         1CBQ 
_symmetry.space_group_name_H-M             'P 21 3' 
_symmetry.pdbx_full_space_group_name_H-M   ? 
_symmetry.cell_setting                     ? 
_symmetry.Int_Tables_number                198 
# 
_exptl.entry_id          1CBQ 
_exptl.method            'X-RAY DIFFRACTION' 
_exptl.crystals_number   ? 
# 
_exptl_crystal.id                    1 
_exptl_crystal.density_meas          ? 
_exptl_crystal.density_Matthews      2.85 
_exptl_crystal.density_percent_sol   56.78 
_exptl_crystal.description           ? 
# 
_diffrn.id                     1 
_diffrn.ambient_temp           ? 
_diffrn.ambient_temp_details   ? 
_diffrn.crystal_id             1 
# 
_diffrn_radiation.diffrn_id                        1 
_diffrn_radiation.wavelength_id                    1 
_diffrn_radiation.pdbx_monochromatic_or_laue_m_l   ? 
_diffrn_radiation.monochromator                    ? 
_diffrn_radiation.pdbx_diffrn_protocol             ? 
_diffrn_radiation.pdbx_scattering_type             x-ray 
# 
_diffrn_radiation_wavelength.id           1 
_diffrn_radiation_wavelength.wavelength   . 
_diffrn_radiation_wavelength.wt           1.0 
# 
_reflns.entry_id                     1CBQ 
_reflns.observed_criterion_sigma_I   3. 
_reflns.observed_criterion_sigma_F   ? 
_reflns.d_resolution_low             ? 
_reflns.d_resolution_high            ? 
_reflns.number_obs                   9011 
_reflns.number_all                   ? 
_reflns.percent_possible_obs         ? 
_reflns.pdbx_Rmerge_I_obs            ? 
_reflns.pdbx_Rsym_value              ? 
_reflns.pdbx_netI_over_sigmaI        ? 
_reflns.B_iso_Wilson_estimate        ? 
_reflns.pdbx_redundancy              ? 
_reflns.pdbx_diffrn_id               1 
_reflns.pdbx_ordinal                 1 
# 
_refine.entry_id                                 1CBQ 
_refine.ls_number_reflns_obs                     8597 
_refine.ls_number_reflns_all                     ? 
_refine.pdbx_ls_sigma_I                          ? 
_refine.pdbx_ls_sigma_F                          2. 
_refine.pdbx_data_cutoff_high_absF               ? 
_refine.pdbx_data_cutoff_low_absF                ? 
_refine.pdbx_data_cutoff_high_rms_absF           ? 
_refine.ls_d_res_low                             8. 
_refine.ls_d_res_high                            2.2 
_refine.ls_percent_reflns_obs                    97.4 
_refine.ls_R_factor_obs                          0.2100000 
_refine.ls_R_factor_all                          ? 
_refine.ls_R_factor_R_work                       0.2100000 
_refine.ls_R_factor_R_free                       0.2640000 
_refine.ls_R_factor_R_free_error                 ? 
_refine.ls_R_factor_R_free_error_details         ? 
_refine.ls_percent_reflns_R_free                 ? 
_refine.ls_number_reflns_R_free                  ? 
_refine.ls_number_parameters                     ? 
_refine.ls_number_restraints                     ? 
_refine.occupancy_min                            ? 
_refine.occupancy_max                            ? 
_refine.B_iso_mean                               34.0 
_refine.aniso_B[1][1]                            ? 
_refine.aniso_B[2][2]                            ? 
_refine.aniso_B[3][3]                            ? 
_refine.aniso_B[1][2]                            ? 
_refine.aniso_B[1][3]                            ? 
_refine.aniso_B[2][3]                            ? 
_refine.solvent_model_details                    ? 
_refine.solvent_model_param_ksol                 ? 
_refine.solvent_model_param_bsol                 ? 
_refine.pdbx_ls_cross_valid_method               ? 
_refine.details                                  ? 
_refine.pdbx_starting_model                      ? 
_refine.pdbx_method_to_determine_struct          ? 
_refine.pdbx_isotropic_thermal_model             ? 
_refine.pdbx_stereochemistry_target_values       ? 
_refine.pdbx_stereochem_target_val_spec_case     ? 
_refine.pdbx_R_Free_selection_details            ? 
_refine.pdbx_overall_ESU_R                       ? 
_refine.pdbx_overall_ESU_R_Free                  ? 
_refine.overall_SU_ML                            ? 
_refine.overall_SU_B                             ? 
_refine.pdbx_refine_id                           'X-RAY DIFFRACTION' 
_refine.pdbx_diffrn_id                           1 
_refine.pdbx_TLS_residual_ADP_flag               ? 
_refine.correlation_coeff_Fo_to_Fc               ? 
_refine.correlation_coeff_Fo_to_Fc_free          ? 
_refine.pdbx_solvent_vdw_probe_radii             ? 
_refine.pdbx_solvent_ion_probe_radii             ? 
_refine.pdbx_solvent_shrinkage_radii             ? 
_refine.pdbx_overall_phase_error                 ? 
_refine.overall_SU_R_Cruickshank_DPI             ? 
_refine.pdbx_overall_SU_R_free_Cruickshank_DPI   ? 
_refine.pdbx_overall_SU_R_Blow_DPI               ? 
_refine.pdbx_overall_SU_R_free_Blow_DPI          ? 
# 
_refine_analyze.entry_id                        1CBQ 
_refine_analyze.Luzzati_coordinate_error_obs    0.3 
_refine_analyze.Luzzati_sigma_a_obs             ? 
_refine_analyze.Luzzati_d_res_low_obs           ? 
_refine_analyze.Luzzati_coordinate_error_free   ? 
_refine_analyze.Luzzati_sigma_a_free            ? 
_refine_analyze.Luzzati_d_res_low_free          ? 
_refine_analyze.number_disordered_residues      ? 
_refine_analyze.occupancy_sum_hydrogen          ? 
_refine_analyze.occupancy_sum_non_hydrogen      ? 
_refine_analyze.pdbx_refine_id                  'X-RAY DIFFRACTION' 
# 
_refine_hist.pdbx_refine_id                   'X-RAY DIFFRACTION' 
_refine_hist.cycle_id                         LAST 
_refine_hist.pdbx_number_atoms_protein        1091 
_refine_hist.pdbx_number_atoms_nucleic_acid   0 
_refine_hist.pdbx_number_atoms_ligand         25 
_refine_hist.number_atoms_solvent             53 
_refine_hist.number_atoms_total               1169 
_refine_hist.d_res_high                       2.2 
_refine_hist.d_res_low                        8. 
# 
loop_
_refine_ls_restr.type 
_refine_ls_restr.dev_ideal 
_refine_ls_restr.dev_ideal_target 
_refine_ls_restr.weight 
_refine_ls_restr.number 
_refine_ls_restr.pdbx_refine_id 
_refine_ls_restr.pdbx_restraint_function 
x_bond_d                0.012 ? ? ? 'X-RAY DIFFRACTION' ? 
x_bond_d_na             ?     ? ? ? 'X-RAY DIFFRACTION' ? 
x_bond_d_prot           ?     ? ? ? 'X-RAY DIFFRACTION' ? 
x_angle_d               ?     ? ? ? 'X-RAY DIFFRACTION' ? 
x_angle_d_na            ?     ? ? ? 'X-RAY DIFFRACTION' ? 
x_angle_d_prot          ?     ? ? ? 'X-RAY DIFFRACTION' ? 
x_angle_deg             1.62  ? ? ? 'X-RAY DIFFRACTION' ? 
x_angle_deg_na          ?     ? ? ? 'X-RAY DIFFRACTION' ? 
x_angle_deg_prot        ?     ? ? ? 'X-RAY DIFFRACTION' ? 
x_dihedral_angle_d      26.8  ? ? ? 'X-RAY DIFFRACTION' ? 
x_dihedral_angle_d_na   ?     ? ? ? 'X-RAY DIFFRACTION' ? 
x_dihedral_angle_d_prot ?     ? ? ? 'X-RAY DIFFRACTION' ? 
x_improper_angle_d      1.31  ? ? ? 'X-RAY DIFFRACTION' ? 
x_improper_angle_d_na   ?     ? ? ? 'X-RAY DIFFRACTION' ? 
x_improper_angle_d_prot ?     ? ? ? 'X-RAY DIFFRACTION' ? 
x_mcbond_it             ?     ? ? ? 'X-RAY DIFFRACTION' ? 
x_mcangle_it            ?     ? ? ? 'X-RAY DIFFRACTION' ? 
x_scbond_it             ?     ? ? ? 'X-RAY DIFFRACTION' ? 
x_scangle_it            ?     ? ? ? 'X-RAY DIFFRACTION' ? 
# 
_struct.entry_id                  1CBQ 
_struct.title                     
;CRYSTAL STRUCTURE OF CELLULAR RETINOIC-ACID-BINDING PROTEINS I AND II IN COMPLEX WITH ALL-TRANS-RETINOIC ACID AND A SYNTHETIC RETINOID
;
_struct.pdbx_model_details        ? 
_struct.pdbx_CASP_flag            ? 
_struct.pdbx_model_type_details   ? 
# 
_struct_keywords.entry_id        1CBQ 
_struct_keywords.pdbx_keywords   'RETINOIC-ACID TRANSPORT' 
_struct_keywords.text            'RETINOIC-ACID TRANSPORT' 
# 
loop_
_struct_asym.id 
_struct_asym.pdbx_blank_PDB_chainid_flag 
_struct_asym.pdbx_modified 
_struct_asym.entity_id 
_struct_asym.details 
A N N 1 ? 
B N N 2 ? 
C N N 3 ? 
D N N 4 ? 
# 
_struct_ref.id                         1 
_struct_ref.db_name                    UNP 
_struct_ref.db_code                    RABP2_HUMAN 
_struct_ref.entity_id                  1 
_struct_ref.pdbx_db_accession          P29373 
_struct_ref.pdbx_align_begin           1 
_struct_ref.pdbx_seq_one_letter_code   
;PNFSGNWKIIRSENFEELLKVLGVNVMLRKIAVAAASKPAVEIKQEGDTFYIKTSTTVRTTEINFKVGEEFEEQTVDGRP
CKSLVKWESENKMVCEQKLLKGEGPKTSWTRELTNDGELILTMTADDVVCTRVYVRE
;
_struct_ref.pdbx_db_isoform            ? 
# 
_struct_ref_seq.align_id                      1 
_struct_ref_seq.ref_id                        1 
_struct_ref_seq.pdbx_PDB_id_code              1CBQ 
_struct_ref_seq.pdbx_strand_id                A 
_struct_ref_seq.seq_align_beg                 1 
_struct_ref_seq.pdbx_seq_align_beg_ins_code   ? 
_struct_ref_seq.seq_align_end                 137 
_struct_ref_seq.pdbx_seq_align_end_ins_code   ? 
_struct_ref_seq.pdbx_db_accession             P29373 
_struct_ref_seq.db_align_beg                  1 
_struct_ref_seq.pdbx_db_align_beg_ins_code    ? 
_struct_ref_seq.db_align_end                  137 
_struct_ref_seq.pdbx_db_align_end_ins_code    ? 
_struct_ref_seq.pdbx_auth_seq_align_beg       1 
_struct_ref_seq.pdbx_auth_seq_align_end       137 
# 
_pdbx_struct_assembly.id                   1 
_pdbx_struct_assembly.details              author_defined_assembly 
_pdbx_struct_assembly.method_details       ? 
_pdbx_struct_assembly.oligomeric_details   trimeric 
_pdbx_struct_assembly.oligomeric_count     3 
# 
_pdbx_struct_assembly_gen.assembly_id       1 
_pdbx_struct_assembly_gen.oper_expression   1,2,3 
_pdbx_struct_assembly_gen.asym_id_list      A,B,C,D 
# 
loop_
_pdbx_struct_oper_list.id 
_pdbx_struct_oper_list.type 
_pdbx_struct_oper_list.name 
_pdbx_struct_oper_list.symmetry_operation 
_pdbx_struct_oper_list.matrix[1][1] 
_pdbx_struct_oper_list.matrix[1][2] 
_pdbx_struct_oper_list.matrix[1][3] 
_pdbx_struct_oper_list.vector[1] 
_pdbx_struct_oper_list.matrix[2][1] 
_pdbx_struct_oper_list.matrix[2][2] 
_pdbx_struct_oper_list.matrix[2][3] 
_pdbx_struct_oper_list.vector[2] 
_pdbx_struct_oper_list.matrix[3][1] 
_pdbx_struct_oper_list.matrix[3][2] 
_pdbx_struct_oper_list.matrix[3][3] 
_pdbx_struct_oper_list.vector[3] 
1 'identity operation'         1_555  x,y,z             1.0000000000  0.0000000000  0.0000000000  0.0000000000  0.0000000000  1.0000000000  0.0000000000  0.0000000000   0.0000000000  0.0000000000  1.0000000000 0.0000000000  
2 'crystal symmetry operation' 6_566  z+1/2,-x+3/2,-y+1 -0.4972583968 0.7841585397  0.3712539178  30.2291126527 -0.8302879189 -0.3059602872 -0.4658436157 10.7104886893  -0.2517062942 -0.5398922923 0.8032186839 2.7463174731  
3 'crystal symmetry operation' 12_664 -y+3/2,-z+1,x-1/2 -0.4972583968 -0.8302879189 -0.2517062942 24.6157348513 0.7841585397  -0.3059602872 -0.5398922923 -18.9447170034 0.3712539178  -0.4658436157 0.8032186839 -8.4391572319 
# 
_struct_biol.id   1 
# 
loop_
_struct_conf.conf_type_id 
_struct_conf.id 
_struct_conf.pdbx_PDB_helix_id 
_struct_conf.beg_label_comp_id 
_struct_conf.beg_label_asym_id 
_struct_conf.beg_label_seq_id 
_struct_conf.pdbx_beg_PDB_ins_code 
_struct_conf.end_label_comp_id 
_struct_conf.end_label_asym_id 
_struct_conf.end_label_seq_id 
_struct_conf.pdbx_end_PDB_ins_code 
_struct_conf.beg_auth_comp_id 
_struct_conf.beg_auth_asym_id 
_struct_conf.beg_auth_seq_id 
_struct_conf.end_auth_comp_id 
_struct_conf.end_auth_asym_id 
_struct_conf.end_auth_seq_id 
_struct_conf.pdbx_PDB_helix_class 
_struct_conf.details 
_struct_conf.pdbx_PDB_helix_length 
HELX_P HELX_P1 1 ASN A 14 ? LEU A 22 ? ASN A 14 LEU A 22 1 ? 9  
HELX_P HELX_P2 2 ASN A 25 ? ALA A 36 ? ASN A 25 ALA A 36 1 ? 12 
# 
_struct_conf_type.id          HELX_P 
_struct_conf_type.criteria    ? 
_struct_conf_type.reference   ? 
# 
_struct_sheet.id               A 
_struct_sheet.type             ? 
_struct_sheet.number_strands   10 
_struct_sheet.details          ? 
# 
loop_
_struct_sheet_order.sheet_id 
_struct_sheet_order.range_id_1 
_struct_sheet_order.range_id_2 
_struct_sheet_order.offset 
_struct_sheet_order.sense 
A 1 2  ? anti-parallel 
A 2 3  ? anti-parallel 
A 3 4  ? anti-parallel 
A 4 5  ? anti-parallel 
A 5 6  ? anti-parallel 
A 6 7  ? anti-parallel 
A 7 8  ? anti-parallel 
A 8 9  ? anti-parallel 
A 9 10 ? anti-parallel 
# 
loop_
_struct_sheet_range.sheet_id 
_struct_sheet_range.id 
_struct_sheet_range.beg_label_comp_id 
_struct_sheet_range.beg_label_asym_id 
_struct_sheet_range.beg_label_seq_id 
_struct_sheet_range.pdbx_beg_PDB_ins_code 
_struct_sheet_range.end_label_comp_id 
_struct_sheet_range.end_label_asym_id 
_struct_sheet_range.end_label_seq_id 
_struct_sheet_range.pdbx_end_PDB_ins_code 
_struct_sheet_range.beg_auth_comp_id 
_struct_sheet_range.beg_auth_asym_id 
_struct_sheet_range.beg_auth_seq_id 
_struct_sheet_range.end_auth_comp_id 
_struct_sheet_range.end_auth_asym_id 
_struct_sheet_range.end_auth_seq_id 
A 1  THR A 61  ? LYS A 66  ? THR A 61  LYS A 66  
A 2  THR A 49  ? SER A 55  ? THR A 49  SER A 55  
A 3  ALA A 40  ? GLU A 46  ? ALA A 40  GLU A 46  
A 4  GLY A 5   ? GLU A 13  ? GLY A 5   GLU A 13  
A 5  VAL A 128 ? ARG A 136 ? VAL A 128 ARG A 136 
A 6  GLU A 118 ? ALA A 125 ? GLU A 118 ALA A 125 
A 7  THR A 107 ? LEU A 113 ? THR A 107 LEU A 113 
A 8  LYS A 92  ? LEU A 99  ? LYS A 92  LEU A 99  
A 9  PRO A 80  ? TRP A 87  ? PRO A 80  TRP A 87  
A 10 PHE A 71  ? GLN A 74  ? PHE A 71  GLN A 74  
# 
loop_
_pdbx_struct_sheet_hbond.sheet_id 
_pdbx_struct_sheet_hbond.range_id_1 
_pdbx_struct_sheet_hbond.range_id_2 
_pdbx_struct_sheet_hbond.range_1_label_atom_id 
_pdbx_struct_sheet_hbond.range_1_label_comp_id 
_pdbx_struct_sheet_hbond.range_1_label_asym_id 
_pdbx_struct_sheet_hbond.range_1_label_seq_id 
_pdbx_struct_sheet_hbond.range_1_PDB_ins_code 
_pdbx_struct_sheet_hbond.range_1_auth_atom_id 
_pdbx_struct_sheet_hbond.range_1_auth_comp_id 
_pdbx_struct_sheet_hbond.range_1_auth_asym_id 
_pdbx_struct_sheet_hbond.range_1_auth_seq_id 
_pdbx_struct_sheet_hbond.range_2_label_atom_id 
_pdbx_struct_sheet_hbond.range_2_label_comp_id 
_pdbx_struct_sheet_hbond.range_2_label_asym_id 
_pdbx_struct_sheet_hbond.range_2_label_seq_id 
_pdbx_struct_sheet_hbond.range_2_PDB_ins_code 
_pdbx_struct_sheet_hbond.range_2_auth_atom_id 
_pdbx_struct_sheet_hbond.range_2_auth_comp_id 
_pdbx_struct_sheet_hbond.range_2_auth_asym_id 
_pdbx_struct_sheet_hbond.range_2_auth_seq_id 
A 1 2  O PHE A 65  ? O PHE A 65  N PHE A 50  ? N PHE A 50  
A 2 3  N SER A 55  ? N SER A 55  O ALA A 40  ? O ALA A 40  
A 3 4  O ILE A 43  ? O ILE A 43  N GLY A 5   ? N GLY A 5   
A 4 5  O GLU A 13  ? O GLU A 13  N THR A 131 ? N THR A 131 
A 5 6  N TYR A 134 ? N TYR A 134 O LEU A 119 ? O LEU A 119 
A 6 7  N THR A 124 ? N THR A 124 O SER A 108 ? O SER A 108 
A 7 8  O ARG A 111 ? O ARG A 111 N MET A 93  ? N MET A 93  
A 8 9  O LYS A 98  ? O LYS A 98  N LYS A 82  ? N LYS A 82  
A 9 10 N SER A 83  ? N SER A 83  O PHE A 71  ? O PHE A 71  
# 
loop_
_struct_site.id 
_struct_site.pdbx_evidence_code 
_struct_site.pdbx_auth_asym_id 
_struct_site.pdbx_auth_comp_id 
_struct_site.pdbx_auth_seq_id 
_struct_site.pdbx_auth_ins_code 
_struct_site.pdbx_num_residues 
_struct_site.details 
AC1 Software A PO4 901 ? 4  'BINDING SITE FOR RESIDUE PO4 A 901' 
AC2 Software A RE9 200 ? 12 'BINDING SITE FOR RESIDUE RE9 A 200' 
# 
loop_
_struct_site_gen.id 
_struct_site_gen.site_id 
_struct_site_gen.pdbx_num_res 
_struct_site_gen.label_comp_id 
_struct_site_gen.label_asym_id 
_struct_site_gen.label_seq_id 
_struct_site_gen.pdbx_auth_ins_code 
_struct_site_gen.auth_comp_id 
_struct_site_gen.auth_asym_id 
_struct_site_gen.auth_seq_id 
_struct_site_gen.label_atom_id 
_struct_site_gen.label_alt_id 
_struct_site_gen.symmetry 
_struct_site_gen.details 
1  AC1 4  ASP A 116 ? ASP A 116 . ? 11_556 ? 
2  AC1 4  ASP A 116 ? ASP A 116 . ? 8_645  ? 
3  AC1 4  ASP A 116 ? ASP A 116 . ? 1_555  ? 
4  AC1 4  HOH D .   ? HOH A 351 . ? 1_555  ? 
5  AC2 12 PHE A 15  ? PHE A 15  . ? 1_555  ? 
6  AC2 12 ALA A 32  ? ALA A 32  . ? 1_555  ? 
7  AC2 12 ALA A 35  ? ALA A 35  . ? 1_555  ? 
8  AC2 12 ALA A 36  ? ALA A 36  . ? 1_555  ? 
9  AC2 12 PRO A 39  ? PRO A 39  . ? 1_555  ? 
10 AC2 12 THR A 54  ? THR A 54  . ? 1_555  ? 
11 AC2 12 THR A 57  ? THR A 57  . ? 6_566  ? 
12 AC2 12 VAL A 76  ? VAL A 76  . ? 1_555  ? 
13 AC2 12 ARG A 132 ? ARG A 132 . ? 1_555  ? 
14 AC2 12 TYR A 134 ? TYR A 134 . ? 1_555  ? 
15 AC2 12 HOH D .   ? HOH A 301 . ? 1_555  ? 
16 AC2 12 HOH D .   ? HOH A 332 . ? 1_555  ? 
# 
_pdbx_validate_symm_contact.id                1 
_pdbx_validate_symm_contact.PDB_model_num     1 
_pdbx_validate_symm_contact.auth_atom_id_1    P 
_pdbx_validate_symm_contact.auth_asym_id_1    A 
_pdbx_validate_symm_contact.auth_comp_id_1    PO4 
_pdbx_validate_symm_contact.auth_seq_id_1     901 
_pdbx_validate_symm_contact.PDB_ins_code_1    ? 
_pdbx_validate_symm_contact.label_alt_id_1    ? 
_pdbx_validate_symm_contact.site_symmetry_1   1_555 
_pdbx_validate_symm_contact.auth_atom_id_2    O2 
_pdbx_validate_symm_contact.auth_asym_id_2    A 
_pdbx_validate_symm_contact.auth_comp_id_2    PO4 
_pdbx_validate_symm_contact.auth_seq_id_2     901 
_pdbx_validate_symm_contact.PDB_ins_code_2    ? 
_pdbx_validate_symm_contact.label_alt_id_2    ? 
_pdbx_validate_symm_contact.site_symmetry_2   8_645 
_pdbx_validate_symm_contact.dist              1.58 
# 
loop_
_pdbx_validate_torsion.id 
_pdbx_validate_torsion.PDB_model_num 
_pdbx_validate_torsion.auth_comp_id 
_pdbx_validate_torsion.auth_asym_id 
_pdbx_validate_torsion.auth_seq_id 
_pdbx_validate_torsion.PDB_ins_code 
_pdbx_validate_torsion.label_alt_id 
_pdbx_validate_torsion.phi 
_pdbx_validate_torsion.psi 
1 1 ASN A 2   ? ? 70.63   96.22   
2 1 GLU A 73  ? ? -142.98 -156.98 
3 1 ASP A 126 ? ? 64.87   -102.69 
# 
loop_
_pdbx_struct_special_symmetry.id 
_pdbx_struct_special_symmetry.PDB_model_num 
_pdbx_struct_special_symmetry.auth_asym_id 
_pdbx_struct_special_symmetry.auth_comp_id 
_pdbx_struct_special_symmetry.auth_seq_id 
_pdbx_struct_special_symmetry.PDB_ins_code 
_pdbx_struct_special_symmetry.label_asym_id 
_pdbx_struct_special_symmetry.label_comp_id 
_pdbx_struct_special_symmetry.label_seq_id 
1 1 A PO4 901 ? B PO4 . 
2 1 A PO4 901 ? B PO4 . 
3 1 A HOH 900 ? D HOH . 
# 
loop_
_chem_comp_atom.comp_id 
_chem_comp_atom.atom_id 
_chem_comp_atom.type_symbol 
_chem_comp_atom.pdbx_aromatic_flag 
_chem_comp_atom.pdbx_stereo_config 
_chem_comp_atom.pdbx_ordinal 
ALA N    N N N 1   
ALA CA   C N S 2   
ALA C    C N N 3   
ALA O    O N N 4   
ALA CB   C N N 5   
ALA OXT  O N N 6   
ALA H    H N N 7   
ALA H2   H N N 8   
ALA HA   H N N 9   
ALA HB1  H N N 10  
ALA HB2  H N N 11  
ALA HB3  H N N 12  
ALA HXT  H N N 13  
ARG N    N N N 14  
ARG CA   C N S 15  
ARG C    C N N 16  
ARG O    O N N 17  
ARG CB   C N N 18  
ARG CG   C N N 19  
ARG CD   C N N 20  
ARG NE   N N N 21  
ARG CZ   C N N 22  
ARG NH1  N N N 23  
ARG NH2  N N N 24  
ARG OXT  O N N 25  
ARG H    H N N 26  
ARG H2   H N N 27  
ARG HA   H N N 28  
ARG HB2  H N N 29  
ARG HB3  H N N 30  
ARG HG2  H N N 31  
ARG HG3  H N N 32  
ARG HD2  H N N 33  
ARG HD3  H N N 34  
ARG HE   H N N 35  
ARG HH11 H N N 36  
ARG HH12 H N N 37  
ARG HH21 H N N 38  
ARG HH22 H N N 39  
ARG HXT  H N N 40  
ASN N    N N N 41  
ASN CA   C N S 42  
ASN C    C N N 43  
ASN O    O N N 44  
ASN CB   C N N 45  
ASN CG   C N N 46  
ASN OD1  O N N 47  
ASN ND2  N N N 48  
ASN OXT  O N N 49  
ASN H    H N N 50  
ASN H2   H N N 51  
ASN HA   H N N 52  
ASN HB2  H N N 53  
ASN HB3  H N N 54  
ASN HD21 H N N 55  
ASN HD22 H N N 56  
ASN HXT  H N N 57  
ASP N    N N N 58  
ASP CA   C N S 59  
ASP C    C N N 60  
ASP O    O N N 61  
ASP CB   C N N 62  
ASP CG   C N N 63  
ASP OD1  O N N 64  
ASP OD2  O N N 65  
ASP OXT  O N N 66  
ASP H    H N N 67  
ASP H2   H N N 68  
ASP HA   H N N 69  
ASP HB2  H N N 70  
ASP HB3  H N N 71  
ASP HD2  H N N 72  
ASP HXT  H N N 73  
CYS N    N N N 74  
CYS CA   C N R 75  
CYS C    C N N 76  
CYS O    O N N 77  
CYS CB   C N N 78  
CYS SG   S N N 79  
CYS OXT  O N N 80  
CYS H    H N N 81  
CYS H2   H N N 82  
CYS HA   H N N 83  
CYS HB2  H N N 84  
CYS HB3  H N N 85  
CYS HG   H N N 86  
CYS HXT  H N N 87  
GLN N    N N N 88  
GLN CA   C N S 89  
GLN C    C N N 90  
GLN O    O N N 91  
GLN CB   C N N 92  
GLN CG   C N N 93  
GLN CD   C N N 94  
GLN OE1  O N N 95  
GLN NE2  N N N 96  
GLN OXT  O N N 97  
GLN H    H N N 98  
GLN H2   H N N 99  
GLN HA   H N N 100 
GLN HB2  H N N 101 
GLN HB3  H N N 102 
GLN HG2  H N N 103 
GLN HG3  H N N 104 
GLN HE21 H N N 105 
GLN HE22 H N N 106 
GLN HXT  H N N 107 
GLU N    N N N 108 
GLU CA   C N S 109 
GLU C    C N N 110 
GLU O    O N N 111 
GLU CB   C N N 112 
GLU CG   C N N 113 
GLU CD   C N N 114 
GLU OE1  O N N 115 
GLU OE2  O N N 116 
GLU OXT  O N N 117 
GLU H    H N N 118 
GLU H2   H N N 119 
GLU HA   H N N 120 
GLU HB2  H N N 121 
GLU HB3  H N N 122 
GLU HG2  H N N 123 
GLU HG3  H N N 124 
GLU HE2  H N N 125 
GLU HXT  H N N 126 
GLY N    N N N 127 
GLY CA   C N N 128 
GLY C    C N N 129 
GLY O    O N N 130 
GLY OXT  O N N 131 
GLY H    H N N 132 
GLY H2   H N N 133 
GLY HA2  H N N 134 
GLY HA3  H N N 135 
GLY HXT  H N N 136 
HOH O    O N N 137 
HOH H1   H N N 138 
HOH H2   H N N 139 
ILE N    N N N 140 
ILE CA   C N S 141 
ILE C    C N N 142 
ILE O    O N N 143 
ILE CB   C N S 144 
ILE CG1  C N N 145 
ILE CG2  C N N 146 
ILE CD1  C N N 147 
ILE OXT  O N N 148 
ILE H    H N N 149 
ILE H2   H N N 150 
ILE HA   H N N 151 
ILE HB   H N N 152 
ILE HG12 H N N 153 
ILE HG13 H N N 154 
ILE HG21 H N N 155 
ILE HG22 H N N 156 
ILE HG23 H N N 157 
ILE HD11 H N N 158 
ILE HD12 H N N 159 
ILE HD13 H N N 160 
ILE HXT  H N N 161 
LEU N    N N N 162 
LEU CA   C N S 163 
LEU C    C N N 164 
LEU O    O N N 165 
LEU CB   C N N 166 
LEU CG   C N N 167 
LEU CD1  C N N 168 
LEU CD2  C N N 169 
LEU OXT  O N N 170 
LEU H    H N N 171 
LEU H2   H N N 172 
LEU HA   H N N 173 
LEU HB2  H N N 174 
LEU HB3  H N N 175 
LEU HG   H N N 176 
LEU HD11 H N N 177 
LEU HD12 H N N 178 
LEU HD13 H N N 179 
LEU HD21 H N N 180 
LEU HD22 H N N 181 
LEU HD23 H N N 182 
LEU HXT  H N N 183 
LYS N    N N N 184 
LYS CA   C N S 185 
LYS C    C N N 186 
LYS O    O N N 187 
LYS CB   C N N 188 
LYS CG   C N N 189 
LYS CD   C N N 190 
LYS CE   C N N 191 
LYS NZ   N N N 192 
LYS OXT  O N N 193 
LYS H    H N N 194 
LYS H2   H N N 195 
LYS HA   H N N 196 
LYS HB2  H N N 197 
LYS HB3  H N N 198 
LYS HG2  H N N 199 
LYS HG3  H N N 200 
LYS HD2  H N N 201 
LYS HD3  H N N 202 
LYS HE2  H N N 203 
LYS HE3  H N N 204 
LYS HZ1  H N N 205 
LYS HZ2  H N N 206 
LYS HZ3  H N N 207 
LYS HXT  H N N 208 
MET N    N N N 209 
MET CA   C N S 210 
MET C    C N N 211 
MET O    O N N 212 
MET CB   C N N 213 
MET CG   C N N 214 
MET SD   S N N 215 
MET CE   C N N 216 
MET OXT  O N N 217 
MET H    H N N 218 
MET H2   H N N 219 
MET HA   H N N 220 
MET HB2  H N N 221 
MET HB3  H N N 222 
MET HG2  H N N 223 
MET HG3  H N N 224 
MET HE1  H N N 225 
MET HE2  H N N 226 
MET HE3  H N N 227 
MET HXT  H N N 228 
PHE N    N N N 229 
PHE CA   C N S 230 
PHE C    C N N 231 
PHE O    O N N 232 
PHE CB   C N N 233 
PHE CG   C Y N 234 
PHE CD1  C Y N 235 
PHE CD2  C Y N 236 
PHE CE1  C Y N 237 
PHE CE2  C Y N 238 
PHE CZ   C Y N 239 
PHE OXT  O N N 240 
PHE H    H N N 241 
PHE H2   H N N 242 
PHE HA   H N N 243 
PHE HB2  H N N 244 
PHE HB3  H N N 245 
PHE HD1  H N N 246 
PHE HD2  H N N 247 
PHE HE1  H N N 248 
PHE HE2  H N N 249 
PHE HZ   H N N 250 
PHE HXT  H N N 251 
PO4 P    P N N 252 
PO4 O1   O N N 253 
PO4 O2   O N N 254 
PO4 O3   O N N 255 
PO4 O4   O N N 256 
PRO N    N N N 257 
PRO CA   C N S 258 
PRO C    C N N 259 
PRO O    O N N 260 
PRO CB   C N N 261 
PRO CG   C N N 262 
PRO CD   C N N 263 
PRO OXT  O N N 264 
PRO H    H N N 265 
PRO HA   H N N 266 
PRO HB2  H N N 267 
PRO HB3  H N N 268 
PRO HG2  H N N 269 
PRO HG3  H N N 270 
PRO HD2  H N N 271 
PRO HD3  H N N 272 
PRO HXT  H N N 273 
RE9 C1   C N N 274 
RE9 C2   C N N 275 
RE9 C3   C N N 276 
RE9 C4   C N N 277 
RE9 C5   C N N 278 
RE9 C6   C N N 279 
RE9 C7   C N R 280 
RE9 C8   C N N 281 
RE9 C9   C N N 282 
RE9 C10  C N N 283 
RE9 C11  C N N 284 
RE9 C12  C N N 285 
RE9 C13  C N N 286 
RE9 C14  C N N 287 
RE9 C15  C N N 288 
RE9 C16  C N N 289 
RE9 C17  C N N 290 
RE9 C18  C N N 291 
RE9 C19  C N N 292 
RE9 C20  C N N 293 
RE9 O1   O N N 294 
RE9 O2   O N N 295 
RE9 H21  H N N 296 
RE9 H22  H N N 297 
RE9 H31  H N N 298 
RE9 H32  H N N 299 
RE9 H41  H N N 300 
RE9 H42  H N N 301 
RE9 H81  H N N 302 
RE9 H82  H N N 303 
RE9 H101 H N N 304 
RE9 H102 H N N 305 
RE9 H11  H N N 306 
RE9 H12  H N N 307 
RE9 H14  H N N 308 
RE9 H161 H N N 309 
RE9 H162 H N N 310 
RE9 H163 H N N 311 
RE9 H171 H N N 312 
RE9 H172 H N N 313 
RE9 H173 H N N 314 
RE9 H181 H N N 315 
RE9 H182 H N N 316 
RE9 H191 H N N 317 
RE9 H192 H N N 318 
RE9 H193 H N N 319 
RE9 H201 H N N 320 
RE9 H202 H N N 321 
RE9 H203 H N N 322 
RE9 HO2  H N N 323 
SER N    N N N 324 
SER CA   C N S 325 
SER C    C N N 326 
SER O    O N N 327 
SER CB   C N N 328 
SER OG   O N N 329 
SER OXT  O N N 330 
SER H    H N N 331 
SER H2   H N N 332 
SER HA   H N N 333 
SER HB2  H N N 334 
SER HB3  H N N 335 
SER HG   H N N 336 
SER HXT  H N N 337 
THR N    N N N 338 
THR CA   C N S 339 
THR C    C N N 340 
THR O    O N N 341 
THR CB   C N R 342 
THR OG1  O N N 343 
THR CG2  C N N 344 
THR OXT  O N N 345 
THR H    H N N 346 
THR H2   H N N 347 
THR HA   H N N 348 
THR HB   H N N 349 
THR HG1  H N N 350 
THR HG21 H N N 351 
THR HG22 H N N 352 
THR HG23 H N N 353 
THR HXT  H N N 354 
TRP N    N N N 355 
TRP CA   C N S 356 
TRP C    C N N 357 
TRP O    O N N 358 
TRP CB   C N N 359 
TRP CG   C Y N 360 
TRP CD1  C Y N 361 
TRP CD2  C Y N 362 
TRP NE1  N Y N 363 
TRP CE2  C Y N 364 
TRP CE3  C Y N 365 
TRP CZ2  C Y N 366 
TRP CZ3  C Y N 367 
TRP CH2  C Y N 368 
TRP OXT  O N N 369 
TRP H    H N N 370 
TRP H2   H N N 371 
TRP HA   H N N 372 
TRP HB2  H N N 373 
TRP HB3  H N N 374 
TRP HD1  H N N 375 
TRP HE1  H N N 376 
TRP HE3  H N N 377 
TRP HZ2  H N N 378 
TRP HZ3  H N N 379 
TRP HH2  H N N 380 
TRP HXT  H N N 381 
TYR N    N N N 382 
TYR CA   C N S 383 
TYR C    C N N 384 
TYR O    O N N 385 
TYR CB   C N N 386 
TYR CG   C Y N 387 
TYR CD1  C Y N 388 
TYR CD2  C Y N 389 
TYR CE1  C Y N 390 
TYR CE2  C Y N 391 
TYR CZ   C Y N 392 
TYR OH   O N N 393 
TYR OXT  O N N 394 
TYR H    H N N 395 
TYR H2   H N N 396 
TYR HA   H N N 397 
TYR HB2  H N N 398 
TYR HB3  H N N 399 
TYR HD1  H N N 400 
TYR HD2  H N N 401 
TYR HE1  H N N 402 
TYR HE2  H N N 403 
TYR HH   H N N 404 
TYR HXT  H N N 405 
VAL N    N N N 406 
VAL CA   C N S 407 
VAL C    C N N 408 
VAL O    O N N 409 
VAL CB   C N N 410 
VAL CG1  C N N 411 
VAL CG2  C N N 412 
VAL OXT  O N N 413 
VAL H    H N N 414 
VAL H2   H N N 415 
VAL HA   H N N 416 
VAL HB   H N N 417 
VAL HG11 H N N 418 
VAL HG12 H N N 419 
VAL HG13 H N N 420 
VAL HG21 H N N 421 
VAL HG22 H N N 422 
VAL HG23 H N N 423 
VAL HXT  H N N 424 
# 
loop_
_chem_comp_bond.comp_id 
_chem_comp_bond.atom_id_1 
_chem_comp_bond.atom_id_2 
_chem_comp_bond.value_order 
_chem_comp_bond.pdbx_aromatic_flag 
_chem_comp_bond.pdbx_stereo_config 
_chem_comp_bond.pdbx_ordinal 
ALA N   CA   sing N N 1   
ALA N   H    sing N N 2   
ALA N   H2   sing N N 3   
ALA CA  C    sing N N 4   
ALA CA  CB   sing N N 5   
ALA CA  HA   sing N N 6   
ALA C   O    doub N N 7   
ALA C   OXT  sing N N 8   
ALA CB  HB1  sing N N 9   
ALA CB  HB2  sing N N 10  
ALA CB  HB3  sing N N 11  
ALA OXT HXT  sing N N 12  
ARG N   CA   sing N N 13  
ARG N   H    sing N N 14  
ARG N   H2   sing N N 15  
ARG CA  C    sing N N 16  
ARG CA  CB   sing N N 17  
ARG CA  HA   sing N N 18  
ARG C   O    doub N N 19  
ARG C   OXT  sing N N 20  
ARG CB  CG   sing N N 21  
ARG CB  HB2  sing N N 22  
ARG CB  HB3  sing N N 23  
ARG CG  CD   sing N N 24  
ARG CG  HG2  sing N N 25  
ARG CG  HG3  sing N N 26  
ARG CD  NE   sing N N 27  
ARG CD  HD2  sing N N 28  
ARG CD  HD3  sing N N 29  
ARG NE  CZ   sing N N 30  
ARG NE  HE   sing N N 31  
ARG CZ  NH1  sing N N 32  
ARG CZ  NH2  doub N N 33  
ARG NH1 HH11 sing N N 34  
ARG NH1 HH12 sing N N 35  
ARG NH2 HH21 sing N N 36  
ARG NH2 HH22 sing N N 37  
ARG OXT HXT  sing N N 38  
ASN N   CA   sing N N 39  
ASN N   H    sing N N 40  
ASN N   H2   sing N N 41  
ASN CA  C    sing N N 42  
ASN CA  CB   sing N N 43  
ASN CA  HA   sing N N 44  
ASN C   O    doub N N 45  
ASN C   OXT  sing N N 46  
ASN CB  CG   sing N N 47  
ASN CB  HB2  sing N N 48  
ASN CB  HB3  sing N N 49  
ASN CG  OD1  doub N N 50  
ASN CG  ND2  sing N N 51  
ASN ND2 HD21 sing N N 52  
ASN ND2 HD22 sing N N 53  
ASN OXT HXT  sing N N 54  
ASP N   CA   sing N N 55  
ASP N   H    sing N N 56  
ASP N   H2   sing N N 57  
ASP CA  C    sing N N 58  
ASP CA  CB   sing N N 59  
ASP CA  HA   sing N N 60  
ASP C   O    doub N N 61  
ASP C   OXT  sing N N 62  
ASP CB  CG   sing N N 63  
ASP CB  HB2  sing N N 64  
ASP CB  HB3  sing N N 65  
ASP CG  OD1  doub N N 66  
ASP CG  OD2  sing N N 67  
ASP OD2 HD2  sing N N 68  
ASP OXT HXT  sing N N 69  
CYS N   CA   sing N N 70  
CYS N   H    sing N N 71  
CYS N   H2   sing N N 72  
CYS CA  C    sing N N 73  
CYS CA  CB   sing N N 74  
CYS CA  HA   sing N N 75  
CYS C   O    doub N N 76  
CYS C   OXT  sing N N 77  
CYS CB  SG   sing N N 78  
CYS CB  HB2  sing N N 79  
CYS CB  HB3  sing N N 80  
CYS SG  HG   sing N N 81  
CYS OXT HXT  sing N N 82  
GLN N   CA   sing N N 83  
GLN N   H    sing N N 84  
GLN N   H2   sing N N 85  
GLN CA  C    sing N N 86  
GLN CA  CB   sing N N 87  
GLN CA  HA   sing N N 88  
GLN C   O    doub N N 89  
GLN C   OXT  sing N N 90  
GLN CB  CG   sing N N 91  
GLN CB  HB2  sing N N 92  
GLN CB  HB3  sing N N 93  
GLN CG  CD   sing N N 94  
GLN CG  HG2  sing N N 95  
GLN CG  HG3  sing N N 96  
GLN CD  OE1  doub N N 97  
GLN CD  NE2  sing N N 98  
GLN NE2 HE21 sing N N 99  
GLN NE2 HE22 sing N N 100 
GLN OXT HXT  sing N N 101 
GLU N   CA   sing N N 102 
GLU N   H    sing N N 103 
GLU N   H2   sing N N 104 
GLU CA  C    sing N N 105 
GLU CA  CB   sing N N 106 
GLU CA  HA   sing N N 107 
GLU C   O    doub N N 108 
GLU C   OXT  sing N N 109 
GLU CB  CG   sing N N 110 
GLU CB  HB2  sing N N 111 
GLU CB  HB3  sing N N 112 
GLU CG  CD   sing N N 113 
GLU CG  HG2  sing N N 114 
GLU CG  HG3  sing N N 115 
GLU CD  OE1  doub N N 116 
GLU CD  OE2  sing N N 117 
GLU OE2 HE2  sing N N 118 
GLU OXT HXT  sing N N 119 
GLY N   CA   sing N N 120 
GLY N   H    sing N N 121 
GLY N   H2   sing N N 122 
GLY CA  C    sing N N 123 
GLY CA  HA2  sing N N 124 
GLY CA  HA3  sing N N 125 
GLY C   O    doub N N 126 
GLY C   OXT  sing N N 127 
GLY OXT HXT  sing N N 128 
HOH O   H1   sing N N 129 
HOH O   H2   sing N N 130 
ILE N   CA   sing N N 131 
ILE N   H    sing N N 132 
ILE N   H2   sing N N 133 
ILE CA  C    sing N N 134 
ILE CA  CB   sing N N 135 
ILE CA  HA   sing N N 136 
ILE C   O    doub N N 137 
ILE C   OXT  sing N N 138 
ILE CB  CG1  sing N N 139 
ILE CB  CG2  sing N N 140 
ILE CB  HB   sing N N 141 
ILE CG1 CD1  sing N N 142 
ILE CG1 HG12 sing N N 143 
ILE CG1 HG13 sing N N 144 
ILE CG2 HG21 sing N N 145 
ILE CG2 HG22 sing N N 146 
ILE CG2 HG23 sing N N 147 
ILE CD1 HD11 sing N N 148 
ILE CD1 HD12 sing N N 149 
ILE CD1 HD13 sing N N 150 
ILE OXT HXT  sing N N 151 
LEU N   CA   sing N N 152 
LEU N   H    sing N N 153 
LEU N   H2   sing N N 154 
LEU CA  C    sing N N 155 
LEU CA  CB   sing N N 156 
LEU CA  HA   sing N N 157 
LEU C   O    doub N N 158 
LEU C   OXT  sing N N 159 
LEU CB  CG   sing N N 160 
LEU CB  HB2  sing N N 161 
LEU CB  HB3  sing N N 162 
LEU CG  CD1  sing N N 163 
LEU CG  CD2  sing N N 164 
LEU CG  HG   sing N N 165 
LEU CD1 HD11 sing N N 166 
LEU CD1 HD12 sing N N 167 
LEU CD1 HD13 sing N N 168 
LEU CD2 HD21 sing N N 169 
LEU CD2 HD22 sing N N 170 
LEU CD2 HD23 sing N N 171 
LEU OXT HXT  sing N N 172 
LYS N   CA   sing N N 173 
LYS N   H    sing N N 174 
LYS N   H2   sing N N 175 
LYS CA  C    sing N N 176 
LYS CA  CB   sing N N 177 
LYS CA  HA   sing N N 178 
LYS C   O    doub N N 179 
LYS C   OXT  sing N N 180 
LYS CB  CG   sing N N 181 
LYS CB  HB2  sing N N 182 
LYS CB  HB3  sing N N 183 
LYS CG  CD   sing N N 184 
LYS CG  HG2  sing N N 185 
LYS CG  HG3  sing N N 186 
LYS CD  CE   sing N N 187 
LYS CD  HD2  sing N N 188 
LYS CD  HD3  sing N N 189 
LYS CE  NZ   sing N N 190 
LYS CE  HE2  sing N N 191 
LYS CE  HE3  sing N N 192 
LYS NZ  HZ1  sing N N 193 
LYS NZ  HZ2  sing N N 194 
LYS NZ  HZ3  sing N N 195 
LYS OXT HXT  sing N N 196 
MET N   CA   sing N N 197 
MET N   H    sing N N 198 
MET N   H2   sing N N 199 
MET CA  C    sing N N 200 
MET CA  CB   sing N N 201 
MET CA  HA   sing N N 202 
MET C   O    doub N N 203 
MET C   OXT  sing N N 204 
MET CB  CG   sing N N 205 
MET CB  HB2  sing N N 206 
MET CB  HB3  sing N N 207 
MET CG  SD   sing N N 208 
MET CG  HG2  sing N N 209 
MET CG  HG3  sing N N 210 
MET SD  CE   sing N N 211 
MET CE  HE1  sing N N 212 
MET CE  HE2  sing N N 213 
MET CE  HE3  sing N N 214 
MET OXT HXT  sing N N 215 
PHE N   CA   sing N N 216 
PHE N   H    sing N N 217 
PHE N   H2   sing N N 218 
PHE CA  C    sing N N 219 
PHE CA  CB   sing N N 220 
PHE CA  HA   sing N N 221 
PHE C   O    doub N N 222 
PHE C   OXT  sing N N 223 
PHE CB  CG   sing N N 224 
PHE CB  HB2  sing N N 225 
PHE CB  HB3  sing N N 226 
PHE CG  CD1  doub Y N 227 
PHE CG  CD2  sing Y N 228 
PHE CD1 CE1  sing Y N 229 
PHE CD1 HD1  sing N N 230 
PHE CD2 CE2  doub Y N 231 
PHE CD2 HD2  sing N N 232 
PHE CE1 CZ   doub Y N 233 
PHE CE1 HE1  sing N N 234 
PHE CE2 CZ   sing Y N 235 
PHE CE2 HE2  sing N N 236 
PHE CZ  HZ   sing N N 237 
PHE OXT HXT  sing N N 238 
PO4 P   O1   doub N N 239 
PO4 P   O2   sing N N 240 
PO4 P   O3   sing N N 241 
PO4 P   O4   sing N N 242 
PRO N   CA   sing N N 243 
PRO N   CD   sing N N 244 
PRO N   H    sing N N 245 
PRO CA  C    sing N N 246 
PRO CA  CB   sing N N 247 
PRO CA  HA   sing N N 248 
PRO C   O    doub N N 249 
PRO C   OXT  sing N N 250 
PRO CB  CG   sing N N 251 
PRO CB  HB2  sing N N 252 
PRO CB  HB3  sing N N 253 
PRO CG  CD   sing N N 254 
PRO CG  HG2  sing N N 255 
PRO CG  HG3  sing N N 256 
PRO CD  HD2  sing N N 257 
PRO CD  HD3  sing N N 258 
PRO OXT HXT  sing N N 259 
RE9 C1  C2   sing N N 260 
RE9 C1  C9   sing N N 261 
RE9 C1  C16  sing N N 262 
RE9 C1  C17  sing N N 263 
RE9 C2  C3   sing N N 264 
RE9 C2  H21  sing N N 265 
RE9 C2  H22  sing N N 266 
RE9 C3  C4   sing N N 267 
RE9 C3  H31  sing N N 268 
RE9 C3  H32  sing N N 269 
RE9 C4  C5   sing N N 270 
RE9 C4  H41  sing N N 271 
RE9 C4  H42  sing N N 272 
RE9 C5  C6   sing N N 273 
RE9 C5  C9   doub N N 274 
RE9 C6  C7   sing N N 275 
RE9 C6  C18  doub N N 276 
RE9 C7  C8   sing N N 277 
RE9 C7  C10  sing N N 278 
RE9 C7  C19  sing N N 279 
RE9 C8  C9   sing N N 280 
RE9 C8  H81  sing N N 281 
RE9 C8  H82  sing N N 282 
RE9 C10 C11  sing N N 283 
RE9 C10 H101 sing N N 284 
RE9 C10 H102 sing N N 285 
RE9 C11 C12  doub N E 286 
RE9 C11 H11  sing N N 287 
RE9 C12 C13  sing N N 288 
RE9 C12 H12  sing N N 289 
RE9 C13 C14  doub N E 290 
RE9 C13 C20  sing N N 291 
RE9 C14 C15  sing N N 292 
RE9 C14 H14  sing N N 293 
RE9 C15 O1   doub N N 294 
RE9 C15 O2   sing N N 295 
RE9 C16 H161 sing N N 296 
RE9 C16 H162 sing N N 297 
RE9 C16 H163 sing N N 298 
RE9 C17 H171 sing N N 299 
RE9 C17 H172 sing N N 300 
RE9 C17 H173 sing N N 301 
RE9 C18 H181 sing N N 302 
RE9 C18 H182 sing N N 303 
RE9 C19 H191 sing N N 304 
RE9 C19 H192 sing N N 305 
RE9 C19 H193 sing N N 306 
RE9 C20 H201 sing N N 307 
RE9 C20 H202 sing N N 308 
RE9 C20 H203 sing N N 309 
RE9 O2  HO2  sing N N 310 
SER N   CA   sing N N 311 
SER N   H    sing N N 312 
SER N   H2   sing N N 313 
SER CA  C    sing N N 314 
SER CA  CB   sing N N 315 
SER CA  HA   sing N N 316 
SER C   O    doub N N 317 
SER C   OXT  sing N N 318 
SER CB  OG   sing N N 319 
SER CB  HB2  sing N N 320 
SER CB  HB3  sing N N 321 
SER OG  HG   sing N N 322 
SER OXT HXT  sing N N 323 
THR N   CA   sing N N 324 
THR N   H    sing N N 325 
THR N   H2   sing N N 326 
THR CA  C    sing N N 327 
THR CA  CB   sing N N 328 
THR CA  HA   sing N N 329 
THR C   O    doub N N 330 
THR C   OXT  sing N N 331 
THR CB  OG1  sing N N 332 
THR CB  CG2  sing N N 333 
THR CB  HB   sing N N 334 
THR OG1 HG1  sing N N 335 
THR CG2 HG21 sing N N 336 
THR CG2 HG22 sing N N 337 
THR CG2 HG23 sing N N 338 
THR OXT HXT  sing N N 339 
TRP N   CA   sing N N 340 
TRP N   H    sing N N 341 
TRP N   H2   sing N N 342 
TRP CA  C    sing N N 343 
TRP CA  CB   sing N N 344 
TRP CA  HA   sing N N 345 
TRP C   O    doub N N 346 
TRP C   OXT  sing N N 347 
TRP CB  CG   sing N N 348 
TRP CB  HB2  sing N N 349 
TRP CB  HB3  sing N N 350 
TRP CG  CD1  doub Y N 351 
TRP CG  CD2  sing Y N 352 
TRP CD1 NE1  sing Y N 353 
TRP CD1 HD1  sing N N 354 
TRP CD2 CE2  doub Y N 355 
TRP CD2 CE3  sing Y N 356 
TRP NE1 CE2  sing Y N 357 
TRP NE1 HE1  sing N N 358 
TRP CE2 CZ2  sing Y N 359 
TRP CE3 CZ3  doub Y N 360 
TRP CE3 HE3  sing N N 361 
TRP CZ2 CH2  doub Y N 362 
TRP CZ2 HZ2  sing N N 363 
TRP CZ3 CH2  sing Y N 364 
TRP CZ3 HZ3  sing N N 365 
TRP CH2 HH2  sing N N 366 
TRP OXT HXT  sing N N 367 
TYR N   CA   sing N N 368 
TYR N   H    sing N N 369 
TYR N   H2   sing N N 370 
TYR CA  C    sing N N 371 
TYR CA  CB   sing N N 372 
TYR CA  HA   sing N N 373 
TYR C   O    doub N N 374 
TYR C   OXT  sing N N 375 
TYR CB  CG   sing N N 376 
TYR CB  HB2  sing N N 377 
TYR CB  HB3  sing N N 378 
TYR CG  CD1  doub Y N 379 
TYR CG  CD2  sing Y N 380 
TYR CD1 CE1  sing Y N 381 
TYR CD1 HD1  sing N N 382 
TYR CD2 CE2  doub Y N 383 
TYR CD2 HD2  sing N N 384 
TYR CE1 CZ   doub Y N 385 
TYR CE1 HE1  sing N N 386 
TYR CE2 CZ   sing Y N 387 
TYR CE2 HE2  sing N N 388 
TYR CZ  OH   sing N N 389 
TYR OH  HH   sing N N 390 
TYR OXT HXT  sing N N 391 
VAL N   CA   sing N N 392 
VAL N   H    sing N N 393 
VAL N   H2   sing N N 394 
VAL CA  C    sing N N 395 
VAL CA  CB   sing N N 396 
VAL CA  HA   sing N N 397 
VAL C   O    doub N N 398 
VAL C   OXT  sing N N 399 
VAL CB  CG1  sing N N 400 
VAL CB  CG2  sing N N 401 
VAL CB  HB   sing N N 402 
VAL CG1 HG11 sing N N 403 
VAL CG1 HG12 sing N N 404 
VAL CG1 HG13 sing N N 405 
VAL CG2 HG21 sing N N 406 
VAL CG2 HG22 sing N N 407 
VAL CG2 HG23 sing N N 408 
VAL OXT HXT  sing N N 409 
# 
_atom_sites.entry_id                    1CBQ 
_atom_sites.fract_transf_matrix[1][1]   0.00773512 
_atom_sites.fract_transf_matrix[1][2]   -0.00878954 
_atom_sites.fract_transf_matrix[1][3]   0.00389712 
_atom_sites.fract_transf_matrix[2][1]   0.00929192 
_atom_sites.fract_transf_matrix[2][2]   0.00554857 
_atom_sites.fract_transf_matrix[2][3]   -0.00592867 
_atom_sites.fract_transf_matrix[3][1]   0.00247057 
_atom_sites.fract_transf_matrix[3][2]   0.00665078 
_atom_sites.fract_transf_matrix[3][3]   0.01009648 
_atom_sites.fract_transf_vector[1]      0.808478 
_atom_sites.fract_transf_vector[2]      0.367540 
_atom_sites.fract_transf_vector[3]      0.458849 
# 
loop_
_atom_type.symbol 
C 
N 
O 
P 
S 
# 
loop_
_atom_site.group_PDB 
_atom_site.id 
_atom_site.type_symbol 
_atom_site.label_atom_id 
_atom_site.label_alt_id 
_atom_site.label_comp_id 
_atom_site.label_asym_id 
_atom_site.label_entity_id 
_atom_site.label_seq_id 
_atom_site.pdbx_PDB_ins_code 
_atom_site.Cartn_x 
_atom_site.Cartn_y 
_atom_site.Cartn_z 
_atom_site.occupancy 
_atom_site.B_iso_or_equiv 
_atom_site.pdbx_formal_charge 
_atom_site.auth_seq_id 
_atom_site.auth_comp_id 
_atom_site.auth_asym_id 
_atom_site.auth_atom_id 
_atom_site.pdbx_PDB_model_num 
ATOM   1    N N   . PRO A 1 1   ? -13.543 -12.599 6.772   1.00 72.10  ? 1   PRO A N   1 
ATOM   2    C CA  . PRO A 1 1   ? -12.468 -11.968 5.991   1.00 68.86  ? 1   PRO A CA  1 
ATOM   3    C C   . PRO A 1 1   ? -11.128 -12.700 6.034   1.00 64.49  ? 1   PRO A C   1 
ATOM   4    O O   . PRO A 1 1   ? -10.953 -13.747 5.388   1.00 63.79  ? 1   PRO A O   1 
ATOM   5    C CB  . PRO A 1 1   ? -12.334 -10.524 6.490   1.00 71.39  ? 1   PRO A CB  1 
ATOM   6    C CG  . PRO A 1 1   ? -13.608 -10.347 7.386   1.00 74.43  ? 1   PRO A CG  1 
ATOM   7    C CD  . PRO A 1 1   ? -14.521 -11.561 7.127   1.00 74.06  ? 1   PRO A CD  1 
ATOM   8    N N   . ASN A 1 2   ? -10.211 -12.173 6.843   1.00 58.07  ? 2   ASN A N   1 
ATOM   9    C CA  . ASN A 1 2   ? -8.851  -12.696 6.975   1.00 51.81  ? 2   ASN A CA  1 
ATOM   10   C C   . ASN A 1 2   ? -7.973  -12.453 5.750   1.00 45.14  ? 2   ASN A C   1 
ATOM   11   O O   . ASN A 1 2   ? -8.008  -13.199 4.767   1.00 44.09  ? 2   ASN A O   1 
ATOM   12   C CB  . ASN A 1 2   ? -8.809  -14.171 7.341   1.00 54.50  ? 2   ASN A CB  1 
ATOM   13   C CG  . ASN A 1 2   ? -7.419  -14.606 7.742   1.00 55.26  ? 2   ASN A CG  1 
ATOM   14   O OD1 . ASN A 1 2   ? -6.804  -14.000 8.617   1.00 55.45  ? 2   ASN A OD1 1 
ATOM   15   N ND2 . ASN A 1 2   ? -6.897  -15.625 7.077   1.00 59.63  ? 2   ASN A ND2 1 
ATOM   16   N N   . PHE A 1 3   ? -7.199  -11.381 5.829   1.00 36.46  ? 3   PHE A N   1 
ATOM   17   C CA  . PHE A 1 3   ? -6.284  -10.983 4.784   1.00 28.98  ? 3   PHE A CA  1 
ATOM   18   C C   . PHE A 1 3   ? -5.086  -11.917 4.587   1.00 26.54  ? 3   PHE A C   1 
ATOM   19   O O   . PHE A 1 3   ? -4.456  -11.893 3.550   1.00 26.32  ? 3   PHE A O   1 
ATOM   20   C CB  . PHE A 1 3   ? -5.815  -9.567  5.071   1.00 22.81  ? 3   PHE A CB  1 
ATOM   21   C CG  . PHE A 1 3   ? -6.883  -8.533  4.894   1.00 17.30  ? 3   PHE A CG  1 
ATOM   22   C CD1 . PHE A 1 3   ? -7.946  -8.457  5.773   1.00 18.78  ? 3   PHE A CD1 1 
ATOM   23   C CD2 . PHE A 1 3   ? -6.820  -7.621  3.853   1.00 18.20  ? 3   PHE A CD2 1 
ATOM   24   C CE1 . PHE A 1 3   ? -8.931  -7.491  5.626   1.00 11.40  ? 3   PHE A CE1 1 
ATOM   25   C CE2 . PHE A 1 3   ? -7.800  -6.651  3.695   1.00 17.10  ? 3   PHE A CE2 1 
ATOM   26   C CZ  . PHE A 1 3   ? -8.856  -6.592  4.592   1.00 15.15  ? 3   PHE A CZ  1 
ATOM   27   N N   . SER A 1 4   ? -4.800  -12.772 5.557   1.00 27.50  ? 4   SER A N   1 
ATOM   28   C CA  . SER A 1 4   ? -3.651  -13.670 5.451   1.00 30.73  ? 4   SER A CA  1 
ATOM   29   C C   . SER A 1 4   ? -3.515  -14.336 4.090   1.00 31.70  ? 4   SER A C   1 
ATOM   30   O O   . SER A 1 4   ? -4.518  -14.681 3.458   1.00 32.86  ? 4   SER A O   1 
ATOM   31   C CB  . SER A 1 4   ? -3.710  -14.773 6.522   1.00 32.37  ? 4   SER A CB  1 
ATOM   32   O OG  . SER A 1 4   ? -3.426  -14.286 7.818   1.00 33.65  ? 4   SER A OG  1 
ATOM   33   N N   . GLY A 1 5   ? -2.266  -14.507 3.652   1.00 31.92  ? 5   GLY A N   1 
ATOM   34   C CA  . GLY A 1 5   ? -1.984  -15.155 2.378   1.00 28.64  ? 5   GLY A CA  1 
ATOM   35   C C   . GLY A 1 5   ? -0.920  -14.514 1.504   1.00 25.98  ? 5   GLY A C   1 
ATOM   36   O O   . GLY A 1 5   ? -0.412  -13.451 1.833   1.00 25.31  ? 5   GLY A O   1 
ATOM   37   N N   . ASN A 1 6   ? -0.554  -15.201 0.420   1.00 24.48  ? 6   ASN A N   1 
ATOM   38   C CA  . ASN A 1 6   ? 0.416   -14.710 -0.543  1.00 24.93  ? 6   ASN A CA  1 
ATOM   39   C C   . ASN A 1 6   ? -0.409  -14.253 -1.724  1.00 24.23  ? 6   ASN A C   1 
ATOM   40   O O   . ASN A 1 6   ? -1.249  -14.996 -2.231  1.00 23.32  ? 6   ASN A O   1 
ATOM   41   C CB  . ASN A 1 6   ? 1.392   -15.802 -0.953  1.00 28.85  ? 6   ASN A CB  1 
ATOM   42   C CG  . ASN A 1 6   ? 2.269   -16.252 0.201   1.00 32.75  ? 6   ASN A CG  1 
ATOM   43   O OD1 . ASN A 1 6   ? 2.271   -17.419 0.567   1.00 41.36  ? 6   ASN A OD1 1 
ATOM   44   N ND2 . ASN A 1 6   ? 3.007   -15.326 0.786   1.00 38.29  ? 6   ASN A ND2 1 
ATOM   45   N N   . TRP A 1 7   ? -0.180  -13.011 -2.134  1.00 20.63  ? 7   TRP A N   1 
ATOM   46   C CA  . TRP A 1 7   ? -0.947  -12.404 -3.196  1.00 17.02  ? 7   TRP A CA  1 
ATOM   47   C C   . TRP A 1 7   ? -0.109  -11.999 -4.388  1.00 16.73  ? 7   TRP A C   1 
ATOM   48   O O   . TRP A 1 7   ? 1.027   -11.587 -4.244  1.00 17.65  ? 7   TRP A O   1 
ATOM   49   C CB  . TRP A 1 7   ? -1.669  -11.178 -2.633  1.00 17.47  ? 7   TRP A CB  1 
ATOM   50   C CG  . TRP A 1 7   ? -2.569  -11.487 -1.490  1.00 17.81  ? 7   TRP A CG  1 
ATOM   51   C CD1 . TRP A 1 7   ? -2.211  -11.610 -0.187  1.00 20.83  ? 7   TRP A CD1 1 
ATOM   52   C CD2 . TRP A 1 7   ? -3.988  -11.722 -1.543  1.00 19.32  ? 7   TRP A CD2 1 
ATOM   53   N NE1 . TRP A 1 7   ? -3.311  -11.908 0.580   1.00 21.39  ? 7   TRP A NE1 1 
ATOM   54   C CE2 . TRP A 1 7   ? -4.416  -11.982 -0.230  1.00 19.61  ? 7   TRP A CE2 1 
ATOM   55   C CE3 . TRP A 1 7   ? -4.936  -11.737 -2.578  1.00 17.42  ? 7   TRP A CE3 1 
ATOM   56   C CZ2 . TRP A 1 7   ? -5.761  -12.257 0.090   1.00 19.82  ? 7   TRP A CZ2 1 
ATOM   57   C CZ3 . TRP A 1 7   ? -6.264  -12.012 -2.268  1.00 17.10  ? 7   TRP A CZ3 1 
ATOM   58   C CH2 . TRP A 1 7   ? -6.666  -12.269 -0.941  1.00 18.57  ? 7   TRP A CH2 1 
ATOM   59   N N   . LYS A 1 8   ? -0.678  -12.129 -5.577  1.00 17.68  ? 8   LYS A N   1 
ATOM   60   C CA  . LYS A 1 8   ? 0.021   -11.749 -6.793  1.00 17.51  ? 8   LYS A CA  1 
ATOM   61   C C   . LYS A 1 8   ? -0.885  -10.798 -7.502  1.00 15.31  ? 8   LYS A C   1 
ATOM   62   O O   . LYS A 1 8   ? -2.098  -10.913 -7.429  1.00 17.61  ? 8   LYS A O   1 
ATOM   63   C CB  . LYS A 1 8   ? 0.314   -12.947 -7.674  1.00 19.91  ? 8   LYS A CB  1 
ATOM   64   C CG  . LYS A 1 8   ? -0.911  -13.732 -8.022  1.00 25.69  ? 8   LYS A CG  1 
ATOM   65   C CD  . LYS A 1 8   ? -0.570  -14.831 -8.981  1.00 29.94  ? 8   LYS A CD  1 
ATOM   66   C CE  . LYS A 1 8   ? -1.726  -15.784 -9.083  1.00 35.11  ? 8   LYS A CE  1 
ATOM   67   N NZ  . LYS A 1 8   ? -1.378  -16.927 -9.961  1.00 43.77  ? 8   LYS A NZ  1 
ATOM   68   N N   . ILE A 1 9   ? -0.298  -9.881  -8.239  1.00 15.26  ? 9   ILE A N   1 
ATOM   69   C CA  . ILE A 1 9   ? -1.088  -8.874  -8.892  1.00 16.81  ? 9   ILE A CA  1 
ATOM   70   C C   . ILE A 1 9   ? -1.674  -9.312  -10.208 1.00 18.23  ? 9   ILE A C   1 
ATOM   71   O O   . ILE A 1 9   ? -1.080  -10.129 -10.930 1.00 20.75  ? 9   ILE A O   1 
ATOM   72   C CB  . ILE A 1 9   ? -0.250  -7.643  -9.079  1.00 17.99  ? 9   ILE A CB  1 
ATOM   73   C CG1 . ILE A 1 9   ? -1.139  -6.435  -9.353  1.00 21.43  ? 9   ILE A CG1 1 
ATOM   74   C CG2 . ILE A 1 9   ? 0.797   -7.912  -10.153 1.00 19.66  ? 9   ILE A CG2 1 
ATOM   75   C CD1 . ILE A 1 9   ? -0.378  -5.153  -9.491  1.00 19.06  ? 9   ILE A CD1 1 
ATOM   76   N N   . ILE A 1 10  ? -2.857  -8.782  -10.506 1.00 18.45  ? 10  ILE A N   1 
ATOM   77   C CA  . ILE A 1 10  ? -3.539  -9.069  -11.756 1.00 17.03  ? 10  ILE A CA  1 
ATOM   78   C C   . ILE A 1 10  ? -3.905  -7.795  -12.497 1.00 17.41  ? 10  ILE A C   1 
ATOM   79   O O   . ILE A 1 10  ? -3.930  -7.785  -13.719 1.00 18.78  ? 10  ILE A O   1 
ATOM   80   C CB  . ILE A 1 10  ? -4.806  -9.964  -11.580 1.00 19.45  ? 10  ILE A CB  1 
ATOM   81   C CG1 . ILE A 1 10  ? -5.778  -9.360  -10.564 1.00 18.46  ? 10  ILE A CG1 1 
ATOM   82   C CG2 . ILE A 1 10  ? -4.389  -11.403 -11.223 1.00 19.99  ? 10  ILE A CG2 1 
ATOM   83   C CD1 . ILE A 1 10  ? -7.197  -9.885  -10.692 1.00 14.31  ? 10  ILE A CD1 1 
ATOM   84   N N   . ARG A 1 11  ? -4.171  -6.708  -11.771 1.00 17.75  ? 11  ARG A N   1 
ATOM   85   C CA  . ARG A 1 11  ? -4.529  -5.441  -12.412 1.00 14.38  ? 11  ARG A CA  1 
ATOM   86   C C   . ARG A 1 11  ? -3.900  -4.308  -11.659 1.00 14.90  ? 11  ARG A C   1 
ATOM   87   O O   . ARG A 1 11  ? -3.688  -4.408  -10.475 1.00 15.99  ? 11  ARG A O   1 
ATOM   88   C CB  . ARG A 1 11  ? -6.035  -5.236  -12.391 1.00 12.28  ? 11  ARG A CB  1 
ATOM   89   C CG  . ARG A 1 11  ? -6.772  -6.246  -13.180 1.00 11.91  ? 11  ARG A CG  1 
ATOM   90   C CD  . ARG A 1 11  ? -8.196  -6.349  -12.749 1.00 14.14  ? 11  ARG A CD  1 
ATOM   91   N NE  . ARG A 1 11  ? -8.791  -7.565  -13.283 1.00 15.39  ? 11  ARG A NE  1 
ATOM   92   C CZ  . ARG A 1 11  ? -9.906  -8.102  -12.816 1.00 17.52  ? 11  ARG A CZ  1 
ATOM   93   N NH1 . ARG A 1 11  ? -10.521 -7.518  -11.806 1.00 17.01  ? 11  ARG A NH1 1 
ATOM   94   N NH2 . ARG A 1 11  ? -10.415 -9.208  -13.370 1.00 19.00  ? 11  ARG A NH2 1 
ATOM   95   N N   . SER A 1 12  ? -3.619  -3.221  -12.357 1.00 17.26  ? 12  SER A N   1 
ATOM   96   C CA  . SER A 1 12  ? -3.035  -2.042  -11.747 1.00 18.51  ? 12  SER A CA  1 
ATOM   97   C C   . SER A 1 12  ? -3.346  -0.868  -12.658 1.00 21.27  ? 12  SER A C   1 
ATOM   98   O O   . SER A 1 12  ? -3.429  -1.042  -13.873 1.00 23.52  ? 12  SER A O   1 
ATOM   99   C CB  . SER A 1 12  ? -1.523  -2.208  -11.615 1.00 17.48  ? 12  SER A CB  1 
ATOM   100  O OG  . SER A 1 12  ? -0.914  -1.000  -11.182 1.00 17.05  ? 12  SER A OG  1 
ATOM   101  N N   . GLU A 1 13  ? -3.611  0.300   -12.067 1.00 24.19  ? 13  GLU A N   1 
ATOM   102  C CA  . GLU A 1 13  ? -3.875  1.530   -12.829 1.00 23.01  ? 13  GLU A CA  1 
ATOM   103  C C   . GLU A 1 13  ? -3.432  2.771   -12.054 1.00 21.10  ? 13  GLU A C   1 
ATOM   104  O O   . GLU A 1 13  ? -3.596  2.836   -10.844 1.00 21.71  ? 13  GLU A O   1 
ATOM   105  C CB  . GLU A 1 13  ? -5.357  1.661   -13.166 1.00 22.32  ? 13  GLU A CB  1 
ATOM   106  C CG  . GLU A 1 13  ? -6.187  1.930   -11.973 1.00 27.87  ? 13  GLU A CG  1 
ATOM   107  C CD  . GLU A 1 13  ? -7.654  1.871   -12.276 1.00 35.51  ? 13  GLU A CD  1 
ATOM   108  O OE1 . GLU A 1 13  ? -8.203  0.740   -12.332 1.00 36.27  ? 13  GLU A OE1 1 
ATOM   109  O OE2 . GLU A 1 13  ? -8.250  2.965   -12.442 1.00 35.10  ? 13  GLU A OE2 1 
ATOM   110  N N   . ASN A 1 14  ? -2.852  3.732   -12.772 1.00 21.83  ? 14  ASN A N   1 
ATOM   111  C CA  . ASN A 1 14  ? -2.390  5.009   -12.234 1.00 22.13  ? 14  ASN A CA  1 
ATOM   112  C C   . ASN A 1 14  ? -1.211  5.012   -11.298 1.00 22.80  ? 14  ASN A C   1 
ATOM   113  O O   . ASN A 1 14  ? -1.021  5.985   -10.574 1.00 22.41  ? 14  ASN A O   1 
ATOM   114  C CB  . ASN A 1 14  ? -3.529  5.758   -11.559 1.00 30.59  ? 14  ASN A CB  1 
ATOM   115  C CG  . ASN A 1 14  ? -4.573  6.230   -12.530 1.00 35.09  ? 14  ASN A CG  1 
ATOM   116  O OD1 . ASN A 1 14  ? -4.372  6.214   -13.745 1.00 37.77  ? 14  ASN A OD1 1 
ATOM   117  N ND2 . ASN A 1 14  ? -5.704  6.664   -11.997 1.00 40.56  ? 14  ASN A ND2 1 
ATOM   118  N N   . PHE A 1 15  ? -0.422  3.942   -11.308 1.00 21.84  ? 15  PHE A N   1 
ATOM   119  C CA  . PHE A 1 15  ? 0.740   3.852   -10.445 1.00 21.76  ? 15  PHE A CA  1 
ATOM   120  C C   . PHE A 1 15  ? 1.805   4.889   -10.801 1.00 22.04  ? 15  PHE A C   1 
ATOM   121  O O   . PHE A 1 15  ? 2.374   5.520   -9.912  1.00 22.99  ? 15  PHE A O   1 
ATOM   122  C CB  . PHE A 1 15  ? 1.334   2.438   -10.478 1.00 20.55  ? 15  PHE A CB  1 
ATOM   123  C CG  . PHE A 1 15  ? 2.541   2.263   -9.581  1.00 21.20  ? 15  PHE A CG  1 
ATOM   124  C CD1 . PHE A 1 15  ? 2.449   2.514   -8.209  1.00 18.40  ? 15  PHE A CD1 1 
ATOM   125  C CD2 . PHE A 1 15  ? 3.786   1.896   -10.120 1.00 17.91  ? 15  PHE A CD2 1 
ATOM   126  C CE1 . PHE A 1 15  ? 3.578   2.406   -7.387  1.00 22.50  ? 15  PHE A CE1 1 
ATOM   127  C CE2 . PHE A 1 15  ? 4.910   1.788   -9.305  1.00 18.31  ? 15  PHE A CE2 1 
ATOM   128  C CZ  . PHE A 1 15  ? 4.814   2.045   -7.941  1.00 19.99  ? 15  PHE A CZ  1 
ATOM   129  N N   . GLU A 1 16  ? 2.095   5.062   -12.087 1.00 24.51  ? 16  GLU A N   1 
ATOM   130  C CA  . GLU A 1 16  ? 3.106   6.042   -12.496 1.00 29.32  ? 16  GLU A CA  1 
ATOM   131  C C   . GLU A 1 16  ? 2.637   7.476   -12.288 1.00 28.30  ? 16  GLU A C   1 
ATOM   132  O O   . GLU A 1 16  ? 3.414   8.352   -11.909 1.00 28.15  ? 16  GLU A O   1 
ATOM   133  C CB  . GLU A 1 16  ? 3.533   5.846   -13.947 1.00 33.24  ? 16  GLU A CB  1 
ATOM   134  C CG  . GLU A 1 16  ? 4.546   6.901   -14.379 1.00 43.47  ? 16  GLU A CG  1 
ATOM   135  C CD  . GLU A 1 16  ? 5.449   6.459   -15.517 1.00 49.43  ? 16  GLU A CD  1 
ATOM   136  O OE1 . GLU A 1 16  ? 5.015   5.614   -16.332 1.00 56.05  ? 16  GLU A OE1 1 
ATOM   137  O OE2 . GLU A 1 16  ? 6.599   6.960   -15.594 1.00 52.76  ? 16  GLU A OE2 1 
ATOM   138  N N   . GLU A 1 17  ? 1.357   7.693   -12.559 1.00 27.58  ? 17  GLU A N   1 
ATOM   139  C CA  . GLU A 1 17  ? 0.705   8.968   -12.396 1.00 25.94  ? 17  GLU A CA  1 
ATOM   140  C C   . GLU A 1 17  ? 0.813   9.367   -10.913 1.00 26.66  ? 17  GLU A C   1 
ATOM   141  O O   . GLU A 1 17  ? 1.120   10.518  -10.586 1.00 29.60  ? 17  GLU A O   1 
ATOM   142  C CB  . GLU A 1 17  ? -0.750  8.815   -12.818 1.00 29.79  ? 17  GLU A CB  1 
ATOM   143  C CG  . GLU A 1 17  ? -0.992  8.615   -14.339 1.00 39.64  ? 17  GLU A CG  1 
ATOM   144  C CD  . GLU A 1 17  ? -0.421  7.319   -14.951 1.00 46.64  ? 17  GLU A CD  1 
ATOM   145  O OE1 . GLU A 1 17  ? -0.367  6.267   -14.272 1.00 46.42  ? 17  GLU A OE1 1 
ATOM   146  O OE2 . GLU A 1 17  ? -0.029  7.355   -16.145 1.00 50.47  ? 17  GLU A OE2 1 
ATOM   147  N N   . LEU A 1 18  ? 0.615   8.398   -10.017 1.00 24.09  ? 18  LEU A N   1 
ATOM   148  C CA  . LEU A 1 18  ? 0.716   8.615   -8.559  1.00 23.89  ? 18  LEU A CA  1 
ATOM   149  C C   . LEU A 1 18  ? 2.148   9.025   -8.136  1.00 23.64  ? 18  LEU A C   1 
ATOM   150  O O   . LEU A 1 18  ? 2.338   9.832   -7.233  1.00 22.96  ? 18  LEU A O   1 
ATOM   151  C CB  . LEU A 1 18  ? 0.310   7.327   -7.806  1.00 22.74  ? 18  LEU A CB  1 
ATOM   152  C CG  . LEU A 1 18  ? 0.429   7.219   -6.279  1.00 21.11  ? 18  LEU A CG  1 
ATOM   153  C CD1 . LEU A 1 18  ? -0.876  7.609   -5.657  1.00 21.88  ? 18  LEU A CD1 1 
ATOM   154  C CD2 . LEU A 1 18  ? 0.777   5.806   -5.849  1.00 18.92  ? 18  LEU A CD2 1 
ATOM   155  N N   . LEU A 1 19  ? 3.142   8.412   -8.772  1.00 24.99  ? 19  LEU A N   1 
ATOM   156  C CA  . LEU A 1 19  ? 4.555   8.670   -8.516  1.00 22.96  ? 19  LEU A CA  1 
ATOM   157  C C   . LEU A 1 19  ? 4.939   10.049  -9.032  1.00 23.07  ? 19  LEU A C   1 
ATOM   158  O O   . LEU A 1 19  ? 5.758   10.729  -8.423  1.00 21.73  ? 19  LEU A O   1 
ATOM   159  C CB  . LEU A 1 19  ? 5.394   7.608   -9.229  1.00 20.72  ? 19  LEU A CB  1 
ATOM   160  C CG  . LEU A 1 19  ? 5.889   6.381   -8.474  1.00 16.89  ? 19  LEU A CG  1 
ATOM   161  C CD1 . LEU A 1 19  ? 5.115   6.147   -7.204  1.00 19.51  ? 19  LEU A CD1 1 
ATOM   162  C CD2 . LEU A 1 19  ? 5.856   5.193   -9.401  1.00 16.85  ? 19  LEU A CD2 1 
ATOM   163  N N   . LYS A 1 20  ? 4.392   10.423  -10.187 1.00 23.66  ? 20  LYS A N   1 
ATOM   164  C CA  . LYS A 1 20  ? 4.647   11.731  -10.772 1.00 28.00  ? 20  LYS A CA  1 
ATOM   165  C C   . LYS A 1 20  ? 4.180   12.792  -9.773  1.00 30.13  ? 20  LYS A C   1 
ATOM   166  O O   . LYS A 1 20  ? 4.887   13.763  -9.502  1.00 30.51  ? 20  LYS A O   1 
ATOM   167  C CB  . LYS A 1 20  ? 3.859   11.902  -12.065 1.00 30.79  ? 20  LYS A CB  1 
ATOM   168  C CG  . LYS A 1 20  ? 4.338   11.070  -13.242 1.00 39.14  ? 20  LYS A CG  1 
ATOM   169  C CD  . LYS A 1 20  ? 3.293   11.073  -14.366 1.00 45.35  ? 20  LYS A CD  1 
ATOM   170  C CE  . LYS A 1 20  ? 3.787   10.358  -15.627 1.00 51.57  ? 20  LYS A CE  1 
ATOM   171  N NZ  . LYS A 1 20  ? 2.801   10.410  -16.767 1.00 52.04  ? 20  LYS A NZ  1 
ATOM   172  N N   . VAL A 1 21  ? 2.979   12.584  -9.237  1.00 30.29  ? 21  VAL A N   1 
ATOM   173  C CA  . VAL A 1 21  ? 2.367   13.477  -8.254  1.00 31.87  ? 21  VAL A CA  1 
ATOM   174  C C   . VAL A 1 21  ? 3.266   13.643  -7.015  1.00 31.78  ? 21  VAL A C   1 
ATOM   175  O O   . VAL A 1 21  ? 3.389   14.747  -6.469  1.00 33.04  ? 21  VAL A O   1 
ATOM   176  C CB  . VAL A 1 21  ? 0.944   12.928  -7.834  1.00 35.78  ? 21  VAL A CB  1 
ATOM   177  C CG1 . VAL A 1 21  ? 0.323   13.756  -6.717  1.00 35.46  ? 21  VAL A CG1 1 
ATOM   178  C CG2 . VAL A 1 21  ? 0.008   12.912  -9.037  1.00 35.57  ? 21  VAL A CG2 1 
ATOM   179  N N   . LEU A 1 22  ? 3.909   12.557  -6.590  1.00 30.01  ? 22  LEU A N   1 
ATOM   180  C CA  . LEU A 1 22  ? 4.787   12.578  -5.419  1.00 28.36  ? 22  LEU A CA  1 
ATOM   181  C C   . LEU A 1 22  ? 6.171   13.113  -5.755  1.00 28.27  ? 22  LEU A C   1 
ATOM   182  O O   . LEU A 1 22  ? 7.070   13.133  -4.916  1.00 28.76  ? 22  LEU A O   1 
ATOM   183  C CB  . LEU A 1 22  ? 4.879   11.186  -4.793  1.00 27.95  ? 22  LEU A CB  1 
ATOM   184  C CG  . LEU A 1 22  ? 3.578   10.703  -4.138  1.00 27.58  ? 22  LEU A CG  1 
ATOM   185  C CD1 . LEU A 1 22  ? 3.632   9.216   -3.863  1.00 26.23  ? 22  LEU A CD1 1 
ATOM   186  C CD2 . LEU A 1 22  ? 3.310   11.481  -2.870  1.00 26.64  ? 22  LEU A CD2 1 
ATOM   187  N N   . GLY A 1 23  ? 6.308   13.562  -6.997  1.00 31.01  ? 23  GLY A N   1 
ATOM   188  C CA  . GLY A 1 23  ? 7.549   14.129  -7.491  1.00 30.98  ? 23  GLY A CA  1 
ATOM   189  C C   . GLY A 1 23  ? 8.710   13.169  -7.634  1.00 31.82  ? 23  GLY A C   1 
ATOM   190  O O   . GLY A 1 23  ? 9.848   13.597  -7.464  1.00 34.02  ? 23  GLY A O   1 
ATOM   191  N N   . VAL A 1 24  ? 8.445   11.889  -7.914  1.00 29.19  ? 24  VAL A N   1 
ATOM   192  C CA  . VAL A 1 24  ? 9.519   10.915  -8.075  1.00 26.76  ? 24  VAL A CA  1 
ATOM   193  C C   . VAL A 1 24  ? 10.110  11.208  -9.441  1.00 29.06  ? 24  VAL A C   1 
ATOM   194  O O   . VAL A 1 24  ? 9.356   11.468  -10.391 1.00 31.49  ? 24  VAL A O   1 
ATOM   195  C CB  . VAL A 1 24  ? 8.991   9.473   -7.987  1.00 21.87  ? 24  VAL A CB  1 
ATOM   196  C CG1 . VAL A 1 24  ? 10.094  8.486   -8.219  1.00 20.42  ? 24  VAL A CG1 1 
ATOM   197  C CG2 . VAL A 1 24  ? 8.439   9.234   -6.615  1.00 20.29  ? 24  VAL A CG2 1 
ATOM   198  N N   . ASN A 1 25  ? 11.444  11.225  -9.547  1.00 28.09  ? 25  ASN A N   1 
ATOM   199  C CA  . ASN A 1 25  ? 12.050  11.541  -10.837 1.00 29.28  ? 25  ASN A CA  1 
ATOM   200  C C   . ASN A 1 25  ? 11.887  10.441  -11.865 1.00 28.71  ? 25  ASN A C   1 
ATOM   201  O O   . ASN A 1 25  ? 11.654  9.294   -11.506 1.00 32.26  ? 25  ASN A O   1 
ATOM   202  C CB  . ASN A 1 25  ? 13.507  12.017  -10.710 1.00 32.41  ? 25  ASN A CB  1 
ATOM   203  C CG  . ASN A 1 25  ? 14.476  10.918  -10.351 1.00 33.01  ? 25  ASN A CG  1 
ATOM   204  O OD1 . ASN A 1 25  ? 14.837  10.093  -11.187 1.00 38.16  ? 25  ASN A OD1 1 
ATOM   205  N ND2 . ASN A 1 25  ? 14.962  10.946  -9.120  1.00 40.32  ? 25  ASN A ND2 1 
ATOM   206  N N   . VAL A 1 26  ? 12.028  10.784  -13.141 1.00 26.76  ? 26  VAL A N   1 
ATOM   207  C CA  . VAL A 1 26  ? 11.838  9.823   -14.212 1.00 25.87  ? 26  VAL A CA  1 
ATOM   208  C C   . VAL A 1 26  ? 12.620  8.533   -14.141 1.00 25.92  ? 26  VAL A C   1 
ATOM   209  O O   . VAL A 1 26  ? 12.110  7.505   -14.558 1.00 29.79  ? 26  VAL A O   1 
ATOM   210  C CB  . VAL A 1 26  ? 12.119  10.409  -15.566 1.00 25.74  ? 26  VAL A CB  1 
ATOM   211  C CG1 . VAL A 1 26  ? 11.418  9.561   -16.617 1.00 28.73  ? 26  VAL A CG1 1 
ATOM   212  C CG2 . VAL A 1 26  ? 11.664  11.812  -15.618 1.00 27.09  ? 26  VAL A CG2 1 
ATOM   213  N N   . MET A 1 27  ? 13.869  8.589   -13.692 1.00 24.33  ? 27  MET A N   1 
ATOM   214  C CA  . MET A 1 27  ? 14.677  7.383   -13.610 1.00 24.36  ? 27  MET A CA  1 
ATOM   215  C C   . MET A 1 27  ? 14.116  6.485   -12.530 1.00 20.65  ? 27  MET A C   1 
ATOM   216  O O   . MET A 1 27  ? 13.902  5.297   -12.752 1.00 20.66  ? 27  MET A O   1 
ATOM   217  C CB  . MET A 1 27  ? 16.132  7.723   -13.296 1.00 28.78  ? 27  MET A CB  1 
ATOM   218  C CG  . MET A 1 27  ? 17.080  6.519   -13.261 1.00 32.34  ? 27  MET A CG  1 
ATOM   219  S SD  . MET A 1 27  ? 17.410  5.834   -14.896 1.00 42.68  ? 27  MET A SD  1 
ATOM   220  C CE  . MET A 1 27  ? 16.803  4.162   -14.701 1.00 44.56  ? 27  MET A CE  1 
ATOM   221  N N   . LEU A 1 28  ? 13.849  7.060   -11.367 1.00 19.76  ? 28  LEU A N   1 
ATOM   222  C CA  . LEU A 1 28  ? 13.305  6.279   -10.273 1.00 21.65  ? 28  LEU A CA  1 
ATOM   223  C C   . LEU A 1 28  ? 11.921  5.729   -10.605 1.00 22.52  ? 28  LEU A C   1 
ATOM   224  O O   . LEU A 1 28  ? 11.579  4.621   -10.199 1.00 25.75  ? 28  LEU A O   1 
ATOM   225  C CB  . LEU A 1 28  ? 13.272  7.090   -8.971  1.00 21.90  ? 28  LEU A CB  1 
ATOM   226  C CG  . LEU A 1 28  ? 14.589  7.554   -8.341  1.00 21.32  ? 28  LEU A CG  1 
ATOM   227  C CD1 . LEU A 1 28  ? 14.263  8.083   -6.971  1.00 19.07  ? 28  LEU A CD1 1 
ATOM   228  C CD2 . LEU A 1 28  ? 15.594  6.414   -8.236  1.00 21.36  ? 28  LEU A CD2 1 
ATOM   229  N N   . ARG A 1 29  ? 11.119  6.510   -11.322 1.00 25.29  ? 29  ARG A N   1 
ATOM   230  C CA  . ARG A 1 29  ? 9.783   6.088   -11.737 1.00 24.69  ? 29  ARG A CA  1 
ATOM   231  C C   . ARG A 1 29  ? 9.855   4.905   -12.672 1.00 26.60  ? 29  ARG A C   1 
ATOM   232  O O   . ARG A 1 29  ? 8.994   4.032   -12.615 1.00 28.43  ? 29  ARG A O   1 
ATOM   233  C CB  . ARG A 1 29  ? 9.066   7.198   -12.473 1.00 27.12  ? 29  ARG A CB  1 
ATOM   234  C CG  . ARG A 1 29  ? 8.125   7.951   -11.636 1.00 28.01  ? 29  ARG A CG  1 
ATOM   235  C CD  . ARG A 1 29  ? 7.231   8.719   -12.531 1.00 30.29  ? 29  ARG A CD  1 
ATOM   236  N NE  . ARG A 1 29  ? 7.628   10.104  -12.500 1.00 35.20  ? 29  ARG A NE  1 
ATOM   237  C CZ  . ARG A 1 29  ? 7.954   10.821  -13.558 1.00 33.11  ? 29  ARG A CZ  1 
ATOM   238  N NH1 . ARG A 1 29  ? 7.929   10.297  -14.779 1.00 33.92  ? 29  ARG A NH1 1 
ATOM   239  N NH2 . ARG A 1 29  ? 8.366   12.057  -13.359 1.00 36.59  ? 29  ARG A NH2 1 
ATOM   240  N N   . LYS A 1 30  ? 10.845  4.903   -13.567 1.00 26.87  ? 30  LYS A N   1 
ATOM   241  C CA  . LYS A 1 30  ? 11.035  3.792   -14.510 1.00 29.32  ? 30  LYS A CA  1 
ATOM   242  C C   . LYS A 1 30  ? 11.426  2.503   -13.782 1.00 26.11  ? 30  LYS A C   1 
ATOM   243  O O   . LYS A 1 30  ? 10.943  1.413   -14.100 1.00 26.47  ? 30  LYS A O   1 
ATOM   244  C CB  . LYS A 1 30  ? 12.105  4.128   -15.542 1.00 30.41  ? 30  LYS A CB  1 
ATOM   245  C CG  . LYS A 1 30  ? 11.714  5.194   -16.527 1.00 38.75  ? 30  LYS A CG  1 
ATOM   246  C CD  . LYS A 1 30  ? 12.946  5.612   -17.295 1.00 47.12  ? 30  LYS A CD  1 
ATOM   247  C CE  . LYS A 1 30  ? 12.649  6.651   -18.370 1.00 53.84  ? 30  LYS A CE  1 
ATOM   248  N NZ  . LYS A 1 30  ? 13.935  7.095   -19.025 1.00 57.37  ? 30  LYS A NZ  1 
ATOM   249  N N   . ILE A 1 31  ? 12.286  2.636   -12.786 1.00 23.53  ? 31  ILE A N   1 
ATOM   250  C CA  . ILE A 1 31  ? 12.714  1.486   -12.024 1.00 22.40  ? 31  ILE A CA  1 
ATOM   251  C C   . ILE A 1 31  ? 11.531  0.980   -11.188 1.00 20.36  ? 31  ILE A C   1 
ATOM   252  O O   . ILE A 1 31  ? 11.308  -0.221  -11.086 1.00 20.98  ? 31  ILE A O   1 
ATOM   253  C CB  . ILE A 1 31  ? 13.910  1.864   -11.107 1.00 24.22  ? 31  ILE A CB  1 
ATOM   254  C CG1 . ILE A 1 31  ? 15.105  2.282   -11.954 1.00 25.39  ? 31  ILE A CG1 1 
ATOM   255  C CG2 . ILE A 1 31  ? 14.320  0.694   -10.244 1.00 22.60  ? 31  ILE A CG2 1 
ATOM   256  C CD1 . ILE A 1 31  ? 16.320  2.624   -11.120 1.00 29.04  ? 31  ILE A CD1 1 
ATOM   257  N N   . ALA A 1 32  ? 10.764  1.901   -10.607 1.00 17.64  ? 32  ALA A N   1 
ATOM   258  C CA  . ALA A 1 32  ? 9.628   1.556   -9.761  1.00 16.15  ? 32  ALA A CA  1 
ATOM   259  C C   . ALA A 1 32  ? 8.572   0.820   -10.539 1.00 18.13  ? 32  ALA A C   1 
ATOM   260  O O   . ALA A 1 32  ? 8.016   -0.160  -10.068 1.00 24.18  ? 32  ALA A O   1 
ATOM   261  C CB  . ALA A 1 32  ? 9.027   2.802   -9.151  1.00 17.10  ? 32  ALA A CB  1 
ATOM   262  N N   . VAL A 1 33  ? 8.251   1.332   -11.713 1.00 17.79  ? 33  VAL A N   1 
ATOM   263  C CA  . VAL A 1 33  ? 7.254   0.729   -12.577 1.00 17.88  ? 33  VAL A CA  1 
ATOM   264  C C   . VAL A 1 33  ? 7.668   -0.681  -13.015 1.00 19.71  ? 33  VAL A C   1 
ATOM   265  O O   . VAL A 1 33  ? 6.853   -1.600  -13.008 1.00 23.80  ? 33  VAL A O   1 
ATOM   266  C CB  . VAL A 1 33  ? 6.970   1.666   -13.784 1.00 18.48  ? 33  VAL A CB  1 
ATOM   267  C CG1 . VAL A 1 33  ? 6.141   0.970   -14.821 1.00 18.66  ? 33  VAL A CG1 1 
ATOM   268  C CG2 . VAL A 1 33  ? 6.251   2.945   -13.294 1.00 16.69  ? 33  VAL A CG2 1 
ATOM   269  N N   . ALA A 1 34  ? 8.947   -0.872  -13.322 1.00 20.96  ? 34  ALA A N   1 
ATOM   270  C CA  . ALA A 1 34  ? 9.470   -2.164  -13.747 1.00 19.07  ? 34  ALA A CA  1 
ATOM   271  C C   . ALA A 1 34  ? 9.459   -3.182  -12.621 1.00 20.43  ? 34  ALA A C   1 
ATOM   272  O O   . ALA A 1 34  ? 9.206   -4.365  -12.842 1.00 23.20  ? 34  ALA A O   1 
ATOM   273  C CB  . ALA A 1 34  ? 10.891  -2.000  -14.278 1.00 19.19  ? 34  ALA A CB  1 
ATOM   274  N N   . ALA A 1 35  ? 9.768   -2.726  -11.414 1.00 21.25  ? 35  ALA A N   1 
ATOM   275  C CA  . ALA A 1 35  ? 9.813   -3.580  -10.235 1.00 18.70  ? 35  ALA A CA  1 
ATOM   276  C C   . ALA A 1 35  ? 8.432   -3.910  -9.684  1.00 21.10  ? 35  ALA A C   1 
ATOM   277  O O   . ALA A 1 35  ? 8.210   -5.021  -9.227  1.00 23.85  ? 35  ALA A O   1 
ATOM   278  C CB  . ALA A 1 35  ? 10.684  -2.935  -9.152  1.00 16.09  ? 35  ALA A CB  1 
ATOM   279  N N   . ALA A 1 36  ? 7.503   -2.953  -9.719  1.00 20.97  ? 36  ALA A N   1 
ATOM   280  C CA  . ALA A 1 36  ? 6.147   -3.147  -9.207  1.00 19.51  ? 36  ALA A CA  1 
ATOM   281  C C   . ALA A 1 36  ? 5.311   -4.068  -10.115 1.00 23.87  ? 36  ALA A C   1 
ATOM   282  O O   . ALA A 1 36  ? 4.176   -4.451  -9.773  1.00 22.31  ? 36  ALA A O   1 
ATOM   283  C CB  . ALA A 1 36  ? 5.457   -1.803  -9.067  1.00 16.84  ? 36  ALA A CB  1 
ATOM   284  N N   . SER A 1 37  ? 5.895   -4.466  -11.241 1.00 21.80  ? 37  SER A N   1 
ATOM   285  C CA  . SER A 1 37  ? 5.199   -5.297  -12.205 1.00 24.28  ? 37  SER A CA  1 
ATOM   286  C C   . SER A 1 37  ? 4.905   -6.702  -11.701 1.00 23.68  ? 37  SER A C   1 
ATOM   287  O O   . SER A 1 37  ? 3.889   -7.293  -12.052 1.00 22.46  ? 37  SER A O   1 
ATOM   288  C CB  . SER A 1 37  ? 5.997   -5.342  -13.500 1.00 27.00  ? 37  SER A CB  1 
ATOM   289  O OG  . SER A 1 37  ? 5.306   -6.106  -14.459 1.00 39.40  ? 37  SER A OG  1 
ATOM   290  N N   . LYS A 1 38  ? 5.801   -7.236  -10.886 1.00 23.80  ? 38  LYS A N   1 
ATOM   291  C CA  . LYS A 1 38  ? 5.613   -8.564  -10.330 1.00 28.62  ? 38  LYS A CA  1 
ATOM   292  C C   . LYS A 1 38  ? 6.053   -8.613  -8.875  1.00 25.76  ? 38  LYS A C   1 
ATOM   293  O O   . LYS A 1 38  ? 7.107   -9.147  -8.538  1.00 28.80  ? 38  LYS A O   1 
ATOM   294  C CB  . LYS A 1 38  ? 6.363   -9.628  -11.143 1.00 34.03  ? 38  LYS A CB  1 
ATOM   295  C CG  . LYS A 1 38  ? 5.795   -9.905  -12.541 1.00 44.58  ? 38  LYS A CG  1 
ATOM   296  C CD  . LYS A 1 38  ? 6.822   -10.681 -13.411 1.00 51.44  ? 38  LYS A CD  1 
ATOM   297  C CE  . LYS A 1 38  ? 6.446   -10.737 -14.911 1.00 54.95  ? 38  LYS A CE  1 
ATOM   298  N NZ  . LYS A 1 38  ? 7.503   -11.393 -15.765 1.00 56.32  ? 38  LYS A NZ  1 
ATOM   299  N N   . PRO A 1 39  ? 5.262   -8.004  -7.993  1.00 23.65  ? 39  PRO A N   1 
ATOM   300  C CA  . PRO A 1 39  ? 5.655   -8.037  -6.593  1.00 22.08  ? 39  PRO A CA  1 
ATOM   301  C C   . PRO A 1 39  ? 5.169   -9.325  -5.952  1.00 22.95  ? 39  PRO A C   1 
ATOM   302  O O   . PRO A 1 39  ? 4.529   -10.156 -6.601  1.00 25.12  ? 39  PRO A O   1 
ATOM   303  C CB  . PRO A 1 39  ? 4.947   -6.804  -6.017  1.00 24.15  ? 39  PRO A CB  1 
ATOM   304  C CG  . PRO A 1 39  ? 3.679   -6.722  -6.800  1.00 23.82  ? 39  PRO A CG  1 
ATOM   305  C CD  . PRO A 1 39  ? 4.057   -7.176  -8.212  1.00 23.29  ? 39  PRO A CD  1 
ATOM   306  N N   . ALA A 1 40  ? 5.522   -9.530  -4.695  1.00 19.58  ? 40  ALA A N   1 
ATOM   307  C CA  . ALA A 1 40  ? 5.057   -10.691 -3.986  1.00 17.90  ? 40  ALA A CA  1 
ATOM   308  C C   . ALA A 1 40  ? 4.612   -10.069 -2.696  1.00 18.96  ? 40  ALA A C   1 
ATOM   309  O O   . ALA A 1 40  ? 5.384   -9.376  -2.054  1.00 21.50  ? 40  ALA A O   1 
ATOM   310  C CB  . ALA A 1 40  ? 6.172   -11.648 -3.757  1.00 19.58  ? 40  ALA A CB  1 
ATOM   311  N N   . VAL A 1 41  ? 3.327   -10.188 -2.394  1.00 19.98  ? 41  VAL A N   1 
ATOM   312  C CA  . VAL A 1 41  ? 2.766   -9.624  -1.173  1.00 20.82  ? 41  VAL A CA  1 
ATOM   313  C C   . VAL A 1 41  ? 2.451   -10.748 -0.202  1.00 23.61  ? 41  VAL A C   1 
ATOM   314  O O   . VAL A 1 41  ? 1.743   -11.687 -0.541  1.00 25.46  ? 41  VAL A O   1 
ATOM   315  C CB  . VAL A 1 41  ? 1.466   -8.826  -1.455  1.00 18.77  ? 41  VAL A CB  1 
ATOM   316  C CG1 . VAL A 1 41  ? 0.924   -8.225  -0.187  1.00 18.34  ? 41  VAL A CG1 1 
ATOM   317  C CG2 . VAL A 1 41  ? 1.742   -7.724  -2.468  1.00 18.05  ? 41  VAL A CG2 1 
ATOM   318  N N   . GLU A 1 42  ? 3.021   -10.666 0.992   1.00 26.80  ? 42  GLU A N   1 
ATOM   319  C CA  . GLU A 1 42  ? 2.782   -11.643 2.036   1.00 27.85  ? 42  GLU A CA  1 
ATOM   320  C C   . GLU A 1 42  ? 2.039   -10.906 3.130   1.00 28.79  ? 42  GLU A C   1 
ATOM   321  O O   . GLU A 1 42  ? 2.483   -9.848  3.557   1.00 29.85  ? 42  GLU A O   1 
ATOM   322  C CB  . GLU A 1 42  ? 4.097   -12.146 2.585   1.00 31.31  ? 42  GLU A CB  1 
ATOM   323  C CG  . GLU A 1 42  ? 3.949   -12.956 3.828   1.00 38.70  ? 42  GLU A CG  1 
ATOM   324  C CD  . GLU A 1 42  ? 5.276   -13.433 4.357   1.00 46.05  ? 42  GLU A CD  1 
ATOM   325  O OE1 . GLU A 1 42  ? 6.034   -14.085 3.598   1.00 49.65  ? 42  GLU A OE1 1 
ATOM   326  O OE2 . GLU A 1 42  ? 5.563   -13.156 5.539   1.00 54.60  ? 42  GLU A OE2 1 
ATOM   327  N N   . ILE A 1 43  ? 0.871   -11.408 3.528   1.00 28.98  ? 43  ILE A N   1 
ATOM   328  C CA  . ILE A 1 43  ? 0.109   -10.770 4.596   1.00 27.64  ? 43  ILE A CA  1 
ATOM   329  C C   . ILE A 1 43  ? -0.194  -11.754 5.699   1.00 31.82  ? 43  ILE A C   1 
ATOM   330  O O   . ILE A 1 43  ? -0.487  -12.917 5.437   1.00 33.75  ? 43  ILE A O   1 
ATOM   331  C CB  . ILE A 1 43  ? -1.189  -10.155 4.102   1.00 24.21  ? 43  ILE A CB  1 
ATOM   332  C CG1 . ILE A 1 43  ? -0.883  -9.018  3.133   1.00 20.94  ? 43  ILE A CG1 1 
ATOM   333  C CG2 . ILE A 1 43  ? -1.986  -9.607  5.269   1.00 21.63  ? 43  ILE A CG2 1 
ATOM   334  C CD1 . ILE A 1 43  ? -2.104  -8.340  2.606   1.00 19.71  ? 43  ILE A CD1 1 
ATOM   335  N N   . LYS A 1 44  ? -0.037  -11.293 6.936   1.00 37.60  ? 44  LYS A N   1 
ATOM   336  C CA  . LYS A 1 44  ? -0.310  -12.091 8.133   1.00 41.54  ? 44  LYS A CA  1 
ATOM   337  C C   . LYS A 1 44  ? -1.202  -11.313 9.082   1.00 40.68  ? 44  LYS A C   1 
ATOM   338  O O   . LYS A 1 44  ? -0.813  -10.270 9.616   1.00 39.99  ? 44  LYS A O   1 
ATOM   339  C CB  . LYS A 1 44  ? 0.972   -12.468 8.866   1.00 45.84  ? 44  LYS A CB  1 
ATOM   340  C CG  . LYS A 1 44  ? 1.657   -13.674 8.309   1.00 57.41  ? 44  LYS A CG  1 
ATOM   341  C CD  . LYS A 1 44  ? 2.972   -13.883 9.023   1.00 69.57  ? 44  LYS A CD  1 
ATOM   342  C CE  . LYS A 1 44  ? 3.663   -15.173 8.574   1.00 77.61  ? 44  LYS A CE  1 
ATOM   343  N NZ  . LYS A 1 44  ? 4.924   -15.407 9.359   1.00 84.18  ? 44  LYS A NZ  1 
ATOM   344  N N   . GLN A 1 45  ? -2.410  -11.823 9.272   1.00 41.26  ? 45  GLN A N   1 
ATOM   345  C CA  . GLN A 1 45  ? -3.368  -11.194 10.153  1.00 44.27  ? 45  GLN A CA  1 
ATOM   346  C C   . GLN A 1 45  ? -3.729  -12.113 11.320  1.00 47.38  ? 45  GLN A C   1 
ATOM   347  O O   . GLN A 1 45  ? -4.041  -13.289 11.126  1.00 48.37  ? 45  GLN A O   1 
ATOM   348  C CB  . GLN A 1 45  ? -4.627  -10.855 9.362   1.00 41.34  ? 45  GLN A CB  1 
ATOM   349  C CG  . GLN A 1 45  ? -5.795  -10.385 10.208  1.00 41.22  ? 45  GLN A CG  1 
ATOM   350  C CD  . GLN A 1 45  ? -7.059  -10.234 9.399   1.00 38.31  ? 45  GLN A CD  1 
ATOM   351  O OE1 . GLN A 1 45  ? -7.184  -10.843 8.358   1.00 38.53  ? 45  GLN A OE1 1 
ATOM   352  N NE2 . GLN A 1 45  ? -7.983  -9.400  9.857   1.00 40.39  ? 45  GLN A NE2 1 
ATOM   353  N N   . GLU A 1 46  ? -3.613  -11.588 12.531  1.00 50.33  ? 46  GLU A N   1 
ATOM   354  C CA  . GLU A 1 46  ? -4.001  -12.317 13.738  1.00 54.10  ? 46  GLU A CA  1 
ATOM   355  C C   . GLU A 1 46  ? -4.827  -11.276 14.476  1.00 50.88  ? 46  GLU A C   1 
ATOM   356  O O   . GLU A 1 46  ? -4.286  -10.434 15.189  1.00 53.28  ? 46  GLU A O   1 
ATOM   357  C CB  . GLU A 1 46  ? -2.787  -12.719 14.578  1.00 61.23  ? 46  GLU A CB  1 
ATOM   358  C CG  . GLU A 1 46  ? -1.917  -13.816 13.964  1.00 73.86  ? 46  GLU A CG  1 
ATOM   359  C CD  . GLU A 1 46  ? -0.580  -14.023 14.696  1.00 81.23  ? 46  GLU A CD  1 
ATOM   360  O OE1 . GLU A 1 46  ? -0.184  -13.151 15.518  1.00 85.32  ? 46  GLU A OE1 1 
ATOM   361  O OE2 . GLU A 1 46  ? 0.083   -15.062 14.438  1.00 84.21  ? 46  GLU A OE2 1 
ATOM   362  N N   . GLY A 1 47  ? -6.127  -11.274 14.219  1.00 47.07  ? 47  GLY A N   1 
ATOM   363  C CA  . GLY A 1 47  ? -6.986  -10.290 14.846  1.00 45.37  ? 47  GLY A CA  1 
ATOM   364  C C   . GLY A 1 47  ? -6.825  -8.937  14.169  1.00 45.58  ? 47  GLY A C   1 
ATOM   365  O O   . GLY A 1 47  ? -6.896  -8.844  12.939  1.00 46.84  ? 47  GLY A O   1 
ATOM   366  N N   . ASP A 1 48  ? -6.620  -7.885  14.959  1.00 42.24  ? 48  ASP A N   1 
ATOM   367  C CA  . ASP A 1 48  ? -6.458  -6.561  14.400  1.00 38.68  ? 48  ASP A CA  1 
ATOM   368  C C   . ASP A 1 48  ? -5.006  -6.267  14.197  1.00 37.25  ? 48  ASP A C   1 
ATOM   369  O O   . ASP A 1 48  ? -4.630  -5.146  13.868  1.00 35.36  ? 48  ASP A O   1 
ATOM   370  C CB  . ASP A 1 48  ? -7.111  -5.523  15.287  1.00 42.66  ? 48  ASP A CB  1 
ATOM   371  C CG  . ASP A 1 48  ? -8.577  -5.327  14.956  1.00 48.04  ? 48  ASP A CG  1 
ATOM   372  O OD1 . ASP A 1 48  ? -9.109  -6.067  14.094  1.00 52.32  ? 48  ASP A OD1 1 
ATOM   373  O OD2 . ASP A 1 48  ? -9.204  -4.418  15.538  1.00 51.52  ? 48  ASP A OD2 1 
ATOM   374  N N   . THR A 1 49  ? -4.203  -7.313  14.356  1.00 36.54  ? 49  THR A N   1 
ATOM   375  C CA  . THR A 1 49  ? -2.764  -7.241  14.186  1.00 38.49  ? 49  THR A CA  1 
ATOM   376  C C   . THR A 1 49  ? -2.368  -7.775  12.801  1.00 37.68  ? 49  THR A C   1 
ATOM   377  O O   . THR A 1 49  ? -2.654  -8.925  12.439  1.00 35.93  ? 49  THR A O   1 
ATOM   378  C CB  . THR A 1 49  ? -2.037  -8.056  15.265  1.00 40.69  ? 49  THR A CB  1 
ATOM   379  O OG1 . THR A 1 49  ? -2.655  -7.819  16.533  1.00 47.65  ? 49  THR A OG1 1 
ATOM   380  C CG2 . THR A 1 49  ? -0.576  -7.633  15.354  1.00 43.32  ? 49  THR A CG2 1 
ATOM   381  N N   . PHE A 1 50  ? -1.691  -6.915  12.048  1.00 38.95  ? 50  PHE A N   1 
ATOM   382  C CA  . PHE A 1 50  ? -1.229  -7.215  10.695  1.00 36.43  ? 50  PHE A CA  1 
ATOM   383  C C   . PHE A 1 50  ? 0.282   -7.076  10.499  1.00 34.81  ? 50  PHE A C   1 
ATOM   384  O O   . PHE A 1 50  ? 0.983   -6.340  11.213  1.00 34.64  ? 50  PHE A O   1 
ATOM   385  C CB  . PHE A 1 50  ? -1.911  -6.269  9.697   1.00 35.22  ? 50  PHE A CB  1 
ATOM   386  C CG  . PHE A 1 50  ? -3.374  -6.528  9.492   1.00 36.93  ? 50  PHE A CG  1 
ATOM   387  C CD1 . PHE A 1 50  ? -4.315  -6.054  10.399  1.00 34.53  ? 50  PHE A CD1 1 
ATOM   388  C CD2 . PHE A 1 50  ? -3.818  -7.239  8.374   1.00 36.78  ? 50  PHE A CD2 1 
ATOM   389  C CE1 . PHE A 1 50  ? -5.680  -6.277  10.199  1.00 36.29  ? 50  PHE A CE1 1 
ATOM   390  C CE2 . PHE A 1 50  ? -5.180  -7.467  8.166   1.00 37.02  ? 50  PHE A CE2 1 
ATOM   391  C CZ  . PHE A 1 50  ? -6.112  -6.986  9.082   1.00 35.02  ? 50  PHE A CZ  1 
ATOM   392  N N   . TYR A 1 51  ? 0.757   -7.804  9.500   1.00 33.98  ? 51  TYR A N   1 
ATOM   393  C CA  . TYR A 1 51  ? 2.139   -7.786  9.061   1.00 31.74  ? 51  TYR A CA  1 
ATOM   394  C C   . TYR A 1 51  ? 1.995   -7.867  7.565   1.00 30.08  ? 51  TYR A C   1 
ATOM   395  O O   . TYR A 1 51  ? 1.436   -8.832  7.062   1.00 30.53  ? 51  TYR A O   1 
ATOM   396  C CB  . TYR A 1 51  ? 2.894   -9.022  9.498   1.00 30.08  ? 51  TYR A CB  1 
ATOM   397  C CG  . TYR A 1 51  ? 4.168   -9.240  8.703   1.00 32.10  ? 51  TYR A CG  1 
ATOM   398  C CD1 . TYR A 1 51  ? 5.264   -8.391  8.853   1.00 32.43  ? 51  TYR A CD1 1 
ATOM   399  C CD2 . TYR A 1 51  ? 4.292   -10.325 7.835   1.00 34.40  ? 51  TYR A CD2 1 
ATOM   400  C CE1 . TYR A 1 51  ? 6.448   -8.627  8.170   1.00 31.58  ? 51  TYR A CE1 1 
ATOM   401  C CE2 . TYR A 1 51  ? 5.470   -10.568 7.149   1.00 32.28  ? 51  TYR A CE2 1 
ATOM   402  C CZ  . TYR A 1 51  ? 6.543   -9.722  7.327   1.00 33.41  ? 51  TYR A CZ  1 
ATOM   403  O OH  . TYR A 1 51  ? 7.733   -10.001 6.701   1.00 38.10  ? 51  TYR A OH  1 
ATOM   404  N N   . ILE A 1 52  ? 2.477   -6.861  6.854   1.00 28.35  ? 52  ILE A N   1 
ATOM   405  C CA  . ILE A 1 52  ? 2.387   -6.875  5.408   1.00 24.39  ? 52  ILE A CA  1 
ATOM   406  C C   . ILE A 1 52  ? 3.759   -6.708  4.766   1.00 25.20  ? 52  ILE A C   1 
ATOM   407  O O   . ILE A 1 52  ? 4.397   -5.678  4.936   1.00 27.57  ? 52  ILE A O   1 
ATOM   408  C CB  . ILE A 1 52  ? 1.460   -5.758  4.907   1.00 22.50  ? 52  ILE A CB  1 
ATOM   409  C CG1 . ILE A 1 52  ? 0.070   -5.919  5.520   1.00 19.21  ? 52  ILE A CG1 1 
ATOM   410  C CG2 . ILE A 1 52  ? 1.360   -5.790  3.395   1.00 18.34  ? 52  ILE A CG2 1 
ATOM   411  C CD1 . ILE A 1 52  ? -0.877  -4.770  5.205   1.00 21.56  ? 52  ILE A CD1 1 
ATOM   412  N N   . LYS A 1 53  ? 4.265   -7.752  4.116   1.00 26.50  ? 53  LYS A N   1 
ATOM   413  C CA  . LYS A 1 53  ? 5.539   -7.629  3.402   1.00 26.93  ? 53  LYS A CA  1 
ATOM   414  C C   . LYS A 1 53  ? 5.271   -7.491  1.902   1.00 23.86  ? 53  LYS A C   1 
ATOM   415  O O   . LYS A 1 53  ? 4.455   -8.211  1.350   1.00 24.36  ? 53  LYS A O   1 
ATOM   416  C CB  . LYS A 1 53  ? 6.462   -8.826  3.613   1.00 26.67  ? 53  LYS A CB  1 
ATOM   417  C CG  . LYS A 1 53  ? 7.861   -8.495  3.120   1.00 29.98  ? 53  LYS A CG  1 
ATOM   418  C CD  . LYS A 1 53  ? 8.571   -9.678  2.549   1.00 38.00  ? 53  LYS A CD  1 
ATOM   419  C CE  . LYS A 1 53  ? 8.876   -10.719 3.603   1.00 44.01  ? 53  LYS A CE  1 
ATOM   420  N NZ  . LYS A 1 53  ? 9.254   -12.046 2.998   1.00 49.05  ? 53  LYS A NZ  1 
ATOM   421  N N   . THR A 1 54  ? 5.933   -6.542  1.262   1.00 22.89  ? 54  THR A N   1 
ATOM   422  C CA  . THR A 1 54  ? 5.783   -6.339  -0.164  1.00 20.43  ? 54  THR A CA  1 
ATOM   423  C C   . THR A 1 54  ? 7.173   -6.385  -0.788  1.00 19.39  ? 54  THR A C   1 
ATOM   424  O O   . THR A 1 54  ? 7.963   -5.455  -0.639  1.00 18.97  ? 54  THR A O   1 
ATOM   425  C CB  . THR A 1 54  ? 5.117   -4.980  -0.468  1.00 21.87  ? 54  THR A CB  1 
ATOM   426  O OG1 . THR A 1 54  ? 3.829   -4.929  0.150   1.00 19.85  ? 54  THR A OG1 1 
ATOM   427  C CG2 . THR A 1 54  ? 4.947   -4.789  -1.972  1.00 21.20  ? 54  THR A CG2 1 
ATOM   428  N N   . SER A 1 55  ? 7.462   -7.482  -1.469  1.00 17.29  ? 55  SER A N   1 
ATOM   429  C CA  . SER A 1 55  ? 8.748   -7.668  -2.111  1.00 22.69  ? 55  SER A CA  1 
ATOM   430  C C   . SER A 1 55  ? 8.732   -7.428  -3.601  1.00 22.95  ? 55  SER A C   1 
ATOM   431  O O   . SER A 1 55  ? 7.757   -7.725  -4.283  1.00 25.60  ? 55  SER A O   1 
ATOM   432  C CB  . SER A 1 55  ? 9.265   -9.102  -1.929  1.00 23.13  ? 55  SER A CB  1 
ATOM   433  O OG  . SER A 1 55  ? 9.444   -9.443  -0.570  1.00 34.27  ? 55  SER A OG  1 
ATOM   434  N N   . THR A 1 56  ? 9.825   -6.850  -4.080  1.00 24.34  ? 56  THR A N   1 
ATOM   435  C CA  . THR A 1 56  ? 10.074  -6.636  -5.496  1.00 23.01  ? 56  THR A CA  1 
ATOM   436  C C   . THR A 1 56  ? 11.582  -6.954  -5.554  1.00 24.40  ? 56  THR A C   1 
ATOM   437  O O   . THR A 1 56  ? 12.219  -7.159  -4.510  1.00 25.56  ? 56  THR A O   1 
ATOM   438  C CB  . THR A 1 56  ? 9.723   -5.207  -6.003  1.00 19.60  ? 56  THR A CB  1 
ATOM   439  O OG1 . THR A 1 56  ? 10.673  -4.264  -5.516  1.00 22.51  ? 56  THR A OG1 1 
ATOM   440  C CG2 . THR A 1 56  ? 8.317   -4.797  -5.568  1.00 19.35  ? 56  THR A CG2 1 
ATOM   441  N N   . THR A 1 57  ? 12.137  -7.096  -6.747  1.00 24.88  ? 57  THR A N   1 
ATOM   442  C CA  . THR A 1 57  ? 13.543  -7.436  -6.886  1.00 23.99  ? 57  THR A CA  1 
ATOM   443  C C   . THR A 1 57  ? 14.514  -6.320  -6.538  1.00 24.26  ? 57  THR A C   1 
ATOM   444  O O   . THR A 1 57  ? 15.708  -6.571  -6.329  1.00 24.76  ? 57  THR A O   1 
ATOM   445  C CB  . THR A 1 57  ? 13.831  -7.939  -8.308  1.00 25.85  ? 57  THR A CB  1 
ATOM   446  O OG1 . THR A 1 57  ? 13.210  -7.071  -9.262  1.00 27.16  ? 57  THR A OG1 1 
ATOM   447  C CG2 . THR A 1 57  ? 13.297  -9.350  -8.488  1.00 25.60  ? 57  THR A CG2 1 
ATOM   448  N N   . VAL A 1 58  ? 13.995  -5.102  -6.409  1.00 23.11  ? 58  VAL A N   1 
ATOM   449  C CA  . VAL A 1 58  ? 14.826  -3.933  -6.118  1.00 22.98  ? 58  VAL A CA  1 
ATOM   450  C C   . VAL A 1 58  ? 14.607  -3.318  -4.757  1.00 22.19  ? 58  VAL A C   1 
ATOM   451  O O   . VAL A 1 58  ? 15.542  -2.814  -4.150  1.00 26.11  ? 58  VAL A O   1 
ATOM   452  C CB  . VAL A 1 58  ? 14.588  -2.818  -7.153  1.00 22.00  ? 58  VAL A CB  1 
ATOM   453  C CG1 . VAL A 1 58  ? 15.418  -1.611  -6.833  1.00 22.80  ? 58  VAL A CG1 1 
ATOM   454  C CG2 . VAL A 1 58  ? 14.904  -3.319  -8.520  1.00 22.59  ? 58  VAL A CG2 1 
ATOM   455  N N   . ARG A 1 59  ? 13.368  -3.327  -4.283  1.00 22.23  ? 59  ARG A N   1 
ATOM   456  C CA  . ARG A 1 59  ? 13.059  -2.713  -3.002  1.00 18.19  ? 59  ARG A CA  1 
ATOM   457  C C   . ARG A 1 59  ? 11.911  -3.423  -2.339  1.00 21.55  ? 59  ARG A C   1 
ATOM   458  O O   . ARG A 1 59  ? 10.860  -3.635  -2.953  1.00 22.36  ? 59  ARG A O   1 
ATOM   459  C CB  . ARG A 1 59  ? 12.719  -1.248  -3.220  1.00 15.82  ? 59  ARG A CB  1 
ATOM   460  C CG  . ARG A 1 59  ? 12.235  -0.541  -2.011  1.00 16.02  ? 59  ARG A CG  1 
ATOM   461  C CD  . ARG A 1 59  ? 12.218  0.915   -2.283  1.00 16.77  ? 59  ARG A CD  1 
ATOM   462  N NE  . ARG A 1 59  ? 11.381  1.622   -1.333  1.00 22.25  ? 59  ARG A NE  1 
ATOM   463  C CZ  . ARG A 1 59  ? 11.825  2.176   -0.209  1.00 23.97  ? 59  ARG A CZ  1 
ATOM   464  N NH1 . ARG A 1 59  ? 13.114  2.101   0.115   1.00 25.57  ? 59  ARG A NH1 1 
ATOM   465  N NH2 . ARG A 1 59  ? 10.976  2.828   0.574   1.00 23.25  ? 59  ARG A NH2 1 
ATOM   466  N N   . THR A 1 60  ? 12.113  -3.735  -1.059  1.00 23.12  ? 60  THR A N   1 
ATOM   467  C CA  . THR A 1 60  ? 11.145  -4.453  -0.245  1.00 22.50  ? 60  THR A CA  1 
ATOM   468  C C   . THR A 1 60  ? 10.784  -3.674  1.011   1.00 24.62  ? 60  THR A C   1 
ATOM   469  O O   . THR A 1 60  ? 11.649  -3.079  1.639   1.00 24.04  ? 60  THR A O   1 
ATOM   470  C CB  . THR A 1 60  ? 11.712  -5.820  0.152   1.00 21.40  ? 60  THR A CB  1 
ATOM   471  O OG1 . THR A 1 60  ? 11.761  -6.655  -1.009  1.00 21.47  ? 60  THR A OG1 1 
ATOM   472  C CG2 . THR A 1 60  ? 10.865  -6.489  1.222   1.00 19.97  ? 60  THR A CG2 1 
ATOM   473  N N   . THR A 1 61  ? 9.492   -3.656  1.344   1.00 25.24  ? 61  THR A N   1 
ATOM   474  C CA  . THR A 1 61  ? 8.994   -2.965  2.532   1.00 26.02  ? 61  THR A CA  1 
ATOM   475  C C   . THR A 1 61  ? 8.200   -3.902  3.456   1.00 28.43  ? 61  THR A C   1 
ATOM   476  O O   . THR A 1 61  ? 7.487   -4.783  2.983   1.00 30.05  ? 61  THR A O   1 
ATOM   477  C CB  . THR A 1 61  ? 8.067   -1.811  2.148   1.00 24.39  ? 61  THR A CB  1 
ATOM   478  O OG1 . THR A 1 61  ? 6.884   -2.338  1.551   1.00 27.91  ? 61  THR A OG1 1 
ATOM   479  C CG2 . THR A 1 61  ? 8.732   -0.888  1.162   1.00 24.15  ? 61  THR A CG2 1 
ATOM   480  N N   . GLU A 1 62  ? 8.316   -3.705  4.769   1.00 30.55  ? 62  GLU A N   1 
ATOM   481  C CA  . GLU A 1 62  ? 7.585   -4.527  5.734   1.00 30.26  ? 62  GLU A CA  1 
ATOM   482  C C   . GLU A 1 62  ? 6.918   -3.640  6.764   1.00 30.35  ? 62  GLU A C   1 
ATOM   483  O O   . GLU A 1 62  ? 7.550   -2.740  7.299   1.00 30.03  ? 62  GLU A O   1 
ATOM   484  C CB  . GLU A 1 62  ? 8.522   -5.486  6.450   1.00 31.74  ? 62  GLU A CB  1 
ATOM   485  C CG  . GLU A 1 62  ? 9.149   -6.496  5.533   1.00 43.27  ? 62  GLU A CG  1 
ATOM   486  C CD  . GLU A 1 62  ? 10.078  -7.476  6.239   1.00 48.59  ? 62  GLU A CD  1 
ATOM   487  O OE1 . GLU A 1 62  ? 9.813   -7.856  7.400   1.00 50.99  ? 62  GLU A OE1 1 
ATOM   488  O OE2 . GLU A 1 62  ? 11.077  -7.899  5.607   1.00 56.29  ? 62  GLU A OE2 1 
ATOM   489  N N   . ILE A 1 63  ? 5.619   -3.832  6.983   1.00 29.89  ? 63  ILE A N   1 
ATOM   490  C CA  . ILE A 1 63  ? 4.919   -3.053  7.988   1.00 29.72  ? 63  ILE A CA  1 
ATOM   491  C C   . ILE A 1 63  ? 4.272   -3.959  8.992   1.00 31.13  ? 63  ILE A C   1 
ATOM   492  O O   . ILE A 1 63  ? 3.901   -5.082  8.679   1.00 31.91  ? 63  ILE A O   1 
ATOM   493  C CB  . ILE A 1 63  ? 3.885   -2.061  7.423   1.00 28.19  ? 63  ILE A CB  1 
ATOM   494  C CG1 . ILE A 1 63  ? 2.700   -2.762  6.792   1.00 29.04  ? 63  ILE A CG1 1 
ATOM   495  C CG2 . ILE A 1 63  ? 4.542   -1.172  6.414   1.00 35.17  ? 63  ILE A CG2 1 
ATOM   496  C CD1 . ILE A 1 63  ? 1.705   -1.803  6.224   1.00 24.30  ? 63  ILE A CD1 1 
ATOM   497  N N   . ASN A 1 64  ? 4.290   -3.500  10.237  1.00 34.75  ? 64  ASN A N   1 
ATOM   498  C CA  . ASN A 1 64  ? 3.703   -4.214  11.358  1.00 35.27  ? 64  ASN A CA  1 
ATOM   499  C C   . ASN A 1 64  ? 2.802   -3.181  11.998  1.00 37.90  ? 64  ASN A C   1 
ATOM   500  O O   . ASN A 1 64  ? 3.225   -2.042  12.215  1.00 37.09  ? 64  ASN A O   1 
ATOM   501  C CB  . ASN A 1 64  ? 4.787   -4.646  12.344  1.00 33.20  ? 64  ASN A CB  1 
ATOM   502  C CG  . ASN A 1 64  ? 5.559   -5.876  11.878  1.00 33.88  ? 64  ASN A CG  1 
ATOM   503  O OD1 . ASN A 1 64  ? 6.665   -5.779  11.345  1.00 33.92  ? 64  ASN A OD1 1 
ATOM   504  N ND2 . ASN A 1 64  ? 4.981   -7.045  12.107  1.00 35.29  ? 64  ASN A ND2 1 
ATOM   505  N N   . PHE A 1 65  ? 1.539   -3.535  12.209  1.00 38.89  ? 65  PHE A N   1 
ATOM   506  C CA  . PHE A 1 65  ? 0.619   -2.594  12.830  1.00 41.63  ? 65  PHE A CA  1 
ATOM   507  C C   . PHE A 1 65  ? -0.591  -3.256  13.449  1.00 44.82  ? 65  PHE A C   1 
ATOM   508  O O   . PHE A 1 65  ? -0.885  -4.413  13.154  1.00 47.78  ? 65  PHE A O   1 
ATOM   509  C CB  . PHE A 1 65  ? 0.157   -1.523  11.829  1.00 41.27  ? 65  PHE A CB  1 
ATOM   510  C CG  . PHE A 1 65  ? -0.645  -2.056  10.664  1.00 41.89  ? 65  PHE A CG  1 
ATOM   511  C CD1 . PHE A 1 65  ? -0.011  -2.480  9.504   1.00 40.18  ? 65  PHE A CD1 1 
ATOM   512  C CD2 . PHE A 1 65  ? -2.036  -2.086  10.711  1.00 41.21  ? 65  PHE A CD2 1 
ATOM   513  C CE1 . PHE A 1 65  ? -0.752  -2.924  8.417   1.00 41.02  ? 65  PHE A CE1 1 
ATOM   514  C CE2 . PHE A 1 65  ? -2.787  -2.531  9.622   1.00 40.61  ? 65  PHE A CE2 1 
ATOM   515  C CZ  . PHE A 1 65  ? -2.145  -2.948  8.477   1.00 41.13  ? 65  PHE A CZ  1 
ATOM   516  N N   . LYS A 1 66  ? -1.241  -2.536  14.362  1.00 45.37  ? 66  LYS A N   1 
ATOM   517  C CA  . LYS A 1 66  ? -2.462  -3.007  15.002  1.00 44.88  ? 66  LYS A CA  1 
ATOM   518  C C   . LYS A 1 66  ? -3.478  -1.962  14.587  1.00 42.78  ? 66  LYS A C   1 
ATOM   519  O O   . LYS A 1 66  ? -3.187  -0.771  14.606  1.00 41.29  ? 66  LYS A O   1 
ATOM   520  C CB  . LYS A 1 66  ? -2.311  -3.052  16.523  1.00 51.20  ? 66  LYS A CB  1 
ATOM   521  C CG  . LYS A 1 66  ? -3.490  -3.689  17.258  1.00 58.44  ? 66  LYS A CG  1 
ATOM   522  C CD  . LYS A 1 66  ? -3.127  -4.039  18.707  1.00 64.00  ? 66  LYS A CD  1 
ATOM   523  C CE  . LYS A 1 66  ? -4.214  -4.872  19.427  1.00 68.02  ? 66  LYS A CE  1 
ATOM   524  N NZ  . LYS A 1 66  ? -4.383  -6.306  18.973  1.00 68.62  ? 66  LYS A NZ  1 
ATOM   525  N N   . VAL A 1 67  ? -4.629  -2.414  14.114  1.00 42.13  ? 67  VAL A N   1 
ATOM   526  C CA  . VAL A 1 67  ? -5.670  -1.509  13.658  1.00 44.21  ? 67  VAL A CA  1 
ATOM   527  C C   . VAL A 1 67  ? -6.040  -0.511  14.759  1.00 47.80  ? 67  VAL A C   1 
ATOM   528  O O   . VAL A 1 67  ? -5.980  -0.838  15.951  1.00 49.53  ? 67  VAL A O   1 
ATOM   529  C CB  . VAL A 1 67  ? -6.935  -2.307  13.192  1.00 43.75  ? 67  VAL A CB  1 
ATOM   530  C CG1 . VAL A 1 67  ? -8.051  -1.360  12.774  1.00 42.47  ? 67  VAL A CG1 1 
ATOM   531  C CG2 . VAL A 1 67  ? -6.584  -3.236  12.039  1.00 39.78  ? 67  VAL A CG2 1 
ATOM   532  N N   . GLY A 1 68  ? -6.327  0.722   14.342  1.00 49.74  ? 68  GLY A N   1 
ATOM   533  C CA  . GLY A 1 68  ? -6.725  1.800   15.245  1.00 52.14  ? 68  GLY A CA  1 
ATOM   534  C C   . GLY A 1 68  ? -5.643  2.388   16.139  1.00 54.52  ? 68  GLY A C   1 
ATOM   535  O O   . GLY A 1 68  ? -5.907  3.332   16.887  1.00 54.22  ? 68  GLY A O   1 
ATOM   536  N N   . GLU A 1 69  ? -4.420  1.876   15.994  1.00 57.49  ? 69  GLU A N   1 
ATOM   537  C CA  . GLU A 1 69  ? -3.247  2.274   16.780  1.00 58.15  ? 69  GLU A CA  1 
ATOM   538  C C   . GLU A 1 69  ? -2.098  2.832   15.906  1.00 57.81  ? 69  GLU A C   1 
ATOM   539  O O   . GLU A 1 69  ? -1.491  2.100   15.110  1.00 58.33  ? 69  GLU A O   1 
ATOM   540  C CB  . GLU A 1 69  ? -2.778  1.046   17.560  1.00 59.67  ? 69  GLU A CB  1 
ATOM   541  C CG  . GLU A 1 69  ? -1.559  1.232   18.426  1.00 66.04  ? 69  GLU A CG  1 
ATOM   542  C CD  . GLU A 1 69  ? -0.994  -0.095  18.896  1.00 67.44  ? 69  GLU A CD  1 
ATOM   543  O OE1 . GLU A 1 69  ? -1.745  -0.863  19.544  1.00 68.79  ? 69  GLU A OE1 1 
ATOM   544  O OE2 . GLU A 1 69  ? 0.190   -0.373  18.593  1.00 69.55  ? 69  GLU A OE2 1 
ATOM   545  N N   . GLU A 1 70  ? -1.798  4.117   16.091  1.00 56.18  ? 70  GLU A N   1 
ATOM   546  C CA  . GLU A 1 70  ? -0.754  4.833   15.346  1.00 55.96  ? 70  GLU A CA  1 
ATOM   547  C C   . GLU A 1 70  ? 0.618   4.181   15.356  1.00 52.79  ? 70  GLU A C   1 
ATOM   548  O O   . GLU A 1 70  ? 1.106   3.754   16.392  1.00 50.99  ? 70  GLU A O   1 
ATOM   549  C CB  . GLU A 1 70  ? -0.642  6.262   15.872  1.00 61.61  ? 70  GLU A CB  1 
ATOM   550  C CG  . GLU A 1 70  ? 0.377   7.156   15.171  1.00 69.70  ? 70  GLU A CG  1 
ATOM   551  C CD  . GLU A 1 70  ? 0.300   8.610   15.660  1.00 74.78  ? 70  GLU A CD  1 
ATOM   552  O OE1 . GLU A 1 70  ? -0.797  9.213   15.539  1.00 75.87  ? 70  GLU A OE1 1 
ATOM   553  O OE2 . GLU A 1 70  ? 1.329   9.139   16.170  1.00 76.45  ? 70  GLU A OE2 1 
ATOM   554  N N   . PHE A 1 71  ? 1.240   4.134   14.184  1.00 50.80  ? 71  PHE A N   1 
ATOM   555  C CA  . PHE A 1 71  ? 2.551   3.528   14.014  1.00 48.47  ? 71  PHE A CA  1 
ATOM   556  C C   . PHE A 1 71  ? 3.344   4.315   12.975  1.00 47.99  ? 71  PHE A C   1 
ATOM   557  O O   . PHE A 1 71  ? 2.820   5.210   12.313  1.00 45.66  ? 71  PHE A O   1 
ATOM   558  C CB  . PHE A 1 71  ? 2.426   2.055   13.592  1.00 47.53  ? 71  PHE A CB  1 
ATOM   559  C CG  . PHE A 1 71  ? 1.843   1.860   12.211  1.00 47.98  ? 71  PHE A CG  1 
ATOM   560  C CD1 . PHE A 1 71  ? 0.534   2.248   11.923  1.00 44.54  ? 71  PHE A CD1 1 
ATOM   561  C CD2 . PHE A 1 71  ? 2.619   1.318   11.188  1.00 46.40  ? 71  PHE A CD2 1 
ATOM   562  C CE1 . PHE A 1 71  ? 0.014   2.103   10.650  1.00 42.64  ? 71  PHE A CE1 1 
ATOM   563  C CE2 . PHE A 1 71  ? 2.099   1.171   9.902   1.00 43.95  ? 71  PHE A CE2 1 
ATOM   564  C CZ  . PHE A 1 71  ? 0.795   1.568   9.637   1.00 43.18  ? 71  PHE A CZ  1 
ATOM   565  N N   . GLU A 1 72  ? 4.602   3.935   12.810  1.00 49.55  ? 72  GLU A N   1 
ATOM   566  C CA  . GLU A 1 72  ? 5.501   4.615   11.889  1.00 51.83  ? 72  GLU A CA  1 
ATOM   567  C C   . GLU A 1 72  ? 5.908   3.781   10.671  1.00 47.91  ? 72  GLU A C   1 
ATOM   568  O O   . GLU A 1 72  ? 6.387   2.646   10.811  1.00 47.13  ? 72  GLU A O   1 
ATOM   569  C CB  . GLU A 1 72  ? 6.750   5.027   12.667  1.00 59.58  ? 72  GLU A CB  1 
ATOM   570  C CG  . GLU A 1 72  ? 7.744   5.881   11.906  1.00 71.45  ? 72  GLU A CG  1 
ATOM   571  C CD  . GLU A 1 72  ? 8.757   6.567   12.824  1.00 78.35  ? 72  GLU A CD  1 
ATOM   572  O OE1 . GLU A 1 72  ? 8.437   6.832   14.015  1.00 78.84  ? 72  GLU A OE1 1 
ATOM   573  O OE2 . GLU A 1 72  ? 9.874   6.858   12.337  1.00 83.54  ? 72  GLU A OE2 1 
ATOM   574  N N   . GLU A 1 73  ? 5.697   4.340   9.481   1.00 42.45  ? 73  GLU A N   1 
ATOM   575  C CA  . GLU A 1 73  ? 6.081   3.672   8.232   1.00 40.18  ? 73  GLU A CA  1 
ATOM   576  C C   . GLU A 1 73  ? 6.586   4.739   7.264   1.00 39.30  ? 73  GLU A C   1 
ATOM   577  O O   . GLU A 1 73  ? 7.048   5.797   7.699   1.00 40.75  ? 73  GLU A O   1 
ATOM   578  C CB  . GLU A 1 73  ? 4.909   2.876   7.617   1.00 37.53  ? 73  GLU A CB  1 
ATOM   579  C CG  . GLU A 1 73  ? 3.726   3.713   7.138   1.00 36.29  ? 73  GLU A CG  1 
ATOM   580  C CD  . GLU A 1 73  ? 2.749   2.919   6.284   1.00 35.88  ? 73  GLU A CD  1 
ATOM   581  O OE1 . GLU A 1 73  ? 3.166   1.954   5.608   1.00 39.65  ? 73  GLU A OE1 1 
ATOM   582  O OE2 . GLU A 1 73  ? 1.557   3.270   6.264   1.00 34.09  ? 73  GLU A OE2 1 
ATOM   583  N N   . GLN A 1 74  ? 6.537   4.446   5.966   1.00 37.61  ? 74  GLN A N   1 
ATOM   584  C CA  . GLN A 1 74  ? 6.964   5.385   4.928   1.00 35.04  ? 74  GLN A CA  1 
ATOM   585  C C   . GLN A 1 74  ? 5.922   5.475   3.835   1.00 32.48  ? 74  GLN A C   1 
ATOM   586  O O   . GLN A 1 74  ? 5.156   4.545   3.641   1.00 32.55  ? 74  GLN A O   1 
ATOM   587  C CB  . GLN A 1 74  ? 8.247   4.916   4.281   1.00 36.48  ? 74  GLN A CB  1 
ATOM   588  C CG  . GLN A 1 74  ? 9.453   5.058   5.125   1.00 41.26  ? 74  GLN A CG  1 
ATOM   589  C CD  . GLN A 1 74  ? 10.670  4.675   4.353   1.00 46.63  ? 74  GLN A CD  1 
ATOM   590  O OE1 . GLN A 1 74  ? 10.679  3.658   3.660   1.00 49.34  ? 74  GLN A OE1 1 
ATOM   591  N NE2 . GLN A 1 74  ? 11.697  5.510   4.416   1.00 54.04  ? 74  GLN A NE2 1 
ATOM   592  N N   . THR A 1 75  ? 5.915   6.593   3.115   1.00 32.11  ? 75  THR A N   1 
ATOM   593  C CA  . THR A 1 75  ? 5.008   6.824   2.004   1.00 31.03  ? 75  THR A CA  1 
ATOM   594  C C   . THR A 1 75  ? 5.547   5.942   0.864   1.00 32.48  ? 75  THR A C   1 
ATOM   595  O O   . THR A 1 75  ? 6.664   5.416   0.973   1.00 34.28  ? 75  THR A O   1 
ATOM   596  C CB  . THR A 1 75  ? 5.069   8.297   1.573   1.00 32.05  ? 75  THR A CB  1 
ATOM   597  O OG1 . THR A 1 75  ? 6.435   8.667   1.317   1.00 31.54  ? 75  THR A OG1 1 
ATOM   598  C CG2 . THR A 1 75  ? 4.517   9.185   2.665   1.00 33.36  ? 75  THR A CG2 1 
ATOM   599  N N   . VAL A 1 76  ? 4.787   5.783   -0.222  1.00 32.10  ? 76  VAL A N   1 
ATOM   600  C CA  . VAL A 1 76  ? 5.230   4.945   -1.347  1.00 30.35  ? 76  VAL A CA  1 
ATOM   601  C C   . VAL A 1 76  ? 6.572   5.414   -1.883  1.00 29.05  ? 76  VAL A C   1 
ATOM   602  O O   . VAL A 1 76  ? 7.378   4.613   -2.358  1.00 27.98  ? 76  VAL A O   1 
ATOM   603  C CB  . VAL A 1 76  ? 4.278   4.972   -2.563  1.00 29.95  ? 76  VAL A CB  1 
ATOM   604  C CG1 . VAL A 1 76  ? 4.200   3.579   -3.188  1.00 28.91  ? 76  VAL A CG1 1 
ATOM   605  C CG2 . VAL A 1 76  ? 2.927   5.530   -2.203  1.00 31.30  ? 76  VAL A CG2 1 
ATOM   606  N N   . ASP A 1 77  ? 6.771   6.727   -1.857  1.00 26.90  ? 77  ASP A N   1 
ATOM   607  C CA  . ASP A 1 77  ? 8.002   7.303   -2.356  1.00 28.54  ? 77  ASP A CA  1 
ATOM   608  C C   . ASP A 1 77  ? 9.176   7.290   -1.378  1.00 29.34  ? 77  ASP A C   1 
ATOM   609  O O   . ASP A 1 77  ? 10.232  7.834   -1.665  1.00 33.11  ? 77  ASP A O   1 
ATOM   610  C CB  . ASP A 1 77  ? 7.754   8.687   -2.962  1.00 28.88  ? 77  ASP A CB  1 
ATOM   611  C CG  . ASP A 1 77  ? 7.203   9.679   -1.966  1.00 29.71  ? 77  ASP A CG  1 
ATOM   612  O OD1 . ASP A 1 77  ? 6.309   9.315   -1.183  1.00 29.00  ? 77  ASP A OD1 1 
ATOM   613  O OD2 . ASP A 1 77  ? 7.669   10.835  -1.977  1.00 33.39  ? 77  ASP A OD2 1 
ATOM   614  N N   . GLY A 1 78  ? 9.001   6.657   -0.228  1.00 28.64  ? 78  GLY A N   1 
ATOM   615  C CA  . GLY A 1 78  ? 10.104  6.552   0.699   1.00 30.04  ? 78  GLY A CA  1 
ATOM   616  C C   . GLY A 1 78  ? 10.187  7.574   1.797   1.00 32.70  ? 78  GLY A C   1 
ATOM   617  O O   . GLY A 1 78  ? 11.205  7.619   2.473   1.00 34.13  ? 78  GLY A O   1 
ATOM   618  N N   . ARG A 1 79  ? 9.148   8.384   1.987   1.00 33.19  ? 79  ARG A N   1 
ATOM   619  C CA  . ARG A 1 79  ? 9.151   9.390   3.048   1.00 35.41  ? 79  ARG A CA  1 
ATOM   620  C C   . ARG A 1 79  ? 8.540   8.873   4.348   1.00 35.65  ? 79  ARG A C   1 
ATOM   621  O O   . ARG A 1 79  ? 7.459   8.327   4.338   1.00 36.42  ? 79  ARG A O   1 
ATOM   622  C CB  . ARG A 1 79  ? 8.405   10.642  2.593   1.00 38.70  ? 79  ARG A CB  1 
ATOM   623  C CG  . ARG A 1 79  ? 9.107   11.437  1.494   1.00 44.45  ? 79  ARG A CG  1 
ATOM   624  C CD  . ARG A 1 79  ? 8.302   12.675  1.093   1.00 50.23  ? 79  ARG A CD  1 
ATOM   625  N NE  . ARG A 1 79  ? 6.951   12.312  0.658   1.00 58.72  ? 79  ARG A NE  1 
ATOM   626  C CZ  . ARG A 1 79  ? 6.208   13.006  -0.204  1.00 62.01  ? 79  ARG A CZ  1 
ATOM   627  N NH1 . ARG A 1 79  ? 6.670   14.131  -0.752  1.00 65.48  ? 79  ARG A NH1 1 
ATOM   628  N NH2 . ARG A 1 79  ? 5.001   12.556  -0.532  1.00 63.66  ? 79  ARG A NH2 1 
ATOM   629  N N   . PRO A 1 80  ? 9.208   9.087   5.495   1.00 38.58  ? 80  PRO A N   1 
ATOM   630  C CA  . PRO A 1 80  ? 8.690   8.615   6.790   1.00 39.12  ? 80  PRO A CA  1 
ATOM   631  C C   . PRO A 1 80  ? 7.425   9.355   7.187   1.00 37.53  ? 80  PRO A C   1 
ATOM   632  O O   . PRO A 1 80  ? 7.325   10.570  7.010   1.00 38.92  ? 80  PRO A O   1 
ATOM   633  C CB  . PRO A 1 80  ? 9.836   8.907   7.767   1.00 40.35  ? 80  PRO A CB  1 
ATOM   634  C CG  . PRO A 1 80  ? 11.037  9.101   6.886   1.00 39.70  ? 80  PRO A CG  1 
ATOM   635  C CD  . PRO A 1 80  ? 10.477  9.803   5.685   1.00 39.32  ? 80  PRO A CD  1 
ATOM   636  N N   . CYS A 1 81  ? 6.472   8.610   7.737   1.00 36.89  ? 81  CYS A N   1 
ATOM   637  C CA  . CYS A 1 81  ? 5.185   9.165   8.135   1.00 36.97  ? 81  CYS A CA  1 
ATOM   638  C C   . CYS A 1 81  ? 4.578   8.425   9.330   1.00 35.33  ? 81  CYS A C   1 
ATOM   639  O O   . CYS A 1 81  ? 5.035   7.344   9.714   1.00 33.65  ? 81  CYS A O   1 
ATOM   640  C CB  . CYS A 1 81  ? 4.212   9.123   6.939   1.00 38.34  ? 81  CYS A CB  1 
ATOM   641  S SG  . CYS A 1 81  ? 3.750   7.441   6.377   1.00 37.39  ? 81  CYS A SG  1 
ATOM   642  N N   . LYS A 1 82  ? 3.599   9.073   9.955   1.00 36.99  ? 82  LYS A N   1 
ATOM   643  C CA  . LYS A 1 82  ? 2.859   8.530   11.082  1.00 37.65  ? 82  LYS A CA  1 
ATOM   644  C C   . LYS A 1 82  ? 1.585   8.005   10.457  1.00 36.15  ? 82  LYS A C   1 
ATOM   645  O O   . LYS A 1 82  ? 0.879   8.731   9.764   1.00 35.42  ? 82  LYS A O   1 
ATOM   646  C CB  . LYS A 1 82  ? 2.527   9.633   12.081  1.00 43.60  ? 82  LYS A CB  1 
ATOM   647  C CG  . LYS A 1 82  ? 3.660   9.987   13.030  1.00 54.84  ? 82  LYS A CG  1 
ATOM   648  C CD  . LYS A 1 82  ? 4.081   8.776   13.879  1.00 62.85  ? 82  LYS A CD  1 
ATOM   649  C CE  . LYS A 1 82  ? 5.230   9.105   14.844  1.00 65.05  ? 82  LYS A CE  1 
ATOM   650  N NZ  . LYS A 1 82  ? 5.302   8.115   15.960  1.00 68.16  ? 82  LYS A NZ  1 
ATOM   651  N N   . SER A 1 83  ? 1.301   6.735   10.687  1.00 35.51  ? 83  SER A N   1 
ATOM   652  C CA  . SER A 1 83  ? 0.130   6.114   10.099  1.00 35.23  ? 83  SER A CA  1 
ATOM   653  C C   . SER A 1 83  ? -0.813  5.520   11.139  1.00 35.62  ? 83  SER A C   1 
ATOM   654  O O   . SER A 1 83  ? -0.373  4.938   12.128  1.00 36.74  ? 83  SER A O   1 
ATOM   655  C CB  . SER A 1 83  ? 0.568   5.001   9.142   1.00 31.31  ? 83  SER A CB  1 
ATOM   656  O OG  . SER A 1 83  ? 1.408   5.497   8.125   1.00 30.79  ? 83  SER A OG  1 
ATOM   657  N N   . LEU A 1 84  ? -2.112  5.657   10.889  1.00 34.40  ? 84  LEU A N   1 
ATOM   658  C CA  . LEU A 1 84  ? -3.140  5.102   11.759  1.00 33.93  ? 84  LEU A CA  1 
ATOM   659  C C   . LEU A 1 84  ? -4.134  4.351   10.865  1.00 32.64  ? 84  LEU A C   1 
ATOM   660  O O   . LEU A 1 84  ? -4.749  4.939   9.978   1.00 30.25  ? 84  LEU A O   1 
ATOM   661  C CB  . LEU A 1 84  ? -3.844  6.223   12.533  1.00 33.87  ? 84  LEU A CB  1 
ATOM   662  C CG  . LEU A 1 84  ? -4.827  5.713   13.574  1.00 33.07  ? 84  LEU A CG  1 
ATOM   663  C CD1 . LEU A 1 84  ? -4.132  4.746   14.455  1.00 31.28  ? 84  LEU A CD1 1 
ATOM   664  C CD2 . LEU A 1 84  ? -5.367  6.844   14.383  1.00 35.44  ? 84  LEU A CD2 1 
ATOM   665  N N   . VAL A 1 85  ? -4.262  3.045   11.066  1.00 34.35  ? 85  VAL A N   1 
ATOM   666  C CA  . VAL A 1 85  ? -5.193  2.266   10.249  1.00 38.02  ? 85  VAL A CA  1 
ATOM   667  C C   . VAL A 1 85  ? -6.520  2.077   10.987  1.00 42.22  ? 85  VAL A C   1 
ATOM   668  O O   . VAL A 1 85  ? -6.554  2.038   12.211  1.00 44.38  ? 85  VAL A O   1 
ATOM   669  C CB  . VAL A 1 85  ? -4.604  0.882   9.873   1.00 34.91  ? 85  VAL A CB  1 
ATOM   670  C CG1 . VAL A 1 85  ? -5.588  0.105   9.041   1.00 34.04  ? 85  VAL A CG1 1 
ATOM   671  C CG2 . VAL A 1 85  ? -3.304  1.047   9.100   1.00 31.98  ? 85  VAL A CG2 1 
ATOM   672  N N   . LYS A 1 86  ? -7.622  2.021   10.253  1.00 44.39  ? 86  LYS A N   1 
ATOM   673  C CA  . LYS A 1 86  ? -8.923  1.812   10.876  1.00 47.10  ? 86  LYS A CA  1 
ATOM   674  C C   . LYS A 1 86  ? -9.847  1.006   9.966   1.00 46.98  ? 86  LYS A C   1 
ATOM   675  O O   . LYS A 1 86  ? -9.705  1.014   8.742   1.00 47.52  ? 86  LYS A O   1 
ATOM   676  C CB  . LYS A 1 86  ? -9.586  3.150   11.183  1.00 53.10  ? 86  LYS A CB  1 
ATOM   677  C CG  . LYS A 1 86  ? -8.999  3.927   12.339  1.00 61.90  ? 86  LYS A CG  1 
ATOM   678  C CD  . LYS A 1 86  ? -9.637  5.313   12.376  1.00 70.95  ? 86  LYS A CD  1 
ATOM   679  C CE  . LYS A 1 86  ? -9.029  6.190   13.463  1.00 75.81  ? 86  LYS A CE  1 
ATOM   680  N NZ  . LYS A 1 86  ? -9.419  7.626   13.311  1.00 79.80  ? 86  LYS A NZ  1 
ATOM   681  N N   . TRP A 1 87  ? -10.790 0.295   10.563  1.00 44.40  ? 87  TRP A N   1 
ATOM   682  C CA  . TRP A 1 87  ? -11.736 -0.470  9.776   1.00 41.18  ? 87  TRP A CA  1 
ATOM   683  C C   . TRP A 1 87  ? -12.797 0.456   9.238   1.00 41.68  ? 87  TRP A C   1 
ATOM   684  O O   . TRP A 1 87  ? -13.504 1.108   9.996   1.00 44.60  ? 87  TRP A O   1 
ATOM   685  C CB  . TRP A 1 87  ? -12.407 -1.540  10.623  1.00 35.00  ? 87  TRP A CB  1 
ATOM   686  C CG  . TRP A 1 87  ? -11.523 -2.674  10.899  1.00 35.72  ? 87  TRP A CG  1 
ATOM   687  C CD1 . TRP A 1 87  ? -11.050 -3.074  12.112  1.00 36.03  ? 87  TRP A CD1 1 
ATOM   688  C CD2 . TRP A 1 87  ? -10.971 -3.573  9.934   1.00 37.79  ? 87  TRP A CD2 1 
ATOM   689  N NE1 . TRP A 1 87  ? -10.228 -4.175  11.968  1.00 35.17  ? 87  TRP A NE1 1 
ATOM   690  C CE2 . TRP A 1 87  ? -10.162 -4.499  10.639  1.00 37.58  ? 87  TRP A CE2 1 
ATOM   691  C CE3 . TRP A 1 87  ? -11.080 -3.690  8.540   1.00 39.27  ? 87  TRP A CE3 1 
ATOM   692  C CZ2 . TRP A 1 87  ? -9.465  -5.525  9.994   1.00 38.72  ? 87  TRP A CZ2 1 
ATOM   693  C CZ3 . TRP A 1 87  ? -10.389 -4.712  7.901   1.00 37.41  ? 87  TRP A CZ3 1 
ATOM   694  C CH2 . TRP A 1 87  ? -9.593  -5.614  8.628   1.00 37.90  ? 87  TRP A CH2 1 
ATOM   695  N N   . GLU A 1 88  ? -12.850 0.611   7.928   1.00 43.63  ? 88  GLU A N   1 
ATOM   696  C CA  . GLU A 1 88  ? -13.907 1.416   7.362   1.00 44.35  ? 88  GLU A CA  1 
ATOM   697  C C   . GLU A 1 88  ? -15.109 0.487   7.536   1.00 45.64  ? 88  GLU A C   1 
ATOM   698  O O   . GLU A 1 88  ? -16.189 0.929   7.900   1.00 48.09  ? 88  GLU A O   1 
ATOM   699  C CB  . GLU A 1 88  ? -13.657 1.686   5.891   1.00 45.43  ? 88  GLU A CB  1 
ATOM   700  C CG  . GLU A 1 88  ? -14.605 2.696   5.325   1.00 50.69  ? 88  GLU A CG  1 
ATOM   701  C CD  . GLU A 1 88  ? -14.503 2.821   3.817   1.00 56.34  ? 88  GLU A CD  1 
ATOM   702  O OE1 . GLU A 1 88  ? -13.701 3.656   3.337   1.00 61.20  ? 88  GLU A OE1 1 
ATOM   703  O OE2 . GLU A 1 88  ? -15.237 2.089   3.109   1.00 58.99  ? 88  GLU A OE2 1 
ATOM   704  N N   . SER A 1 89  ? -14.869 -0.818  7.368   1.00 45.57  ? 89  SER A N   1 
ATOM   705  C CA  . SER A 1 89  ? -15.878 -1.861  7.510   1.00 45.25  ? 89  SER A CA  1 
ATOM   706  C C   . SER A 1 89  ? -15.234 -3.218  7.825   1.00 46.16  ? 89  SER A C   1 
ATOM   707  O O   . SER A 1 89  ? -14.053 -3.287  8.150   1.00 44.84  ? 89  SER A O   1 
ATOM   708  C CB  . SER A 1 89  ? -16.749 -1.947  6.250   1.00 48.08  ? 89  SER A CB  1 
ATOM   709  O OG  . SER A 1 89  ? -15.976 -2.075  5.064   1.00 52.84  ? 89  SER A OG  1 
ATOM   710  N N   . GLU A 1 90  ? -16.017 -4.290  7.738   1.00 49.45  ? 90  GLU A N   1 
ATOM   711  C CA  . GLU A 1 90  ? -15.545 -5.650  8.032   1.00 53.78  ? 90  GLU A CA  1 
ATOM   712  C C   . GLU A 1 90  ? -14.365 -6.101  7.188   1.00 50.66  ? 90  GLU A C   1 
ATOM   713  O O   . GLU A 1 90  ? -13.441 -6.761  7.679   1.00 49.72  ? 90  GLU A O   1 
ATOM   714  C CB  . GLU A 1 90  ? -16.665 -6.678  7.783   1.00 63.48  ? 90  GLU A CB  1 
ATOM   715  C CG  . GLU A 1 90  ? -17.987 -6.406  8.487   1.00 78.61  ? 90  GLU A CG  1 
ATOM   716  C CD  . GLU A 1 90  ? -17.887 -6.460  10.015  1.00 86.27  ? 90  GLU A CD  1 
ATOM   717  O OE1 . GLU A 1 90  ? -16.944 -7.107  10.543  1.00 89.42  ? 90  GLU A OE1 1 
ATOM   718  O OE2 . GLU A 1 90  ? -18.769 -5.858  10.683  1.00 90.62  ? 90  GLU A OE2 1 
ATOM   719  N N   . ASN A 1 91  ? -14.435 -5.768  5.903   1.00 47.08  ? 91  ASN A N   1 
ATOM   720  C CA  . ASN A 1 91  ? -13.425 -6.182  4.943   1.00 44.31  ? 91  ASN A CA  1 
ATOM   721  C C   . ASN A 1 91  ? -12.549 -5.078  4.344   1.00 39.43  ? 91  ASN A C   1 
ATOM   722  O O   . ASN A 1 91  ? -11.767 -5.334  3.435   1.00 35.62  ? 91  ASN A O   1 
ATOM   723  C CB  . ASN A 1 91  ? -14.131 -6.954  3.826   1.00 50.67  ? 91  ASN A CB  1 
ATOM   724  C CG  . ASN A 1 91  ? -14.940 -8.148  4.351   1.00 54.11  ? 91  ASN A CG  1 
ATOM   725  O OD1 . ASN A 1 91  ? -14.381 -9.110  4.894   1.00 53.33  ? 91  ASN A OD1 1 
ATOM   726  N ND2 . ASN A 1 91  ? -16.260 -8.082  4.189   1.00 55.97  ? 91  ASN A ND2 1 
ATOM   727  N N   . LYS A 1 92  ? -12.643 -3.865  4.880   1.00 36.84  ? 92  LYS A N   1 
ATOM   728  C CA  . LYS A 1 92  ? -11.873 -2.760  4.352   1.00 33.28  ? 92  LYS A CA  1 
ATOM   729  C C   . LYS A 1 92  ? -11.257 -1.891  5.429   1.00 34.29  ? 92  LYS A C   1 
ATOM   730  O O   . LYS A 1 92  ? -11.957 -1.372  6.286   1.00 36.47  ? 92  LYS A O   1 
ATOM   731  C CB  . LYS A 1 92  ? -12.750 -1.904  3.469   1.00 27.48  ? 92  LYS A CB  1 
ATOM   732  C CG  . LYS A 1 92  ? -11.993 -0.788  2.839   1.00 29.22  ? 92  LYS A CG  1 
ATOM   733  C CD  . LYS A 1 92  ? -12.840 -0.090  1.813   1.00 30.09  ? 92  LYS A CD  1 
ATOM   734  C CE  . LYS A 1 92  ? -12.060 1.011   1.122   1.00 31.08  ? 92  LYS A CE  1 
ATOM   735  N NZ  . LYS A 1 92  ? -12.899 1.711   0.121   1.00 35.59  ? 92  LYS A NZ  1 
ATOM   736  N N   . MET A 1 93  ? -9.937  -1.748  5.380   1.00 33.01  ? 93  MET A N   1 
ATOM   737  C CA  . MET A 1 93  ? -9.193  -0.922  6.320   1.00 28.46  ? 93  MET A CA  1 
ATOM   738  C C   . MET A 1 93  ? -8.707  0.277   5.539   1.00 28.87  ? 93  MET A C   1 
ATOM   739  O O   . MET A 1 93  ? -8.450  0.191   4.334   1.00 27.42  ? 93  MET A O   1 
ATOM   740  C CB  . MET A 1 93  ? -7.999  -1.674  6.910   1.00 28.89  ? 93  MET A CB  1 
ATOM   741  C CG  . MET A 1 93  ? -6.901  -2.019  5.931   1.00 26.97  ? 93  MET A CG  1 
ATOM   742  S SD  . MET A 1 93  ? -5.638  -3.069  6.683   1.00 34.20  ? 93  MET A SD  1 
ATOM   743  C CE  . MET A 1 93  ? -6.371  -4.554  6.624   1.00 31.98  ? 93  MET A CE  1 
ATOM   744  N N   . VAL A 1 94  ? -8.671  1.415   6.220   1.00 30.01  ? 94  VAL A N   1 
ATOM   745  C CA  . VAL A 1 94  ? -8.233  2.676   5.636   1.00 31.20  ? 94  VAL A CA  1 
ATOM   746  C C   . VAL A 1 94  ? -7.058  3.240   6.421   1.00 30.27  ? 94  VAL A C   1 
ATOM   747  O O   . VAL A 1 94  ? -7.027  3.164   7.647   1.00 32.94  ? 94  VAL A O   1 
ATOM   748  C CB  . VAL A 1 94  ? -9.362  3.700   5.608   1.00 29.56  ? 94  VAL A CB  1 
ATOM   749  C CG1 . VAL A 1 94  ? -8.827  5.030   5.126   1.00 34.40  ? 94  VAL A CG1 1 
ATOM   750  C CG2 . VAL A 1 94  ? -10.459 3.226   4.686   1.00 30.17  ? 94  VAL A CG2 1 
ATOM   751  N N   . CYS A 1 95  ? -6.088  3.801   5.711   1.00 30.69  ? 95  CYS A N   1 
ATOM   752  C CA  . CYS A 1 95  ? -4.918  4.342   6.368   1.00 31.56  ? 95  CYS A CA  1 
ATOM   753  C C   . CYS A 1 95  ? -4.598  5.759   5.976   1.00 32.99  ? 95  CYS A C   1 
ATOM   754  O O   . CYS A 1 95  ? -4.394  6.066   4.810   1.00 33.65  ? 95  CYS A O   1 
ATOM   755  C CB  . CYS A 1 95  ? -3.721  3.450   6.117   1.00 29.83  ? 95  CYS A CB  1 
ATOM   756  S SG  . CYS A 1 95  ? -2.188  3.982   6.901   1.00 28.84  ? 95  CYS A SG  1 
ATOM   757  N N   . GLU A 1 96  ? -4.616  6.629   6.976   1.00 36.24  ? 96  GLU A N   1 
ATOM   758  C CA  . GLU A 1 96  ? -4.299  8.039   6.810   1.00 38.49  ? 96  GLU A CA  1 
ATOM   759  C C   . GLU A 1 96  ? -2.824  8.225   7.134   1.00 34.89  ? 96  GLU A C   1 
ATOM   760  O O   . GLU A 1 96  ? -2.329  7.710   8.129   1.00 33.30  ? 96  GLU A O   1 
ATOM   761  C CB  . GLU A 1 96  ? -5.132  8.870   7.776   1.00 47.34  ? 96  GLU A CB  1 
ATOM   762  C CG  . GLU A 1 96  ? -6.596  8.972   7.398   1.00 62.90  ? 96  GLU A CG  1 
ATOM   763  C CD  . GLU A 1 96  ? -6.818  9.692   6.062   1.00 72.49  ? 96  GLU A CD  1 
ATOM   764  O OE1 . GLU A 1 96  ? -5.985  10.561  5.679   1.00 76.64  ? 96  GLU A OE1 1 
ATOM   765  O OE2 . GLU A 1 96  ? -7.838  9.386   5.392   1.00 78.53  ? 96  GLU A OE2 1 
ATOM   766  N N   . GLN A 1 97  ? -2.107  8.944   6.290   1.00 34.13  ? 97  GLN A N   1 
ATOM   767  C CA  . GLN A 1 97  ? -0.699  9.146   6.556   1.00 36.91  ? 97  GLN A CA  1 
ATOM   768  C C   . GLN A 1 97  ? -0.361  10.611  6.777   1.00 39.12  ? 97  GLN A C   1 
ATOM   769  O O   . GLN A 1 97  ? -0.913  11.505  6.127   1.00 39.63  ? 97  GLN A O   1 
ATOM   770  C CB  . GLN A 1 97  ? 0.151   8.561   5.428   1.00 33.26  ? 97  GLN A CB  1 
ATOM   771  C CG  . GLN A 1 97  ? 0.077   7.056   5.315   1.00 29.39  ? 97  GLN A CG  1 
ATOM   772  C CD  . GLN A 1 97  ? 0.805   6.550   4.111   1.00 26.17  ? 97  GLN A CD  1 
ATOM   773  O OE1 . GLN A 1 97  ? 0.841   7.209   3.083   1.00 28.82  ? 97  GLN A OE1 1 
ATOM   774  N NE2 . GLN A 1 97  ? 1.415   5.393   4.234   1.00 24.72  ? 97  GLN A NE2 1 
ATOM   775  N N   . LYS A 1 98  ? 0.521   10.846  7.739   1.00 43.24  ? 98  LYS A N   1 
ATOM   776  C CA  . LYS A 1 98  ? 0.960   12.201  8.042   1.00 46.96  ? 98  LYS A CA  1 
ATOM   777  C C   . LYS A 1 98  ? 2.491   12.225  8.119   1.00 44.76  ? 98  LYS A C   1 
ATOM   778  O O   . LYS A 1 98  ? 3.107   11.470  8.874   1.00 41.47  ? 98  LYS A O   1 
ATOM   779  C CB  . LYS A 1 98  ? 0.319   12.717  9.340   1.00 53.57  ? 98  LYS A CB  1 
ATOM   780  C CG  . LYS A 1 98  ? 0.487   14.221  9.516   1.00 64.65  ? 98  LYS A CG  1 
ATOM   781  C CD  . LYS A 1 98  ? -0.034  14.733  10.854  1.00 73.65  ? 98  LYS A CD  1 
ATOM   782  C CE  . LYS A 1 98  ? 0.495   16.149  11.130  1.00 76.90  ? 98  LYS A CE  1 
ATOM   783  N NZ  . LYS A 1 98  ? 0.116   16.664  12.482  1.00 80.10  ? 98  LYS A NZ  1 
ATOM   784  N N   . LEU A 1 99  ? 3.092   13.061  7.276   1.00 44.82  ? 99  LEU A N   1 
ATOM   785  C CA  . LEU A 1 99  ? 4.543   13.202  7.198   1.00 45.34  ? 99  LEU A CA  1 
ATOM   786  C C   . LEU A 1 99  ? 5.182   13.695  8.483   1.00 46.68  ? 99  LEU A C   1 
ATOM   787  O O   . LEU A 1 99  ? 4.772   14.721  9.033   1.00 46.47  ? 99  LEU A O   1 
ATOM   788  C CB  . LEU A 1 99  ? 4.916   14.169  6.072   1.00 45.13  ? 99  LEU A CB  1 
ATOM   789  C CG  . LEU A 1 99  ? 5.001   13.676  4.631   1.00 42.11  ? 99  LEU A CG  1 
ATOM   790  C CD1 . LEU A 1 99  ? 5.236   14.868  3.738   1.00 37.44  ? 99  LEU A CD1 1 
ATOM   791  C CD2 . LEU A 1 99  ? 6.118   12.640  4.491   1.00 40.03  ? 99  LEU A CD2 1 
ATOM   792  N N   . LEU A 1 100 ? 6.201   12.976  8.944   1.00 49.50  ? 100 LEU A N   1 
ATOM   793  C CA  . LEU A 1 100 ? 6.919   13.372  10.151  1.00 54.00  ? 100 LEU A CA  1 
ATOM   794  C C   . LEU A 1 100 ? 7.504   14.763  9.920   1.00 58.72  ? 100 LEU A C   1 
ATOM   795  O O   . LEU A 1 100 ? 7.180   15.719  10.634  1.00 61.76  ? 100 LEU A O   1 
ATOM   796  C CB  . LEU A 1 100 ? 8.058   12.394  10.466  1.00 51.46  ? 100 LEU A CB  1 
ATOM   797  C CG  . LEU A 1 100 ? 7.723   10.927  10.717  1.00 49.69  ? 100 LEU A CG  1 
ATOM   798  C CD1 . LEU A 1 100 ? 8.823   10.241  11.532  1.00 46.06  ? 100 LEU A CD1 1 
ATOM   799  C CD2 . LEU A 1 100 ? 6.428   10.873  11.465  1.00 52.15  ? 100 LEU A CD2 1 
ATOM   800  N N   . LYS A 1 101 ? 8.329   14.879  8.884   1.00 62.35  ? 101 LYS A N   1 
ATOM   801  C CA  . LYS A 1 101 ? 8.968   16.145  8.547   1.00 66.65  ? 101 LYS A CA  1 
ATOM   802  C C   . LYS A 1 101 ? 8.740   16.550  7.098   1.00 66.75  ? 101 LYS A C   1 
ATOM   803  O O   . LYS A 1 101 ? 8.651   15.704  6.204   1.00 67.50  ? 101 LYS A O   1 
ATOM   804  C CB  . LYS A 1 101 ? 10.475  16.075  8.844   1.00 69.53  ? 101 LYS A CB  1 
ATOM   805  C CG  . LYS A 1 101 ? 10.813  15.973  10.330  1.00 72.35  ? 101 LYS A CG  1 
ATOM   806  C CD  . LYS A 1 101 ? 12.240  15.514  10.559  1.00 73.69  ? 101 LYS A CD  1 
ATOM   807  C CE  . LYS A 1 101 ? 12.531  15.355  12.046  1.00 76.35  ? 101 LYS A CE  1 
ATOM   808  N NZ  . LYS A 1 101 ? 11.568  14.424  12.717  1.00 78.66  ? 101 LYS A NZ  1 
ATOM   809  N N   . GLY A 1 102 ? 8.646   17.858  6.884   1.00 68.08  ? 102 GLY A N   1 
ATOM   810  C CA  . GLY A 1 102 ? 8.437   18.397  5.555   1.00 68.99  ? 102 GLY A CA  1 
ATOM   811  C C   . GLY A 1 102 ? 7.000   18.496  5.085   1.00 68.99  ? 102 GLY A C   1 
ATOM   812  O O   . GLY A 1 102 ? 6.052   18.149  5.801   1.00 69.60  ? 102 GLY A O   1 
ATOM   813  N N   . GLU A 1 103 ? 6.851   19.043  3.885   1.00 69.54  ? 103 GLU A N   1 
ATOM   814  C CA  . GLU A 1 103 ? 5.553   19.202  3.249   1.00 70.39  ? 103 GLU A CA  1 
ATOM   815  C C   . GLU A 1 103 ? 5.471   18.193  2.120   1.00 66.27  ? 103 GLU A C   1 
ATOM   816  O O   . GLU A 1 103 ? 6.496   17.691  1.646   1.00 66.06  ? 103 GLU A O   1 
ATOM   817  C CB  . GLU A 1 103 ? 5.394   20.613  2.658   1.00 77.94  ? 103 GLU A CB  1 
ATOM   818  C CG  . GLU A 1 103 ? 5.482   21.774  3.653   1.00 89.01  ? 103 GLU A CG  1 
ATOM   819  C CD  . GLU A 1 103 ? 4.385   21.770  4.717   1.00 95.89  ? 103 GLU A CD  1 
ATOM   820  O OE1 . GLU A 1 103 ? 3.444   20.938  4.653   1.00 100.79 ? 103 GLU A OE1 1 
ATOM   821  O OE2 . GLU A 1 103 ? 4.474   22.620  5.632   1.00 100.24 ? 103 GLU A OE2 1 
ATOM   822  N N   . GLY A 1 104 ? 4.249   17.903  1.690   1.00 62.26  ? 104 GLY A N   1 
ATOM   823  C CA  . GLY A 1 104 ? 4.058   16.963  0.601   1.00 58.76  ? 104 GLY A CA  1 
ATOM   824  C C   . GLY A 1 104 ? 2.599   16.739  0.282   1.00 54.68  ? 104 GLY A C   1 
ATOM   825  O O   . GLY A 1 104 ? 1.730   17.274  0.973   1.00 54.17  ? 104 GLY A O   1 
ATOM   826  N N   . PRO A 1 105 ? 2.297   15.982  -0.785  1.00 51.97  ? 105 PRO A N   1 
ATOM   827  C CA  . PRO A 1 105 ? 0.904   15.711  -1.153  1.00 49.25  ? 105 PRO A CA  1 
ATOM   828  C C   . PRO A 1 105 ? 0.259   14.906  -0.026  1.00 47.72  ? 105 PRO A C   1 
ATOM   829  O O   . PRO A 1 105 ? 0.965   14.254  0.751   1.00 48.75  ? 105 PRO A O   1 
ATOM   830  C CB  . PRO A 1 105 ? 1.052   14.862  -2.420  1.00 49.63  ? 105 PRO A CB  1 
ATOM   831  C CG  . PRO A 1 105 ? 2.371   15.282  -2.984  1.00 50.01  ? 105 PRO A CG  1 
ATOM   832  C CD  . PRO A 1 105 ? 3.223   15.384  -1.757  1.00 51.09  ? 105 PRO A CD  1 
ATOM   833  N N   . LYS A 1 106 ? -1.066  14.988  0.106   1.00 46.02  ? 106 LYS A N   1 
ATOM   834  C CA  . LYS A 1 106 ? -1.765  14.228  1.144   1.00 43.36  ? 106 LYS A CA  1 
ATOM   835  C C   . LYS A 1 106 ? -1.858  12.796  0.650   1.00 38.92  ? 106 LYS A C   1 
ATOM   836  O O   . LYS A 1 106 ? -2.332  12.548  -0.459  1.00 33.92  ? 106 LYS A O   1 
ATOM   837  C CB  . LYS A 1 106 ? -3.177  14.766  1.392   1.00 49.59  ? 106 LYS A CB  1 
ATOM   838  C CG  . LYS A 1 106 ? -3.900  14.009  2.511   1.00 57.31  ? 106 LYS A CG  1 
ATOM   839  C CD  . LYS A 1 106 ? -5.393  14.307  2.551   1.00 62.78  ? 106 LYS A CD  1 
ATOM   840  C CE  . LYS A 1 106 ? -6.099  13.354  3.515   1.00 67.64  ? 106 LYS A CE  1 
ATOM   841  N NZ  . LYS A 1 106 ? -7.423  12.889  2.979   1.00 70.93  ? 106 LYS A NZ  1 
ATOM   842  N N   . THR A 1 107 ? -1.380  11.861  1.459   1.00 36.81  ? 107 THR A N   1 
ATOM   843  C CA  . THR A 1 107 ? -1.403  10.459  1.068   1.00 36.22  ? 107 THR A CA  1 
ATOM   844  C C   . THR A 1 107 ? -2.162  9.539   2.024   1.00 35.34  ? 107 THR A C   1 
ATOM   845  O O   . THR A 1 107 ? -2.419  9.887   3.184   1.00 34.98  ? 107 THR A O   1 
ATOM   846  C CB  . THR A 1 107 ? 0.041   9.878   0.853   1.00 34.87  ? 107 THR A CB  1 
ATOM   847  O OG1 . THR A 1 107 ? 0.825   10.054  2.034   1.00 36.41  ? 107 THR A OG1 1 
ATOM   848  C CG2 . THR A 1 107 ? 0.743   10.540  -0.316  1.00 31.89  ? 107 THR A CG2 1 
ATOM   849  N N   . SER A 1 108 ? -2.573  8.394   1.478   1.00 32.67  ? 108 SER A N   1 
ATOM   850  C CA  . SER A 1 108 ? -3.269  7.340   2.208   1.00 30.07  ? 108 SER A CA  1 
ATOM   851  C C   . SER A 1 108 ? -3.321  6.086   1.354   1.00 28.56  ? 108 SER A C   1 
ATOM   852  O O   . SER A 1 108 ? -2.909  6.065   0.192   1.00 27.22  ? 108 SER A O   1 
ATOM   853  C CB  . SER A 1 108 ? -4.702  7.752   2.576   1.00 28.79  ? 108 SER A CB  1 
ATOM   854  O OG  . SER A 1 108 ? -5.464  8.054   1.431   1.00 32.78  ? 108 SER A OG  1 
ATOM   855  N N   . TRP A 1 109 ? -3.779  5.014   1.970   1.00 28.30  ? 109 TRP A N   1 
ATOM   856  C CA  . TRP A 1 109 ? -3.951  3.770   1.269   1.00 27.60  ? 109 TRP A CA  1 
ATOM   857  C C   . TRP A 1 109 ? -5.046  2.976   1.976   1.00 28.05  ? 109 TRP A C   1 
ATOM   858  O O   . TRP A 1 109 ? -5.303  3.184   3.167   1.00 24.25  ? 109 TRP A O   1 
ATOM   859  C CB  . TRP A 1 109 ? -2.636  2.995   1.199   1.00 25.62  ? 109 TRP A CB  1 
ATOM   860  C CG  . TRP A 1 109 ? -2.032  2.664   2.498   1.00 21.25  ? 109 TRP A CG  1 
ATOM   861  C CD1 . TRP A 1 109 ? -0.946  3.258   3.060   1.00 19.78  ? 109 TRP A CD1 1 
ATOM   862  C CD2 . TRP A 1 109 ? -2.420  1.605   3.384   1.00 22.30  ? 109 TRP A CD2 1 
ATOM   863  N NE1 . TRP A 1 109 ? -0.618  2.634   4.242   1.00 23.30  ? 109 TRP A NE1 1 
ATOM   864  C CE2 . TRP A 1 109 ? -1.504  1.609   4.465   1.00 23.41  ? 109 TRP A CE2 1 
ATOM   865  C CE3 . TRP A 1 109 ? -3.448  0.650   3.371   1.00 24.03  ? 109 TRP A CE3 1 
ATOM   866  C CZ2 . TRP A 1 109 ? -1.583  0.693   5.532   1.00 23.51  ? 109 TRP A CZ2 1 
ATOM   867  C CZ3 . TRP A 1 109 ? -3.534  -0.267  4.435   1.00 22.62  ? 109 TRP A CZ3 1 
ATOM   868  C CH2 . TRP A 1 109 ? -2.604  -0.237  5.495   1.00 23.22  ? 109 TRP A CH2 1 
ATOM   869  N N   . THR A 1 110 ? -5.737  2.147   1.196   1.00 26.61  ? 110 THR A N   1 
ATOM   870  C CA  . THR A 1 110 ? -6.801  1.291   1.681   1.00 25.02  ? 110 THR A CA  1 
ATOM   871  C C   . THR A 1 110 ? -6.561  -0.125  1.132   1.00 24.71  ? 110 THR A C   1 
ATOM   872  O O   . THR A 1 110 ? -5.938  -0.306  0.083   1.00 24.83  ? 110 THR A O   1 
ATOM   873  C CB  . THR A 1 110 ? -8.228  1.797   1.236   1.00 26.99  ? 110 THR A CB  1 
ATOM   874  O OG1 . THR A 1 110 ? -8.472  1.453   -0.131  1.00 26.46  ? 110 THR A OG1 1 
ATOM   875  C CG2 . THR A 1 110 ? -8.354  3.321   1.358   1.00 25.37  ? 110 THR A CG2 1 
ATOM   876  N N   . ARG A 1 111 ? -6.963  -1.125  1.902   1.00 24.52  ? 111 ARG A N   1 
ATOM   877  C CA  . ARG A 1 111 ? -6.862  -2.514  1.490   1.00 23.12  ? 111 ARG A CA  1 
ATOM   878  C C   . ARG A 1 111 ? -8.236  -3.114  1.758   1.00 25.33  ? 111 ARG A C   1 
ATOM   879  O O   . ARG A 1 111 ? -8.829  -2.888  2.805   1.00 28.49  ? 111 ARG A O   1 
ATOM   880  C CB  . ARG A 1 111 ? -5.764  -3.243  2.246   1.00 19.43  ? 111 ARG A CB  1 
ATOM   881  C CG  . ARG A 1 111 ? -4.393  -3.003  1.633   1.00 17.63  ? 111 ARG A CG  1 
ATOM   882  C CD  . ARG A 1 111 ? -3.334  -3.823  2.319   1.00 14.43  ? 111 ARG A CD  1 
ATOM   883  N NE  . ARG A 1 111 ? -2.104  -3.749  1.550   1.00 16.35  ? 111 ARG A NE  1 
ATOM   884  C CZ  . ARG A 1 111 ? -1.102  -2.916  1.799   1.00 14.17  ? 111 ARG A CZ  1 
ATOM   885  N NH1 . ARG A 1 111 ? -1.148  -2.072  2.814   1.00 18.81  ? 111 ARG A NH1 1 
ATOM   886  N NH2 . ARG A 1 111 ? -0.075  -2.885  0.982   1.00 15.03  ? 111 ARG A NH2 1 
ATOM   887  N N   . GLU A 1 112 ? -8.760  -3.828  0.776   1.00 25.11  ? 112 GLU A N   1 
ATOM   888  C CA  . GLU A 1 112 ? -10.084 -4.397  0.864   1.00 24.71  ? 112 GLU A CA  1 
ATOM   889  C C   . GLU A 1 112 ? -10.082 -5.830  0.374   1.00 25.12  ? 112 GLU A C   1 
ATOM   890  O O   . GLU A 1 112 ? -9.418  -6.158  -0.597  1.00 26.92  ? 112 GLU A O   1 
ATOM   891  C CB  . GLU A 1 112 ? -11.012 -3.565  -0.013  1.00 22.43  ? 112 GLU A CB  1 
ATOM   892  C CG  . GLU A 1 112 ? -12.404 -4.112  -0.124  1.00 27.89  ? 112 GLU A CG  1 
ATOM   893  C CD  . GLU A 1 112 ? -13.321 -3.242  -0.965  1.00 29.90  ? 112 GLU A CD  1 
ATOM   894  O OE1 . GLU A 1 112 ? -12.893 -2.138  -1.352  1.00 33.88  ? 112 GLU A OE1 1 
ATOM   895  O OE2 . GLU A 1 112 ? -14.473 -3.657  -1.241  1.00 36.65  ? 112 GLU A OE2 1 
ATOM   896  N N   . LEU A 1 113 ? -10.851 -6.678  1.031   1.00 24.77  ? 113 LEU A N   1 
ATOM   897  C CA  . LEU A 1 113 ? -10.952 -8.072  0.642   1.00 22.87  ? 113 LEU A CA  1 
ATOM   898  C C   . LEU A 1 113 ? -12.342 -8.241  0.007   1.00 22.28  ? 113 LEU A C   1 
ATOM   899  O O   . LEU A 1 113 ? -13.332 -7.899  0.626   1.00 25.39  ? 113 LEU A O   1 
ATOM   900  C CB  . LEU A 1 113 ? -10.826 -8.923  1.884   1.00 19.97  ? 113 LEU A CB  1 
ATOM   901  C CG  . LEU A 1 113 ? -10.187 -10.283 1.719   1.00 25.22  ? 113 LEU A CG  1 
ATOM   902  C CD1 . LEU A 1 113 ? -8.767  -10.176 1.163   1.00 23.83  ? 113 LEU A CD1 1 
ATOM   903  C CD2 . LEU A 1 113 ? -10.185 -10.929 3.087   1.00 25.25  ? 113 LEU A CD2 1 
ATOM   904  N N   . THR A 1 114 ? -12.417 -8.665  -1.255  1.00 22.86  ? 114 THR A N   1 
ATOM   905  C CA  . THR A 1 114 ? -13.712 -8.849  -1.913  1.00 20.47  ? 114 THR A CA  1 
ATOM   906  C C   . THR A 1 114 ? -14.299 -10.216 -1.582  1.00 22.53  ? 114 THR A C   1 
ATOM   907  O O   . THR A 1 114 ? -13.652 -11.030 -0.935  1.00 24.06  ? 114 THR A O   1 
ATOM   908  C CB  . THR A 1 114 ? -13.599 -8.748  -3.422  1.00 14.26  ? 114 THR A CB  1 
ATOM   909  O OG1 . THR A 1 114 ? -12.953 -9.917  -3.905  1.00 15.45  ? 114 THR A OG1 1 
ATOM   910  C CG2 . THR A 1 114 ? -12.819 -7.527  -3.823  1.00 12.12  ? 114 THR A CG2 1 
ATOM   911  N N   . ASN A 1 115 ? -15.519 -10.479 -2.044  1.00 24.53  ? 115 ASN A N   1 
ATOM   912  C CA  . ASN A 1 115 ? -16.160 -11.771 -1.775  1.00 24.78  ? 115 ASN A CA  1 
ATOM   913  C C   . ASN A 1 115 ? -15.793 -12.822 -2.825  1.00 23.65  ? 115 ASN A C   1 
ATOM   914  O O   . ASN A 1 115 ? -16.172 -13.990 -2.716  1.00 23.45  ? 115 ASN A O   1 
ATOM   915  C CB  . ASN A 1 115 ? -17.686 -11.611 -1.678  1.00 28.10  ? 115 ASN A CB  1 
ATOM   916  C CG  . ASN A 1 115 ? -18.327 -11.258 -3.009  1.00 33.03  ? 115 ASN A CG  1 
ATOM   917  O OD1 . ASN A 1 115 ? -17.733 -10.569 -3.832  1.00 35.45  ? 115 ASN A OD1 1 
ATOM   918  N ND2 . ASN A 1 115 ? -19.550 -11.734 -3.223  1.00 37.96  ? 115 ASN A ND2 1 
ATOM   919  N N   . ASP A 1 116 ? -15.025 -12.403 -3.826  1.00 22.18  ? 116 ASP A N   1 
ATOM   920  C CA  . ASP A 1 116 ? -14.615 -13.308 -4.877  1.00 19.41  ? 116 ASP A CA  1 
ATOM   921  C C   . ASP A 1 116 ? -13.110 -13.615 -4.935  1.00 18.92  ? 116 ASP A C   1 
ATOM   922  O O   . ASP A 1 116 ? -12.567 -13.924 -5.988  1.00 19.75  ? 116 ASP A O   1 
ATOM   923  C CB  . ASP A 1 116 ? -15.170 -12.850 -6.240  1.00 16.55  ? 116 ASP A CB  1 
ATOM   924  C CG  . ASP A 1 116 ? -14.547 -11.556 -6.741  1.00 16.63  ? 116 ASP A CG  1 
ATOM   925  O OD1 . ASP A 1 116 ? -14.004 -10.760 -5.956  1.00 16.61  ? 116 ASP A OD1 1 
ATOM   926  O OD2 . ASP A 1 116 ? -14.653 -11.315 -7.946  1.00 12.46  ? 116 ASP A OD2 1 
ATOM   927  N N   . GLY A 1 117 ? -12.429 -13.508 -3.807  1.00 16.85  ? 117 GLY A N   1 
ATOM   928  C CA  . GLY A 1 117 ? -11.026 -13.877 -3.788  1.00 16.39  ? 117 GLY A CA  1 
ATOM   929  C C   . GLY A 1 117 ? -9.988  -12.897 -4.274  1.00 17.98  ? 117 GLY A C   1 
ATOM   930  O O   . GLY A 1 117 ? -8.942  -13.326 -4.761  1.00 16.78  ? 117 GLY A O   1 
ATOM   931  N N   . GLU A 1 118 ? -10.287 -11.603 -4.170  1.00 17.29  ? 118 GLU A N   1 
ATOM   932  C CA  . GLU A 1 118 ? -9.365  -10.544 -4.569  1.00 17.53  ? 118 GLU A CA  1 
ATOM   933  C C   . GLU A 1 118 ? -9.037  -9.646  -3.387  1.00 17.04  ? 118 GLU A C   1 
ATOM   934  O O   . GLU A 1 118 ? -9.790  -9.578  -2.424  1.00 17.24  ? 118 GLU A O   1 
ATOM   935  C CB  . GLU A 1 118 ? -9.978  -9.657  -5.648  1.00 15.80  ? 118 GLU A CB  1 
ATOM   936  C CG  . GLU A 1 118 ? -10.158 -10.311 -6.994  1.00 16.35  ? 118 GLU A CG  1 
ATOM   937  C CD  . GLU A 1 118 ? -10.941 -9.434  -7.961  1.00 19.46  ? 118 GLU A CD  1 
ATOM   938  O OE1 . GLU A 1 118 ? -11.515 -8.400  -7.540  1.00 18.29  ? 118 GLU A OE1 1 
ATOM   939  O OE2 . GLU A 1 118 ? -10.980 -9.785  -9.152  1.00 22.71  ? 118 GLU A OE2 1 
ATOM   940  N N   . LEU A 1 119 ? -7.892  -8.979  -3.467  1.00 18.11  ? 119 LEU A N   1 
ATOM   941  C CA  . LEU A 1 119 ? -7.457  -8.015  -2.468  1.00 17.49  ? 119 LEU A CA  1 
ATOM   942  C C   . LEU A 1 119 ? -7.273  -6.743  -3.291  1.00 18.84  ? 119 LEU A C   1 
ATOM   943  O O   . LEU A 1 119 ? -6.656  -6.781  -4.351  1.00 17.29  ? 119 LEU A O   1 
ATOM   944  C CB  . LEU A 1 119 ? -6.131  -8.433  -1.841  1.00 20.46  ? 119 LEU A CB  1 
ATOM   945  C CG  . LEU A 1 119 ? -5.383  -7.406  -0.986  1.00 20.41  ? 119 LEU A CG  1 
ATOM   946  C CD1 . LEU A 1 119 ? -6.202  -7.000  0.211   1.00 18.98  ? 119 LEU A CD1 1 
ATOM   947  C CD2 . LEU A 1 119 ? -4.074  -8.024  -0.552  1.00 20.93  ? 119 LEU A CD2 1 
ATOM   948  N N   . ILE A 1 120 ? -7.882  -5.642  -2.866  1.00 18.40  ? 120 ILE A N   1 
ATOM   949  C CA  . ILE A 1 120 ? -7.751  -4.399  -3.606  1.00 18.62  ? 120 ILE A CA  1 
ATOM   950  C C   . ILE A 1 120 ? -6.979  -3.417  -2.747  1.00 20.69  ? 120 ILE A C   1 
ATOM   951  O O   . ILE A 1 120 ? -7.314  -3.193  -1.590  1.00 20.18  ? 120 ILE A O   1 
ATOM   952  C CB  . ILE A 1 120 ? -9.123  -3.758  -3.955  1.00 15.55  ? 120 ILE A CB  1 
ATOM   953  C CG1 . ILE A 1 120 ? -10.046 -4.783  -4.591  1.00 13.71  ? 120 ILE A CG1 1 
ATOM   954  C CG2 . ILE A 1 120 ? -8.943  -2.616  -4.935  1.00 13.68  ? 120 ILE A CG2 1 
ATOM   955  C CD1 . ILE A 1 120 ? -11.375 -4.230  -4.870  1.00 14.27  ? 120 ILE A CD1 1 
ATOM   956  N N   . LEU A 1 121 ? -5.942  -2.838  -3.342  1.00 21.44  ? 121 LEU A N   1 
ATOM   957  C CA  . LEU A 1 121 ? -5.096  -1.851  -2.702  1.00 18.69  ? 121 LEU A CA  1 
ATOM   958  C C   . LEU A 1 121 ? -5.291  -0.548  -3.449  1.00 17.50  ? 121 LEU A C   1 
ATOM   959  O O   . LEU A 1 121 ? -5.215  -0.513  -4.662  1.00 17.56  ? 121 LEU A O   1 
ATOM   960  C CB  . LEU A 1 121 ? -3.613  -2.268  -2.811  1.00 18.19  ? 121 LEU A CB  1 
ATOM   961  C CG  . LEU A 1 121 ? -2.538  -1.194  -2.532  1.00 16.93  ? 121 LEU A CG  1 
ATOM   962  C CD1 . LEU A 1 121 ? -2.559  -0.810  -1.069  1.00 10.76  ? 121 LEU A CD1 1 
ATOM   963  C CD2 . LEU A 1 121 ? -1.139  -1.655  -2.943  1.00 11.10  ? 121 LEU A CD2 1 
ATOM   964  N N   . THR A 1 122 ? -5.650  0.515   -2.749  1.00 20.54  ? 122 THR A N   1 
ATOM   965  C CA  . THR A 1 122 ? -5.719  1.799   -3.439  1.00 20.74  ? 122 THR A CA  1 
ATOM   966  C C   . THR A 1 122 ? -4.706  2.652   -2.718  1.00 19.22  ? 122 THR A C   1 
ATOM   967  O O   . THR A 1 122 ? -4.456  2.443   -1.535  1.00 18.76  ? 122 THR A O   1 
ATOM   968  C CB  . THR A 1 122 ? -7.090  2.488   -3.393  1.00 21.07  ? 122 THR A CB  1 
ATOM   969  O OG1 . THR A 1 122 ? -7.302  3.053   -2.096  1.00 24.24  ? 122 THR A OG1 1 
ATOM   970  C CG2 . THR A 1 122 ? -8.192  1.508   -3.746  1.00 18.77  ? 122 THR A CG2 1 
ATOM   971  N N   . MET A 1 123 ? -4.049  3.536   -3.454  1.00 19.75  ? 123 MET A N   1 
ATOM   972  C CA  . MET A 1 123 ? -3.064  4.430   -2.874  1.00 21.80  ? 123 MET A CA  1 
ATOM   973  C C   . MET A 1 123 ? -3.407  5.786   -3.432  1.00 23.94  ? 123 MET A C   1 
ATOM   974  O O   . MET A 1 123 ? -3.617  5.917   -4.636  1.00 25.61  ? 123 MET A O   1 
ATOM   975  C CB  . MET A 1 123 ? -1.640  4.039   -3.280  1.00 22.75  ? 123 MET A CB  1 
ATOM   976  C CG  . MET A 1 123 ? -1.162  2.733   -2.712  1.00 26.13  ? 123 MET A CG  1 
ATOM   977  S SD  . MET A 1 123 ? 0.519   2.317   -3.162  1.00 26.77  ? 123 MET A SD  1 
ATOM   978  C CE  . MET A 1 123 ? 0.309   1.863   -4.850  1.00 22.10  ? 123 MET A CE  1 
ATOM   979  N N   . THR A 1 124 ? -3.488  6.791   -2.560  1.00 27.40  ? 124 THR A N   1 
ATOM   980  C CA  . THR A 1 124 ? -3.821  8.150   -3.002  1.00 30.08  ? 124 THR A CA  1 
ATOM   981  C C   . THR A 1 124 ? -2.732  9.179   -2.689  1.00 28.94  ? 124 THR A C   1 
ATOM   982  O O   . THR A 1 124 ? -2.069  9.118   -1.657  1.00 31.19  ? 124 THR A O   1 
ATOM   983  C CB  . THR A 1 124 ? -5.155  8.627   -2.383  1.00 29.59  ? 124 THR A CB  1 
ATOM   984  O OG1 . THR A 1 124 ? -6.113  7.570   -2.433  1.00 29.79  ? 124 THR A OG1 1 
ATOM   985  C CG2 . THR A 1 124 ? -5.710  9.791   -3.178  1.00 30.87  ? 124 THR A CG2 1 
ATOM   986  N N   . ALA A 1 125 ? -2.498  10.072  -3.635  1.00 28.13  ? 125 ALA A N   1 
ATOM   987  C CA  . ALA A 1 125 ? -1.527  11.143  -3.467  1.00 29.73  ? 125 ALA A CA  1 
ATOM   988  C C   . ALA A 1 125 ? -2.332  12.319  -3.982  1.00 33.20  ? 125 ALA A C   1 
ATOM   989  O O   . ALA A 1 125 ? -2.523  12.472  -5.199  1.00 32.25  ? 125 ALA A O   1 
ATOM   990  C CB  . ALA A 1 125 ? -0.309  10.917  -4.317  1.00 27.03  ? 125 ALA A CB  1 
ATOM   991  N N   . ASP A 1 126 ? -2.891  13.068  -3.026  1.00 35.12  ? 126 ASP A N   1 
ATOM   992  C CA  . ASP A 1 126 ? -3.740  14.227  -3.274  1.00 34.92  ? 126 ASP A CA  1 
ATOM   993  C C   . ASP A 1 126 ? -5.008  13.775  -3.968  1.00 36.81  ? 126 ASP A C   1 
ATOM   994  O O   . ASP A 1 126 ? -5.890  13.208  -3.324  1.00 38.66  ? 126 ASP A O   1 
ATOM   995  C CB  . ASP A 1 126 ? -3.023  15.326  -4.064  1.00 34.70  ? 126 ASP A CB  1 
ATOM   996  C CG  . ASP A 1 126 ? -2.195  16.249  -3.173  1.00 37.67  ? 126 ASP A CG  1 
ATOM   997  O OD1 . ASP A 1 126 ? -2.549  16.446  -1.992  1.00 37.75  ? 126 ASP A OD1 1 
ATOM   998  O OD2 . ASP A 1 126 ? -1.172  16.777  -3.658  1.00 43.22  ? 126 ASP A OD2 1 
ATOM   999  N N   . ASP A 1 127 ? -5.105  13.985  -5.273  1.00 37.32  ? 127 ASP A N   1 
ATOM   1000 C CA  . ASP A 1 127 ? -6.304  13.568  -5.966  1.00 40.45  ? 127 ASP A CA  1 
ATOM   1001 C C   . ASP A 1 127 ? -6.086  12.446  -6.966  1.00 38.74  ? 127 ASP A C   1 
ATOM   1002 O O   . ASP A 1 127 ? -6.949  12.166  -7.794  1.00 41.10  ? 127 ASP A O   1 
ATOM   1003 C CB  . ASP A 1 127 ? -7.037  14.769  -6.594  1.00 49.27  ? 127 ASP A CB  1 
ATOM   1004 C CG  . ASP A 1 127 ? -6.102  15.731  -7.314  1.00 56.63  ? 127 ASP A CG  1 
ATOM   1005 O OD1 . ASP A 1 127 ? -5.408  15.291  -8.262  1.00 60.41  ? 127 ASP A OD1 1 
ATOM   1006 O OD2 . ASP A 1 127 ? -6.091  16.939  -6.940  1.00 61.45  ? 127 ASP A OD2 1 
ATOM   1007 N N   . VAL A 1 128 ? -4.923  11.807  -6.894  1.00 35.08  ? 128 VAL A N   1 
ATOM   1008 C CA  . VAL A 1 128 ? -4.622  10.687  -7.771  1.00 29.77  ? 128 VAL A CA  1 
ATOM   1009 C C   . VAL A 1 128 ? -4.733  9.405   -6.972  1.00 27.43  ? 128 VAL A C   1 
ATOM   1010 O O   . VAL A 1 128 ? -4.198  9.287   -5.866  1.00 27.44  ? 128 VAL A O   1 
ATOM   1011 C CB  . VAL A 1 128 ? -3.241  10.795  -8.397  1.00 30.66  ? 128 VAL A CB  1 
ATOM   1012 C CG1 . VAL A 1 128 ? -2.869  9.492   -9.057  1.00 28.59  ? 128 VAL A CG1 1 
ATOM   1013 C CG2 . VAL A 1 128 ? -3.245  11.903  -9.435  1.00 32.68  ? 128 VAL A CG2 1 
ATOM   1014 N N   . VAL A 1 129 ? -5.519  8.484   -7.510  1.00 27.19  ? 129 VAL A N   1 
ATOM   1015 C CA  . VAL A 1 129 ? -5.748  7.195   -6.882  1.00 25.95  ? 129 VAL A CA  1 
ATOM   1016 C C   . VAL A 1 129 ? -5.211  6.078   -7.767  1.00 24.20  ? 129 VAL A C   1 
ATOM   1017 O O   . VAL A 1 129 ? -5.535  5.986   -8.946  1.00 25.09  ? 129 VAL A O   1 
ATOM   1018 C CB  . VAL A 1 129 ? -7.264  6.948   -6.628  1.00 27.53  ? 129 VAL A CB  1 
ATOM   1019 C CG1 . VAL A 1 129 ? -7.490  5.532   -6.096  1.00 27.65  ? 129 VAL A CG1 1 
ATOM   1020 C CG2 . VAL A 1 129 ? -7.803  7.949   -5.627  1.00 26.45  ? 129 VAL A CG2 1 
ATOM   1021 N N   . CYS A 1 130 ? -4.317  5.285   -7.216  1.00 21.87  ? 130 CYS A N   1 
ATOM   1022 C CA  . CYS A 1 130 ? -3.784  4.153   -7.933  1.00 20.92  ? 130 CYS A CA  1 
ATOM   1023 C C   . CYS A 1 130 ? -4.535  2.934   -7.348  1.00 21.68  ? 130 CYS A C   1 
ATOM   1024 O O   . CYS A 1 130 ? -4.732  2.846   -6.128  1.00 20.96  ? 130 CYS A O   1 
ATOM   1025 C CB  . CYS A 1 130 ? -2.269  4.067   -7.692  1.00 20.08  ? 130 CYS A CB  1 
ATOM   1026 S SG  . CYS A 1 130 ? -1.543  2.468   -8.023  1.00 20.08  ? 130 CYS A SG  1 
ATOM   1027 N N   . THR A 1 131 ? -5.045  2.059   -8.217  1.00 20.79  ? 131 THR A N   1 
ATOM   1028 C CA  . THR A 1 131 ? -5.765  0.851   -7.789  1.00 19.45  ? 131 THR A CA  1 
ATOM   1029 C C   . THR A 1 131 ? -5.006  -0.360  -8.297  1.00 20.71  ? 131 THR A C   1 
ATOM   1030 O O   . THR A 1 131 ? -4.668  -0.445  -9.482  1.00 20.55  ? 131 THR A O   1 
ATOM   1031 C CB  . THR A 1 131 ? -7.190  0.773   -8.367  1.00 15.76  ? 131 THR A CB  1 
ATOM   1032 O OG1 . THR A 1 131 ? -7.921  1.922   -7.960  1.00 22.66  ? 131 THR A OG1 1 
ATOM   1033 C CG2 . THR A 1 131 ? -7.913  -0.460  -7.878  1.00 15.22  ? 131 THR A CG2 1 
ATOM   1034 N N   . ARG A 1 132 ? -4.751  -1.297  -7.389  1.00 19.11  ? 132 ARG A N   1 
ATOM   1035 C CA  . ARG A 1 132 ? -4.031  -2.514  -7.713  1.00 17.25  ? 132 ARG A CA  1 
ATOM   1036 C C   . ARG A 1 132 ? -4.836  -3.699  -7.178  1.00 17.93  ? 132 ARG A C   1 
ATOM   1037 O O   . ARG A 1 132 ? -5.220  -3.722  -6.016  1.00 19.46  ? 132 ARG A O   1 
ATOM   1038 C CB  . ARG A 1 132 ? -2.621  -2.436  -7.118  1.00 14.63  ? 132 ARG A CB  1 
ATOM   1039 C CG  . ARG A 1 132 ? -1.781  -1.370  -7.782  1.00 17.15  ? 132 ARG A CG  1 
ATOM   1040 C CD  . ARG A 1 132 ? -0.499  -1.086  -7.053  1.00 19.10  ? 132 ARG A CD  1 
ATOM   1041 N NE  . ARG A 1 132 ? 0.438   -2.200  -7.077  1.00 19.68  ? 132 ARG A NE  1 
ATOM   1042 C CZ  . ARG A 1 132 ? 1.235   -2.495  -8.095  1.00 18.55  ? 132 ARG A CZ  1 
ATOM   1043 N NH1 . ARG A 1 132 ? 1.209   -1.776  -9.203  1.00 15.94  ? 132 ARG A NH1 1 
ATOM   1044 N NH2 . ARG A 1 132 ? 2.124   -3.468  -7.964  1.00 16.56  ? 132 ARG A NH2 1 
ATOM   1045 N N   . VAL A 1 133 ? -5.095  -4.684  -8.027  1.00 17.71  ? 133 VAL A N   1 
ATOM   1046 C CA  . VAL A 1 133 ? -5.898  -5.835  -7.641  1.00 15.32  ? 133 VAL A CA  1 
ATOM   1047 C C   . VAL A 1 133 ? -5.050  -7.102  -7.646  1.00 16.92  ? 133 VAL A C   1 
ATOM   1048 O O   . VAL A 1 133 ? -4.268  -7.326  -8.573  1.00 17.02  ? 133 VAL A O   1 
ATOM   1049 C CB  . VAL A 1 133 ? -7.108  -5.958  -8.595  1.00 13.65  ? 133 VAL A CB  1 
ATOM   1050 C CG1 . VAL A 1 133 ? -8.017  -7.069  -8.162  1.00 12.99  ? 133 VAL A CG1 1 
ATOM   1051 C CG2 . VAL A 1 133 ? -7.865  -4.635  -8.644  1.00 10.36  ? 133 VAL A CG2 1 
ATOM   1052 N N   . TYR A 1 134 ? -5.189  -7.897  -6.579  1.00 17.32  ? 134 TYR A N   1 
ATOM   1053 C CA  . TYR A 1 134 ? -4.434  -9.132  -6.384  1.00 15.13  ? 134 TYR A CA  1 
ATOM   1054 C C   . TYR A 1 134 ? -5.343  -10.333 -6.149  1.00 15.98  ? 134 TYR A C   1 
ATOM   1055 O O   . TYR A 1 134 ? -6.505  -10.186 -5.786  1.00 17.71  ? 134 TYR A O   1 
ATOM   1056 C CB  . TYR A 1 134 ? -3.545  -9.018  -5.138  1.00 14.24  ? 134 TYR A CB  1 
ATOM   1057 C CG  . TYR A 1 134 ? -2.681  -7.792  -5.054  1.00 15.94  ? 134 TYR A CG  1 
ATOM   1058 C CD1 . TYR A 1 134 ? -3.212  -6.577  -4.633  1.00 15.47  ? 134 TYR A CD1 1 
ATOM   1059 C CD2 . TYR A 1 134 ? -1.322  -7.843  -5.372  1.00 17.55  ? 134 TYR A CD2 1 
ATOM   1060 C CE1 . TYR A 1 134 ? -2.420  -5.432  -4.530  1.00 14.58  ? 134 TYR A CE1 1 
ATOM   1061 C CE2 . TYR A 1 134 ? -0.517  -6.702  -5.277  1.00 17.67  ? 134 TYR A CE2 1 
ATOM   1062 C CZ  . TYR A 1 134 ? -1.084  -5.502  -4.858  1.00 16.54  ? 134 TYR A CZ  1 
ATOM   1063 O OH  . TYR A 1 134 ? -0.326  -4.355  -4.814  1.00 18.82  ? 134 TYR A OH  1 
ATOM   1064 N N   . VAL A 1 135 ? -4.791  -11.530 -6.359  1.00 17.64  ? 135 VAL A N   1 
ATOM   1065 C CA  . VAL A 1 135 ? -5.486  -12.796 -6.103  1.00 16.32  ? 135 VAL A CA  1 
ATOM   1066 C C   . VAL A 1 135 ? -4.500  -13.687 -5.361  1.00 17.43  ? 135 VAL A C   1 
ATOM   1067 O O   . VAL A 1 135 ? -3.315  -13.389 -5.333  1.00 19.60  ? 135 VAL A O   1 
ATOM   1068 C CB  . VAL A 1 135 ? -5.976  -13.472 -7.377  1.00 13.57  ? 135 VAL A CB  1 
ATOM   1069 C CG1 . VAL A 1 135 ? -6.944  -12.561 -8.052  1.00 13.50  ? 135 VAL A CG1 1 
ATOM   1070 C CG2 . VAL A 1 135 ? -4.829  -13.801 -8.296  1.00 12.28  ? 135 VAL A CG2 1 
ATOM   1071 N N   . ARG A 1 136 ? -4.994  -14.714 -4.681  1.00 21.17  ? 136 ARG A N   1 
ATOM   1072 C CA  . ARG A 1 136 ? -4.125  -15.608 -3.929  1.00 23.92  ? 136 ARG A CA  1 
ATOM   1073 C C   . ARG A 1 136 ? -3.242  -16.390 -4.877  1.00 27.44  ? 136 ARG A C   1 
ATOM   1074 O O   . ARG A 1 136 ? -3.676  -16.835 -5.936  1.00 25.35  ? 136 ARG A O   1 
ATOM   1075 C CB  . ARG A 1 136 ? -4.933  -16.541 -3.036  1.00 25.10  ? 136 ARG A CB  1 
ATOM   1076 C CG  . ARG A 1 136 ? -5.731  -15.795 -2.007  1.00 27.11  ? 136 ARG A CG  1 
ATOM   1077 C CD  . ARG A 1 136 ? -6.066  -16.655 -0.822  1.00 29.75  ? 136 ARG A CD  1 
ATOM   1078 N NE  . ARG A 1 136 ? -6.205  -15.841 0.390   1.00 34.86  ? 136 ARG A NE  1 
ATOM   1079 C CZ  . ARG A 1 136 ? -7.272  -15.100 0.677   1.00 37.60  ? 136 ARG A CZ  1 
ATOM   1080 N NH1 . ARG A 1 136 ? -8.306  -15.060 -0.162  1.00 44.20  ? 136 ARG A NH1 1 
ATOM   1081 N NH2 . ARG A 1 136 ? -7.301  -14.378 1.792   1.00 38.09  ? 136 ARG A NH2 1 
ATOM   1082 N N   . GLU A 1 137 ? -1.976  -16.497 -4.502  1.00 32.29  ? 137 GLU A N   1 
ATOM   1083 C CA  . GLU A 1 137 ? -0.970  -17.167 -5.299  1.00 34.58  ? 137 GLU A CA  1 
ATOM   1084 C C   . GLU A 1 137 ? -1.058  -18.646 -5.048  1.00 34.95  ? 137 GLU A C   1 
ATOM   1085 O O   . GLU A 1 137 ? -1.147  -19.040 -3.870  1.00 34.15  ? 137 GLU A O   1 
ATOM   1086 C CB  . GLU A 1 137 ? 0.399   -16.628 -4.907  1.00 38.17  ? 137 GLU A CB  1 
ATOM   1087 C CG  . GLU A 1 137 ? 1.522   -16.893 -5.874  1.00 46.07  ? 137 GLU A CG  1 
ATOM   1088 C CD  . GLU A 1 137 ? 2.720   -16.002 -5.584  1.00 50.91  ? 137 GLU A CD  1 
ATOM   1089 O OE1 . GLU A 1 137 ? 3.176   -15.950 -4.415  1.00 53.34  ? 137 GLU A OE1 1 
ATOM   1090 O OE2 . GLU A 1 137 ? 3.191   -15.327 -6.526  1.00 57.03  ? 137 GLU A OE2 1 
ATOM   1091 O OXT . GLU A 1 137 ? -1.048  -19.383 -6.053  1.00 43.22  ? 137 GLU A OXT 1 
HETATM 1092 P P   . PO4 B 2 .   ? -16.299 -8.193  -8.459  0.33 50.17  ? 901 PO4 A P   1 
HETATM 1093 O O1  . PO4 B 2 .   ? -15.221 -8.887  -9.394  0.33 41.53  ? 901 PO4 A O1  1 
HETATM 1094 O O2  . PO4 B 2 .   ? -17.567 -9.086  -8.429  1.00 35.98  ? 901 PO4 A O2  1 
HETATM 1095 C C1  . RE9 C 3 .   ? 10.349  4.129   -5.344  1.00 21.33  ? 200 RE9 A C1  1 
HETATM 1096 C C2  . RE9 C 3 .   ? 11.557  4.523   -6.255  1.00 18.27  ? 200 RE9 A C2  1 
HETATM 1097 C C3  . RE9 C 3 .   ? 12.736  3.515   -6.127  1.00 16.86  ? 200 RE9 A C3  1 
HETATM 1098 C C4  . RE9 C 3 .   ? 12.361  2.107   -6.577  1.00 16.63  ? 200 RE9 A C4  1 
HETATM 1099 C C5  . RE9 C 3 .   ? 10.970  1.737   -6.055  1.00 20.12  ? 200 RE9 A C5  1 
HETATM 1100 C C6  . RE9 C 3 .   ? 10.426  0.392   -6.077  1.00 17.57  ? 200 RE9 A C6  1 
HETATM 1101 C C7  . RE9 C 3 .   ? 9.016   0.418   -5.451  1.00 18.11  ? 200 RE9 A C7  1 
HETATM 1102 C C8  . RE9 C 3 .   ? 8.776   1.919   -5.129  1.00 18.22  ? 200 RE9 A C8  1 
HETATM 1103 C C9  . RE9 C 3 .   ? 10.070  2.617   -5.516  1.00 19.66  ? 200 RE9 A C9  1 
HETATM 1104 C C10 . RE9 C 3 .   ? 7.991   -0.133  -6.499  1.00 16.09  ? 200 RE9 A C10 1 
HETATM 1105 C C11 . RE9 C 3 .   ? 6.660   -0.225  -5.796  1.00 19.78  ? 200 RE9 A C11 1 
HETATM 1106 C C12 . RE9 C 3 .   ? 5.980   -1.400  -5.674  1.00 19.60  ? 200 RE9 A C12 1 
HETATM 1107 C C13 . RE9 C 3 .   ? 4.634   -1.599  -5.100  1.00 19.95  ? 200 RE9 A C13 1 
HETATM 1108 C C14 . RE9 C 3 .   ? 4.171   -2.846  -5.093  1.00 20.43  ? 200 RE9 A C14 1 
HETATM 1109 C C15 . RE9 C 3 .   ? 2.885   -3.326  -4.610  1.00 23.19  ? 200 RE9 A C15 1 
HETATM 1110 C C16 . RE9 C 3 .   ? 9.127   4.937   -5.726  1.00 18.32  ? 200 RE9 A C16 1 
HETATM 1111 C C17 . RE9 C 3 .   ? 10.638  4.445   -3.873  1.00 19.61  ? 200 RE9 A C17 1 
HETATM 1112 C C18 . RE9 C 3 .   ? 11.041  -0.699  -6.577  1.00 19.44  ? 200 RE9 A C18 1 
HETATM 1113 C C19 . RE9 C 3 .   ? 8.844   -0.338  -4.144  1.00 17.50  ? 200 RE9 A C19 1 
HETATM 1114 C C20 . RE9 C 3 .   ? 3.892   -0.431  -4.597  1.00 20.33  ? 200 RE9 A C20 1 
HETATM 1115 O O1  . RE9 C 3 .   ? 2.429   -2.909  -3.531  1.00 24.07  ? 200 RE9 A O1  1 
HETATM 1116 O O2  . RE9 C 3 .   ? 2.270   -4.161  -5.303  1.00 27.41  ? 200 RE9 A O2  1 
HETATM 1117 O O   . HOH D 4 .   ? 2.099   6.888   0.480   1.00 25.01  ? 300 HOH A O   1 
HETATM 1118 O O   . HOH D 4 .   ? 3.093   -1.336  -1.254  1.00 30.50  ? 301 HOH A O   1 
HETATM 1119 O O   . HOH D 4 .   ? 6.416   -1.252  -0.920  1.00 27.39  ? 302 HOH A O   1 
HETATM 1120 O O   . HOH D 4 .   ? -1.432  -5.338  -1.074  1.00 16.87  ? 303 HOH A O   1 
HETATM 1121 O O   . HOH D 4 .   ? -9.205  -0.882  -1.238  1.00 27.04  ? 304 HOH A O   1 
HETATM 1122 O O   . HOH D 4 .   ? -17.020 -7.797  -2.850  1.00 40.12  ? 305 HOH A O   1 
HETATM 1123 O O   . HOH D 4 .   ? -6.402  -17.116 -6.806  1.00 25.47  ? 306 HOH A O   1 
HETATM 1124 O O   . HOH D 4 .   ? -3.486  -11.063 -15.315 1.00 47.19  ? 307 HOH A O   1 
HETATM 1125 O O   . HOH D 4 .   ? -3.474  -3.696  -15.304 1.00 28.86  ? 308 HOH A O   1 
HETATM 1126 O O   . HOH D 4 .   ? -0.315  1.073   -13.049 1.00 27.90  ? 309 HOH A O   1 
HETATM 1127 O O   . HOH D 4 .   ? 13.848  7.981   4.272   1.00 61.45  ? 310 HOH A O   1 
HETATM 1128 O O   . HOH D 4 .   ? -14.916 -3.753  12.586  1.00 50.53  ? 311 HOH A O   1 
HETATM 1129 O O   . HOH D 4 .   ? -13.804 -14.433 -0.818  1.00 48.89  ? 312 HOH A O   1 
HETATM 1130 O O   . HOH D 4 .   ? -7.818  -15.574 -5.006  1.00 19.63  ? 313 HOH A O   1 
HETATM 1131 O O   . HOH D 4 .   ? -7.801  -9.301  -15.249 1.00 27.62  ? 314 HOH A O   1 
HETATM 1132 O O   . HOH D 4 .   ? -6.095  -12.597 -14.166 1.00 46.94  ? 315 HOH A O   1 
HETATM 1133 O O   . HOH D 4 .   ? 2.657   -10.533 -8.724  1.00 38.31  ? 316 HOH A O   1 
HETATM 1134 O O   . HOH D 4 .   ? 9.316   -10.281 -6.312  1.00 51.85  ? 317 HOH A O   1 
HETATM 1135 O O   . HOH D 4 .   ? 10.069  -7.124  -9.098  1.00 32.93  ? 318 HOH A O   1 
HETATM 1136 O O   . HOH D 4 .   ? 12.837  11.352  -6.743  1.00 43.05  ? 319 HOH A O   1 
HETATM 1137 O O   . HOH D 4 .   ? 1.955   -5.838  -13.507 1.00 58.88  ? 320 HOH A O   1 
HETATM 1138 O O   . HOH D 4 .   ? 4.034   -1.354  -12.471 1.00 36.31  ? 321 HOH A O   1 
HETATM 1139 O O   . HOH D 4 .   ? 0.690   3.764   -14.946 1.00 55.55  ? 322 HOH A O   1 
HETATM 1140 O O   . HOH D 4 .   ? -2.934  3.373   -15.694 1.00 42.58  ? 323 HOH A O   1 
HETATM 1141 O O   . HOH D 4 .   ? -3.680  -0.920  -16.830 1.00 43.94  ? 324 HOH A O   1 
HETATM 1142 O O   . HOH D 4 .   ? -8.990  -17.379 -3.472  1.00 25.62  ? 325 HOH A O   1 
HETATM 1143 O O   . HOH D 4 .   ? -7.012  -1.682  -11.241 1.00 27.14  ? 326 HOH A O   1 
HETATM 1144 O O   . HOH D 4 .   ? -0.281  6.636   -0.944  1.00 35.19  ? 327 HOH A O   1 
HETATM 1145 O O   . HOH D 4 .   ? 2.713   3.260   2.377   1.00 50.81  ? 328 HOH A O   1 
HETATM 1146 O O   . HOH D 4 .   ? 8.060   2.499   -1.053  1.00 35.58  ? 329 HOH A O   1 
HETATM 1147 O O   . HOH D 4 .   ? 8.103   -3.427  -2.232  1.00 28.79  ? 330 HOH A O   1 
HETATM 1148 O O   . HOH D 4 .   ? 4.458   -3.700  2.747   1.00 26.61  ? 331 HOH A O   1 
HETATM 1149 O O   . HOH D 4 .   ? 1.111   -4.372  -1.278  1.00 24.06  ? 332 HOH A O   1 
HETATM 1150 O O   . HOH D 4 .   ? 13.965  4.977   1.968   1.00 45.17  ? 333 HOH A O   1 
HETATM 1151 O O   . HOH D 4 .   ? 17.813  -4.610  -3.357  1.00 35.90  ? 334 HOH A O   1 
HETATM 1152 O O   . HOH D 4 .   ? 14.394  -2.385  0.678   1.00 72.28  ? 335 HOH A O   1 
HETATM 1153 O O   . HOH D 4 .   ? 14.358  -6.802  -2.441  1.00 38.15  ? 336 HOH A O   1 
HETATM 1154 O O   . HOH D 4 .   ? 13.117  10.841  2.865   1.00 44.82  ? 337 HOH A O   1 
HETATM 1155 O O   . HOH D 4 .   ? 9.838   1.147   -16.360 1.00 29.88  ? 338 HOH A O   1 
HETATM 1156 O O   . HOH D 4 .   ? -13.259 -6.467  11.524  1.00 63.04  ? 339 HOH A O   1 
HETATM 1157 O O   . HOH D 4 .   ? -11.339 -0.357  -2.547  1.00 30.25  ? 340 HOH A O   1 
HETATM 1158 O O   . HOH D 4 .   ? -10.908 -12.330 -0.979  1.00 35.08  ? 341 HOH A O   1 
HETATM 1159 O O   . HOH D 4 .   ? -6.392  10.527  2.924   1.00 73.17  ? 342 HOH A O   1 
HETATM 1160 O O   . HOH D 4 .   ? 1.060   0.442   -0.004  1.00 64.42  ? 343 HOH A O   1 
HETATM 1161 O O   . HOH D 4 .   ? 0.155   12.471  -12.267 1.00 43.51  ? 344 HOH A O   1 
HETATM 1162 O O   . HOH D 4 .   ? -2.610  1.359   12.802  1.00 34.12  ? 345 HOH A O   1 
HETATM 1163 O O   . HOH D 4 .   ? -7.124  9.624   -10.216 1.00 51.60  ? 346 HOH A O   1 
HETATM 1164 O O   . HOH D 4 .   ? -18.342 -15.397 -1.477  1.00 52.07  ? 347 HOH A O   1 
HETATM 1165 O O   . HOH D 4 .   ? 1.988   -3.360  -11.923 1.00 48.90  ? 348 HOH A O   1 
HETATM 1166 O O   . HOH D 4 .   ? 4.529   -13.888 -1.336  1.00 54.17  ? 349 HOH A O   1 
HETATM 1167 O O   . HOH D 4 .   ? 6.500   -11.323 0.078   1.00 41.02  ? 350 HOH A O   1 
HETATM 1168 O O   . HOH D 4 .   ? -18.799 -10.441 -6.194  1.00 48.61  ? 351 HOH A O   1 
HETATM 1169 O O   . HOH D 4 .   ? -12.916 -10.442 -11.312 0.33 26.39  ? 900 HOH A O   1 
# 
